data_8BC4
#
_entry.id   8BC4
#
_cell.length_a   1.00
_cell.length_b   1.00
_cell.length_c   1.00
_cell.angle_alpha   90.00
_cell.angle_beta   90.00
_cell.angle_gamma   90.00
#
_symmetry.space_group_name_H-M   'P 1'
#
loop_
_entity.id
_entity.type
_entity.pdbx_description
1 polymer Transaldolase
2 non-polymer '(2~{R},3~{S},4~{S})-2,3,4,6-tetrakis(oxidanyl)hexane-1-sulfonic acid'
3 water water
#
_entity_poly.entity_id   1
_entity_poly.type   'polypeptide(L)'
_entity_poly.pdbx_seq_one_letter_code
;MKYFLDSAILEEIRYAYENWAIDGVTTNPRHIMNSGKPFLTVLDEFASEFKGVENFPISVEINPHLDNAKDMVEEGTKIA
KLSSNFVIKIPCTEPGLIAAKEFEKQGISTNVTLVFSPSQALQPARIGAKFVSPFVGWKENSGDDTTQYIQDIVNIYKNY
NYNTEIIVAALRNGKQIVDAAKAGAHIVTCGFDVYKESFQHAFTDYGLNKFRNAWDNTV
;
_entity_poly.pdbx_strand_id   A,B,C,D,E,F,G,H,I,J
#
loop_
_chem_comp.id
_chem_comp.type
_chem_comp.name
_chem_comp.formula
QC9 non-polymer '(2~{R},3~{S},4~{S})-2,3,4,6-tetrakis(oxidanyl)hexane-1-sulfonic acid' 'C6 H14 O7 S'
#
# COMPACT_ATOMS: atom_id res chain seq x y z
N MET A 1 -28.48 7.93 3.47
CA MET A 1 -28.40 7.07 2.25
C MET A 1 -29.81 6.89 1.69
N LYS A 2 -30.07 7.40 0.49
CA LYS A 2 -31.42 7.33 -0.13
C LYS A 2 -31.48 6.13 -1.07
N TYR A 3 -32.61 5.42 -1.11
CA TYR A 3 -32.84 4.27 -2.02
C TYR A 3 -33.97 4.66 -2.96
N PHE A 4 -33.72 5.01 -4.21
CA PHE A 4 -34.76 5.40 -5.18
C PHE A 4 -35.20 4.20 -6.03
N LEU A 5 -36.49 3.92 -6.16
CA LEU A 5 -36.98 2.80 -6.99
C LEU A 5 -36.92 3.16 -8.47
N ASP A 6 -36.14 2.44 -9.25
CA ASP A 6 -36.00 2.64 -10.72
C ASP A 6 -37.11 1.84 -11.41
N SER A 7 -38.31 2.37 -11.50
CA SER A 7 -39.46 1.63 -12.04
C SER A 7 -40.54 2.61 -12.44
N ALA A 8 -41.47 2.19 -13.27
CA ALA A 8 -42.62 3.01 -13.65
C ALA A 8 -43.85 2.15 -13.45
N ILE A 9 -43.78 1.16 -12.58
CA ILE A 9 -44.93 0.30 -12.21
C ILE A 9 -45.41 0.84 -10.86
N LEU A 10 -46.66 1.24 -10.71
CA LEU A 10 -47.12 1.85 -9.45
C LEU A 10 -47.20 0.77 -8.37
N GLU A 11 -47.81 -0.39 -8.65
CA GLU A 11 -47.99 -1.46 -7.65
C GLU A 11 -46.66 -1.70 -6.94
N GLU A 12 -45.54 -1.61 -7.63
CA GLU A 12 -44.21 -1.82 -7.04
C GLU A 12 -43.80 -0.59 -6.27
N ILE A 13 -44.10 0.58 -6.78
CA ILE A 13 -43.74 1.86 -6.13
C ILE A 13 -44.62 2.01 -4.88
N ARG A 14 -45.84 1.48 -4.92
CA ARG A 14 -46.76 1.50 -3.76
C ARG A 14 -46.11 0.67 -2.67
N TYR A 15 -45.86 -0.61 -2.92
CA TYR A 15 -45.22 -1.54 -1.96
C TYR A 15 -43.92 -0.92 -1.46
N ALA A 16 -42.93 -0.73 -2.29
CA ALA A 16 -41.61 -0.26 -1.86
C ALA A 16 -41.72 0.99 -1.01
N TYR A 17 -42.74 1.82 -1.18
CA TYR A 17 -42.87 3.09 -0.44
C TYR A 17 -43.45 2.76 0.93
N GLU A 18 -44.41 1.85 0.97
CA GLU A 18 -45.08 1.44 2.21
C GLU A 18 -44.26 0.40 3.01
N ASN A 19 -43.19 -0.20 2.48
CA ASN A 19 -42.52 -1.30 3.22
C ASN A 19 -41.00 -1.08 3.29
N TRP A 20 -40.41 -0.47 2.26
CA TRP A 20 -38.93 -0.33 2.24
C TRP A 20 -38.54 1.11 2.51
N ALA A 21 -39.51 2.02 2.48
CA ALA A 21 -39.25 3.45 2.67
C ALA A 21 -38.37 3.94 1.51
N ILE A 22 -38.86 3.88 0.27
CA ILE A 22 -38.13 4.42 -0.89
C ILE A 22 -38.17 5.94 -0.76
N ASP A 23 -37.11 6.63 -1.15
CA ASP A 23 -36.99 8.08 -0.98
C ASP A 23 -37.27 8.79 -2.31
N GLY A 24 -37.72 8.08 -3.34
CA GLY A 24 -38.05 8.68 -4.65
C GLY A 24 -38.01 7.71 -5.80
N VAL A 25 -38.76 7.94 -6.88
CA VAL A 25 -38.86 7.02 -8.04
C VAL A 25 -38.21 7.58 -9.29
N THR A 26 -37.06 7.06 -9.74
CA THR A 26 -36.45 7.45 -11.03
C THR A 26 -37.08 6.62 -12.15
N THR A 27 -37.07 7.10 -13.39
CA THR A 27 -37.65 6.41 -14.56
C THR A 27 -36.82 6.79 -15.79
N ASN A 28 -36.91 6.05 -16.88
CA ASN A 28 -36.22 6.35 -18.16
C ASN A 28 -37.12 5.90 -19.30
N PRO A 29 -36.91 6.36 -20.55
CA PRO A 29 -37.83 6.01 -21.63
C PRO A 29 -38.05 4.50 -21.76
N ARG A 30 -37.10 3.67 -21.32
CA ARG A 30 -37.19 2.19 -21.43
C ARG A 30 -38.07 1.64 -20.32
N HIS A 31 -38.08 2.25 -19.13
CA HIS A 31 -38.93 1.83 -17.99
C HIS A 31 -40.38 2.16 -18.29
N ILE A 32 -40.62 3.25 -19.02
CA ILE A 32 -42.00 3.70 -19.37
C ILE A 32 -42.50 2.81 -20.49
N MET A 33 -41.64 2.42 -21.43
CA MET A 33 -42.01 1.47 -22.51
C MET A 33 -42.41 0.15 -21.87
N ASN A 34 -41.65 -0.32 -20.88
CA ASN A 34 -41.92 -1.62 -20.24
C ASN A 34 -43.17 -1.51 -19.35
N SER A 35 -43.56 -0.29 -18.98
CA SER A 35 -44.79 -0.08 -18.17
C SER A 35 -46.00 -0.59 -18.96
N GLY A 36 -46.01 -0.41 -20.28
CA GLY A 36 -47.14 -0.81 -21.13
C GLY A 36 -48.20 0.28 -21.21
N LYS A 37 -48.07 1.33 -20.39
CA LYS A 37 -49.03 2.47 -20.38
C LYS A 37 -48.40 3.63 -21.16
N PRO A 38 -49.18 4.59 -21.69
CA PRO A 38 -48.61 5.73 -22.39
C PRO A 38 -47.85 6.62 -21.40
N PHE A 39 -46.84 7.36 -21.86
CA PHE A 39 -45.99 8.20 -20.98
C PHE A 39 -46.86 9.13 -20.13
N LEU A 40 -47.76 9.89 -20.74
CA LEU A 40 -48.59 10.89 -20.04
C LEU A 40 -49.44 10.19 -18.98
N THR A 41 -49.88 8.96 -19.25
CA THR A 41 -50.68 8.20 -18.27
C THR A 41 -49.82 7.89 -17.04
N VAL A 42 -48.65 7.30 -17.27
CA VAL A 42 -47.71 7.00 -16.14
C VAL A 42 -47.51 8.27 -15.32
N LEU A 43 -47.36 9.41 -15.98
CA LEU A 43 -47.09 10.68 -15.26
C LEU A 43 -48.30 11.08 -14.42
N ASP A 44 -49.51 11.02 -15.00
CA ASP A 44 -50.74 11.39 -14.25
C ASP A 44 -50.86 10.51 -13.01
N GLU A 45 -50.70 9.20 -13.11
CA GLU A 45 -50.89 8.26 -11.98
C GLU A 45 -49.83 8.48 -10.92
N PHE A 46 -48.64 8.90 -11.30
CA PHE A 46 -47.53 9.18 -10.37
C PHE A 46 -47.70 10.58 -9.81
N ALA A 47 -48.38 11.46 -10.53
CA ALA A 47 -48.61 12.86 -10.10
C ALA A 47 -49.79 12.88 -9.14
N SER A 48 -50.59 11.81 -9.10
CA SER A 48 -51.77 11.69 -8.21
C SER A 48 -51.39 10.92 -6.95
N GLU A 49 -50.90 9.69 -7.08
CA GLU A 49 -50.43 8.88 -5.93
C GLU A 49 -49.54 9.70 -5.00
N PHE A 50 -48.54 10.39 -5.53
CA PHE A 50 -47.58 11.16 -4.70
C PHE A 50 -47.92 12.64 -4.77
N LYS A 51 -49.22 12.98 -4.73
CA LYS A 51 -49.71 14.38 -4.82
C LYS A 51 -49.16 15.21 -3.67
N GLY A 52 -49.57 14.93 -2.44
CA GLY A 52 -49.12 15.70 -1.25
C GLY A 52 -47.72 15.33 -0.80
N VAL A 53 -47.34 14.06 -0.98
CA VAL A 53 -46.01 13.59 -0.50
C VAL A 53 -44.95 14.65 -0.82
N GLU A 54 -44.22 15.10 0.20
CA GLU A 54 -43.13 16.08 -0.03
C GLU A 54 -41.80 15.35 0.06
N ASN A 55 -40.76 15.83 -0.58
CA ASN A 55 -39.44 15.15 -0.62
C ASN A 55 -39.58 13.71 -1.14
N PHE A 56 -40.21 13.53 -2.31
CA PHE A 56 -40.27 12.19 -2.99
C PHE A 56 -39.87 12.42 -4.45
N PRO A 57 -38.62 12.81 -4.75
CA PRO A 57 -38.20 13.10 -6.12
C PRO A 57 -38.63 12.05 -7.14
N ILE A 58 -39.33 12.44 -8.21
CA ILE A 58 -39.76 11.51 -9.29
C ILE A 58 -39.08 11.94 -10.59
N SER A 59 -37.87 11.44 -10.88
CA SER A 59 -37.08 11.80 -12.09
C SER A 59 -37.79 11.31 -13.36
N VAL A 60 -38.05 12.20 -14.31
CA VAL A 60 -38.79 11.88 -15.56
C VAL A 60 -37.98 12.42 -16.73
N GLU A 61 -37.50 11.56 -17.62
CA GLU A 61 -36.67 11.96 -18.79
C GLU A 61 -37.54 12.58 -19.88
N ILE A 62 -37.08 13.68 -20.49
CA ILE A 62 -37.79 14.37 -21.59
C ILE A 62 -37.54 13.60 -22.89
N ASN A 63 -38.14 14.03 -24.01
CA ASN A 63 -37.99 13.39 -25.33
C ASN A 63 -36.51 13.17 -25.62
N PRO A 64 -36.04 11.93 -25.88
CA PRO A 64 -34.62 11.68 -26.07
C PRO A 64 -34.16 12.14 -27.46
N HIS A 65 -35.09 12.54 -28.33
CA HIS A 65 -34.77 13.01 -29.70
C HIS A 65 -34.46 14.51 -29.67
N LEU A 66 -34.86 15.22 -28.62
CA LEU A 66 -34.57 16.68 -28.46
C LEU A 66 -33.08 16.90 -28.69
N ASP A 67 -32.71 17.81 -29.59
CA ASP A 67 -31.29 18.08 -29.92
C ASP A 67 -30.91 19.53 -29.56
N ASN A 68 -31.87 20.39 -29.26
CA ASN A 68 -31.63 21.82 -28.96
C ASN A 68 -31.95 22.08 -27.49
N ALA A 69 -31.15 22.90 -26.81
CA ALA A 69 -31.35 23.22 -25.38
C ALA A 69 -32.63 24.03 -25.22
N LYS A 70 -33.11 24.69 -26.27
CA LYS A 70 -34.34 25.51 -26.24
C LYS A 70 -35.55 24.58 -26.29
N ASP A 71 -35.49 23.53 -27.11
CA ASP A 71 -36.60 22.56 -27.26
C ASP A 71 -36.69 21.73 -25.98
N MET A 72 -35.58 21.64 -25.27
CA MET A 72 -35.52 20.89 -24.01
C MET A 72 -36.17 21.77 -22.95
N VAL A 73 -35.71 23.00 -22.73
CA VAL A 73 -36.25 23.88 -21.66
C VAL A 73 -37.76 24.01 -21.84
N GLU A 74 -38.31 23.72 -23.01
CA GLU A 74 -39.74 23.94 -23.30
C GLU A 74 -40.52 22.68 -23.02
N GLU A 75 -39.99 21.53 -23.37
CA GLU A 75 -40.62 20.21 -23.10
C GLU A 75 -40.54 19.91 -21.60
N GLY A 76 -39.39 20.15 -20.97
CA GLY A 76 -39.20 19.85 -19.55
C GLY A 76 -39.95 20.81 -18.65
N THR A 77 -40.24 22.03 -19.11
CA THR A 77 -41.04 23.01 -18.36
C THR A 77 -42.48 22.51 -18.29
N LYS A 78 -42.99 21.97 -19.39
CA LYS A 78 -44.37 21.41 -19.44
C LYS A 78 -44.47 20.22 -18.48
N ILE A 79 -43.53 19.27 -18.54
CA ILE A 79 -43.55 18.05 -17.69
C ILE A 79 -43.46 18.47 -16.23
N ALA A 80 -42.64 19.46 -15.91
CA ALA A 80 -42.41 19.92 -14.52
C ALA A 80 -43.66 20.59 -13.97
N LYS A 81 -44.50 21.12 -14.84
CA LYS A 81 -45.75 21.82 -14.41
C LYS A 81 -46.83 20.78 -14.07
N LEU A 82 -46.62 19.48 -14.26
CA LEU A 82 -47.68 18.43 -14.03
C LEU A 82 -47.68 17.94 -12.59
N SER A 83 -46.63 18.16 -11.81
CA SER A 83 -46.51 17.80 -10.37
C SER A 83 -45.24 18.43 -9.82
N SER A 84 -45.19 18.74 -8.55
CA SER A 84 -44.04 19.44 -7.93
C SER A 84 -42.99 18.41 -7.54
N ASN A 85 -43.35 17.14 -7.63
CA ASN A 85 -42.44 16.05 -7.27
C ASN A 85 -41.55 15.75 -8.45
N PHE A 86 -41.91 16.16 -9.66
CA PHE A 86 -41.22 15.75 -10.91
C PHE A 86 -39.87 16.45 -11.05
N VAL A 87 -38.79 15.72 -11.37
CA VAL A 87 -37.43 16.28 -11.59
C VAL A 87 -37.03 15.97 -13.04
N ILE A 88 -36.90 16.97 -13.92
CA ILE A 88 -36.61 16.75 -15.37
C ILE A 88 -35.26 16.05 -15.53
N LYS A 89 -35.23 14.86 -16.14
CA LYS A 89 -33.97 14.10 -16.38
C LYS A 89 -33.44 14.47 -17.77
N ILE A 90 -32.23 15.03 -17.87
CA ILE A 90 -31.64 15.51 -19.15
C ILE A 90 -30.33 14.76 -19.41
N PRO A 91 -30.05 14.31 -20.65
CA PRO A 91 -28.79 13.61 -20.95
C PRO A 91 -27.57 14.52 -20.86
N CYS A 92 -26.42 13.98 -20.45
CA CYS A 92 -25.18 14.78 -20.36
C CYS A 92 -24.64 15.07 -21.76
N THR A 93 -25.17 16.03 -22.50
CA THR A 93 -24.73 16.38 -23.86
C THR A 93 -24.48 17.87 -23.84
N GLU A 94 -23.98 18.48 -24.91
CA GLU A 94 -23.89 19.94 -24.99
C GLU A 94 -25.29 20.51 -24.86
N PRO A 95 -26.27 20.10 -25.68
CA PRO A 95 -27.59 20.71 -25.62
C PRO A 95 -28.37 20.34 -24.34
N GLY A 96 -27.87 19.41 -23.57
CA GLY A 96 -28.48 18.95 -22.29
C GLY A 96 -27.92 19.72 -21.12
N LEU A 97 -26.61 20.00 -21.13
CA LEU A 97 -25.94 20.74 -20.04
C LEU A 97 -26.29 22.21 -20.17
N ILE A 98 -26.55 22.70 -21.38
CA ILE A 98 -26.97 24.11 -21.62
C ILE A 98 -28.42 24.22 -21.16
N ALA A 99 -29.23 23.20 -21.42
CA ALA A 99 -30.65 23.18 -21.05
C ALA A 99 -30.80 22.96 -19.55
N ALA A 100 -29.87 22.26 -18.90
CA ALA A 100 -29.92 21.95 -17.46
C ALA A 100 -29.52 23.20 -16.68
N LYS A 101 -28.70 24.07 -17.28
CA LYS A 101 -28.26 25.32 -16.63
C LYS A 101 -29.42 26.32 -16.68
N GLU A 102 -30.18 26.33 -17.74
CA GLU A 102 -31.37 27.19 -17.86
C GLU A 102 -32.42 26.76 -16.87
N PHE A 103 -32.91 25.53 -16.96
CA PHE A 103 -33.94 24.98 -16.05
C PHE A 103 -33.53 25.31 -14.62
N GLU A 104 -32.29 25.08 -14.25
CA GLU A 104 -31.81 25.27 -12.85
C GLU A 104 -31.88 26.75 -12.49
N LYS A 105 -31.70 27.66 -13.43
CA LYS A 105 -31.77 29.13 -13.25
C LYS A 105 -33.24 29.54 -13.07
N GLN A 106 -34.17 28.77 -13.65
CA GLN A 106 -35.62 29.06 -13.56
C GLN A 106 -36.20 28.32 -12.35
N GLY A 107 -35.40 27.55 -11.63
CA GLY A 107 -35.83 26.86 -10.40
C GLY A 107 -36.44 25.50 -10.67
N ILE A 108 -36.28 24.94 -11.87
CA ILE A 108 -36.78 23.58 -12.22
C ILE A 108 -35.66 22.58 -11.88
N SER A 109 -35.88 21.68 -10.92
CA SER A 109 -34.88 20.65 -10.54
C SER A 109 -34.56 19.78 -11.75
N THR A 110 -33.28 19.48 -11.98
CA THR A 110 -32.84 18.68 -13.14
C THR A 110 -31.96 17.52 -12.69
N ASN A 111 -32.04 16.37 -13.36
CA ASN A 111 -31.18 15.20 -13.08
C ASN A 111 -30.37 14.92 -14.34
N VAL A 112 -29.16 15.45 -14.46
CA VAL A 112 -28.28 15.22 -15.64
C VAL A 112 -27.91 13.74 -15.67
N THR A 113 -28.50 12.95 -16.56
CA THR A 113 -28.30 11.48 -16.60
C THR A 113 -27.29 11.08 -17.67
N LEU A 114 -27.05 9.77 -17.83
CA LEU A 114 -26.09 9.23 -18.84
C LEU A 114 -24.73 9.89 -18.66
N VAL A 115 -24.20 9.90 -17.44
CA VAL A 115 -22.84 10.41 -17.15
C VAL A 115 -21.97 9.17 -16.95
N PHE A 116 -20.86 9.02 -17.65
CA PHE A 116 -20.03 7.80 -17.60
C PHE A 116 -18.57 8.16 -17.30
N SER A 117 -18.28 9.40 -16.90
CA SER A 117 -16.91 9.83 -16.51
C SER A 117 -17.01 10.92 -15.44
N PRO A 118 -15.96 11.12 -14.63
CA PRO A 118 -15.96 12.17 -13.62
C PRO A 118 -15.84 13.57 -14.25
N SER A 119 -15.39 13.67 -15.51
CA SER A 119 -15.29 14.96 -16.23
C SER A 119 -16.68 15.37 -16.72
N GLN A 120 -17.52 14.40 -17.05
CA GLN A 120 -18.91 14.64 -17.51
C GLN A 120 -19.76 14.96 -16.29
N ALA A 121 -19.33 14.56 -15.09
CA ALA A 121 -20.08 14.77 -13.83
C ALA A 121 -19.77 16.15 -13.25
N LEU A 122 -18.60 16.71 -13.51
CA LEU A 122 -18.17 17.99 -12.88
C LEU A 122 -18.97 19.17 -13.44
N GLN A 123 -19.22 19.21 -14.76
CA GLN A 123 -19.98 20.33 -15.39
C GLN A 123 -21.40 20.37 -14.83
N PRO A 124 -22.17 19.26 -14.77
CA PRO A 124 -23.47 19.27 -14.14
C PRO A 124 -23.38 19.92 -12.75
N ALA A 125 -22.31 19.69 -11.99
CA ALA A 125 -22.14 20.21 -10.62
C ALA A 125 -21.85 21.71 -10.65
N ARG A 126 -21.18 22.20 -11.68
CA ARG A 126 -20.81 23.62 -11.79
C ARG A 126 -22.01 24.44 -12.26
N ILE A 127 -23.04 23.82 -12.83
CA ILE A 127 -24.29 24.48 -13.28
C ILE A 127 -25.39 24.27 -12.26
N GLY A 128 -25.11 23.77 -11.06
CA GLY A 128 -26.12 23.64 -10.00
C GLY A 128 -27.21 22.62 -10.30
N ALA A 129 -26.89 21.54 -11.00
CA ALA A 129 -27.91 20.48 -11.20
C ALA A 129 -28.27 19.90 -9.85
N LYS A 130 -29.53 19.56 -9.63
CA LYS A 130 -29.96 19.03 -8.32
C LYS A 130 -29.42 17.61 -8.21
N PHE A 131 -29.42 16.84 -9.29
CA PHE A 131 -28.94 15.44 -9.27
C PHE A 131 -28.03 15.18 -10.47
N VAL A 132 -27.08 14.25 -10.33
CA VAL A 132 -26.19 13.80 -11.43
C VAL A 132 -26.21 12.27 -11.33
N SER A 133 -26.60 11.54 -12.38
CA SER A 133 -26.72 10.06 -12.33
C SER A 133 -25.55 9.37 -13.05
N PRO A 134 -24.44 9.03 -12.37
CA PRO A 134 -23.36 8.25 -12.99
C PRO A 134 -23.75 6.77 -13.17
N PHE A 135 -23.71 6.23 -14.39
CA PHE A 135 -24.17 4.85 -14.69
C PHE A 135 -23.04 3.84 -14.45
N VAL A 136 -23.34 2.68 -13.87
CA VAL A 136 -22.33 1.62 -13.54
C VAL A 136 -22.55 0.39 -14.43
N GLY A 137 -23.71 -0.27 -14.33
CA GLY A 137 -24.03 -1.50 -15.06
C GLY A 137 -23.63 -1.50 -16.52
N TRP A 138 -23.92 -0.44 -17.29
CA TRP A 138 -23.67 -0.40 -18.75
C TRP A 138 -22.18 -0.56 -19.04
N LYS A 139 -21.33 0.15 -18.30
CA LYS A 139 -19.86 0.14 -18.53
C LYS A 139 -19.34 -1.25 -18.20
N GLU A 140 -19.83 -1.89 -17.14
CA GLU A 140 -19.41 -3.23 -16.68
C GLU A 140 -19.78 -4.27 -17.74
N ASN A 141 -20.95 -4.14 -18.37
CA ASN A 141 -21.40 -5.14 -19.37
C ASN A 141 -20.38 -5.20 -20.50
N SER A 142 -19.64 -4.11 -20.72
CA SER A 142 -18.64 -4.05 -21.81
C SER A 142 -17.24 -4.35 -21.26
N GLY A 143 -17.11 -4.78 -20.01
CA GLY A 143 -15.82 -5.18 -19.43
C GLY A 143 -15.04 -4.03 -18.83
N ASP A 144 -15.73 -2.94 -18.51
CA ASP A 144 -15.08 -1.73 -17.95
C ASP A 144 -15.32 -1.65 -16.43
N ASP A 145 -14.29 -1.39 -15.63
CA ASP A 145 -14.44 -1.25 -14.16
C ASP A 145 -15.00 0.13 -13.85
N THR A 146 -15.95 0.25 -12.92
CA THR A 146 -16.63 1.54 -12.63
C THR A 146 -16.24 2.04 -11.23
N TYR A 149 -14.39 5.38 -10.85
CA TYR A 149 -14.77 6.76 -11.26
C TYR A 149 -15.90 7.26 -10.36
N ILE A 150 -16.63 6.35 -9.74
CA ILE A 150 -17.74 6.74 -8.81
C ILE A 150 -17.12 7.37 -7.57
N GLN A 151 -16.06 6.77 -7.03
CA GLN A 151 -15.39 7.33 -5.84
C GLN A 151 -14.79 8.70 -6.19
N ASP A 152 -14.21 8.82 -7.39
CA ASP A 152 -13.64 10.11 -7.85
C ASP A 152 -14.73 11.19 -7.82
N ILE A 153 -15.90 10.89 -8.38
CA ILE A 153 -16.99 11.90 -8.42
C ILE A 153 -17.38 12.27 -6.98
N VAL A 154 -17.53 11.27 -6.11
CA VAL A 154 -17.92 11.54 -4.71
C VAL A 154 -16.86 12.43 -4.08
N ASN A 155 -15.59 12.09 -4.27
CA ASN A 155 -14.47 12.85 -3.66
C ASN A 155 -14.42 14.27 -4.23
N ILE A 156 -14.54 14.42 -5.55
CA ILE A 156 -14.52 15.76 -6.19
C ILE A 156 -15.68 16.58 -5.63
N TYR A 157 -16.89 16.05 -5.69
CA TYR A 157 -18.10 16.75 -5.19
C TYR A 157 -17.80 17.23 -3.78
N LYS A 158 -17.23 16.39 -2.94
CA LYS A 158 -16.99 16.72 -1.51
C LYS A 158 -15.89 17.78 -1.41
N ASN A 159 -14.78 17.57 -2.09
CA ASN A 159 -13.64 18.52 -2.02
C ASN A 159 -14.09 19.94 -2.41
N TYR A 160 -15.01 20.07 -3.34
CA TYR A 160 -15.40 21.42 -3.82
C TYR A 160 -16.77 21.81 -3.27
N ASN A 161 -17.21 21.13 -2.21
CA ASN A 161 -18.49 21.49 -1.55
C ASN A 161 -19.58 21.72 -2.59
N TYR A 162 -19.90 20.70 -3.39
CA TYR A 162 -21.01 20.82 -4.36
C TYR A 162 -22.27 20.27 -3.72
N ASN A 163 -23.42 20.84 -4.05
CA ASN A 163 -24.70 20.40 -3.41
C ASN A 163 -25.35 19.33 -4.27
N THR A 164 -24.98 19.24 -5.55
CA THR A 164 -25.53 18.21 -6.45
C THR A 164 -25.44 16.84 -5.75
N GLU A 165 -26.53 16.08 -5.75
CA GLU A 165 -26.60 14.75 -5.08
C GLU A 165 -26.32 13.68 -6.15
N ILE A 166 -25.42 12.74 -5.87
CA ILE A 166 -25.01 11.71 -6.87
C ILE A 166 -25.99 10.54 -6.79
N ILE A 167 -26.59 10.14 -7.89
CA ILE A 167 -27.50 8.95 -7.95
C ILE A 167 -26.81 7.87 -8.76
N VAL A 168 -26.07 6.96 -8.12
CA VAL A 168 -25.42 5.83 -8.83
C VAL A 168 -26.54 5.05 -9.50
N ALA A 169 -26.51 4.86 -10.81
CA ALA A 169 -27.60 4.21 -11.58
C ALA A 169 -27.13 2.91 -12.23
N ALA A 170 -28.02 2.20 -12.92
CA ALA A 170 -27.71 0.93 -13.60
C ALA A 170 -27.15 -0.09 -12.60
N LEU A 171 -27.55 -0.02 -11.32
CA LEU A 171 -27.11 -1.00 -10.29
C LEU A 171 -27.85 -2.32 -10.53
N ARG A 172 -27.18 -3.46 -10.42
CA ARG A 172 -27.78 -4.78 -10.75
C ARG A 172 -27.73 -5.75 -9.56
N ASN A 173 -26.98 -5.45 -8.50
CA ASN A 173 -26.85 -6.36 -7.33
C ASN A 173 -26.59 -5.54 -6.06
N GLY A 174 -26.76 -6.16 -4.89
CA GLY A 174 -26.60 -5.48 -3.60
C GLY A 174 -25.14 -5.22 -3.27
N LYS A 175 -24.21 -5.91 -3.93
CA LYS A 175 -22.76 -5.67 -3.72
C LYS A 175 -22.40 -4.33 -4.38
N GLN A 176 -23.10 -3.96 -5.43
CA GLN A 176 -22.87 -2.68 -6.15
C GLN A 176 -23.54 -1.57 -5.32
N ILE A 177 -24.56 -1.92 -4.54
CA ILE A 177 -25.22 -0.95 -3.61
C ILE A 177 -24.28 -0.73 -2.44
N VAL A 178 -23.52 -1.76 -2.05
CA VAL A 178 -22.56 -1.67 -0.92
C VAL A 178 -21.31 -0.93 -1.40
N ASP A 179 -21.01 -0.98 -2.69
CA ASP A 179 -19.85 -0.26 -3.28
C ASP A 179 -20.17 1.23 -3.31
N ALA A 180 -21.41 1.59 -3.66
CA ALA A 180 -21.84 3.00 -3.75
C ALA A 180 -21.87 3.59 -2.35
N ALA A 181 -22.34 2.82 -1.35
CA ALA A 181 -22.43 3.27 0.05
C ALA A 181 -21.02 3.42 0.62
N LYS A 182 -20.10 2.54 0.27
CA LYS A 182 -18.70 2.59 0.76
C LYS A 182 -18.02 3.81 0.16
N ALA A 183 -18.43 4.24 -1.04
CA ALA A 183 -17.85 5.41 -1.73
C ALA A 183 -18.37 6.68 -1.07
N GLY A 184 -19.63 6.69 -0.65
CA GLY A 184 -20.25 7.88 -0.06
C GLY A 184 -21.30 8.49 -0.97
N ALA A 185 -21.72 7.76 -2.00
CA ALA A 185 -22.78 8.25 -2.91
C ALA A 185 -24.01 8.61 -2.08
N HIS A 186 -24.73 9.66 -2.50
CA HIS A 186 -25.90 10.18 -1.76
C HIS A 186 -27.07 9.23 -1.95
N ILE A 187 -27.47 8.93 -3.19
CA ILE A 187 -28.65 8.08 -3.50
C ILE A 187 -28.18 6.90 -4.33
N VAL A 188 -28.97 5.84 -4.42
CA VAL A 188 -28.68 4.65 -5.25
C VAL A 188 -30.01 4.23 -5.84
N THR A 189 -30.15 4.25 -7.16
CA THR A 189 -31.41 3.87 -7.86
C THR A 189 -31.25 2.44 -8.32
N CYS A 190 -32.18 1.55 -7.99
CA CYS A 190 -32.14 0.11 -8.34
C CYS A 190 -33.55 -0.41 -8.61
N GLY A 191 -33.68 -1.48 -9.39
CA GLY A 191 -34.99 -2.10 -9.63
C GLY A 191 -35.52 -2.78 -8.39
N PHE A 192 -36.82 -3.05 -8.32
CA PHE A 192 -37.47 -3.67 -7.13
C PHE A 192 -36.76 -4.97 -6.74
N ASP A 193 -36.40 -5.82 -7.70
CA ASP A 193 -35.80 -7.14 -7.39
C ASP A 193 -34.37 -7.01 -6.86
N VAL A 194 -33.61 -6.02 -7.32
CA VAL A 194 -32.23 -5.79 -6.82
C VAL A 194 -32.33 -5.47 -5.33
N TYR A 195 -33.34 -4.72 -4.91
CA TYR A 195 -33.52 -4.29 -3.49
C TYR A 195 -33.98 -5.47 -2.64
N LYS A 196 -34.92 -6.27 -3.13
CA LYS A 196 -35.43 -7.44 -2.37
C LYS A 196 -34.27 -8.42 -2.10
N GLU A 197 -33.53 -8.80 -3.13
CA GLU A 197 -32.44 -9.80 -2.98
C GLU A 197 -31.35 -9.24 -2.07
N SER A 198 -31.11 -7.93 -2.10
CA SER A 198 -30.06 -7.27 -1.29
C SER A 198 -30.39 -7.42 0.19
N PHE A 199 -31.66 -7.61 0.53
CA PHE A 199 -32.11 -7.72 1.95
C PHE A 199 -32.05 -9.17 2.39
N GLN A 200 -31.72 -10.11 1.50
CA GLN A 200 -31.76 -11.56 1.80
C GLN A 200 -30.37 -12.18 1.76
N HIS A 201 -30.15 -13.26 2.52
CA HIS A 201 -28.85 -13.97 2.57
C HIS A 201 -29.15 -15.43 2.89
N ALA A 202 -28.33 -16.35 2.42
CA ALA A 202 -28.49 -17.79 2.62
C ALA A 202 -28.20 -18.13 4.07
N PHE A 203 -27.26 -17.44 4.70
CA PHE A 203 -26.87 -17.72 6.08
C PHE A 203 -27.97 -17.25 7.02
N THR A 204 -28.96 -16.50 6.53
CA THR A 204 -30.03 -15.95 7.38
C THR A 204 -31.12 -17.00 7.35
N ASP A 205 -31.16 -17.84 6.34
CA ASP A 205 -32.11 -18.99 6.24
C ASP A 205 -31.49 -20.16 7.00
N TYR A 206 -30.17 -20.28 7.00
CA TYR A 206 -29.45 -21.34 7.74
C TYR A 206 -29.67 -21.13 9.23
N GLY A 207 -29.38 -19.93 9.74
CA GLY A 207 -29.55 -19.61 11.16
C GLY A 207 -31.00 -19.74 11.57
N LEU A 208 -31.94 -19.40 10.72
CA LEU A 208 -33.38 -19.41 11.06
C LEU A 208 -33.86 -20.85 11.10
N ASN A 209 -33.18 -21.78 10.45
CA ASN A 209 -33.47 -23.22 10.60
C ASN A 209 -32.88 -23.73 11.90
N LYS A 210 -31.68 -23.26 12.26
CA LYS A 210 -31.01 -23.67 13.52
C LYS A 210 -31.81 -23.14 14.69
N PHE A 211 -32.37 -21.94 14.62
CA PHE A 211 -33.10 -21.29 15.73
C PHE A 211 -34.52 -21.82 15.70
N ARG A 212 -35.01 -22.28 14.56
CA ARG A 212 -36.39 -22.78 14.44
C ARG A 212 -36.43 -24.16 15.07
N ASN A 213 -35.31 -24.87 15.08
CA ASN A 213 -35.21 -26.23 15.65
C ASN A 213 -35.00 -26.10 17.16
N ALA A 214 -34.14 -25.19 17.60
CA ALA A 214 -33.92 -24.93 19.04
C ALA A 214 -35.25 -24.56 19.70
N TRP A 215 -36.07 -23.75 19.07
CA TRP A 215 -37.38 -23.33 19.60
C TRP A 215 -38.28 -24.53 19.77
N ASP A 216 -38.13 -25.52 18.91
CA ASP A 216 -38.99 -26.71 18.93
C ASP A 216 -38.54 -27.66 20.03
N ASN A 217 -37.28 -27.57 20.46
CA ASN A 217 -36.74 -28.39 21.57
C ASN A 217 -36.65 -27.52 22.82
N THR A 218 -37.60 -26.62 23.01
CA THR A 218 -37.66 -25.72 24.18
C THR A 218 -39.10 -25.75 24.67
N VAL A 219 -39.35 -25.46 25.95
CA VAL A 219 -40.72 -25.50 26.56
C VAL A 219 -41.20 -24.07 26.81
N MET B 1 -6.96 -19.41 -21.62
CA MET B 1 -8.27 -19.10 -20.98
C MET B 1 -9.36 -19.79 -21.76
N LYS B 2 -10.18 -20.56 -21.09
CA LYS B 2 -11.26 -21.31 -21.75
C LYS B 2 -12.55 -20.58 -21.46
N TYR B 3 -13.47 -20.54 -22.40
CA TYR B 3 -14.78 -19.90 -22.26
C TYR B 3 -15.81 -20.99 -22.41
N PHE B 4 -16.44 -21.39 -21.33
CA PHE B 4 -17.47 -22.43 -21.37
C PHE B 4 -18.82 -21.78 -21.42
N LEU B 5 -19.66 -22.15 -22.35
CA LEU B 5 -21.01 -21.58 -22.48
C LEU B 5 -21.91 -22.20 -21.42
N ASP B 6 -22.40 -21.39 -20.49
CA ASP B 6 -23.30 -21.85 -19.42
C ASP B 6 -24.71 -21.88 -20.00
N SER B 7 -25.04 -22.83 -20.85
CA SER B 7 -26.37 -22.92 -21.48
C SER B 7 -26.69 -24.35 -21.82
N ALA B 8 -27.95 -24.65 -22.06
CA ALA B 8 -28.40 -26.01 -22.41
C ALA B 8 -29.25 -25.93 -23.67
N ILE B 9 -29.02 -24.95 -24.53
CA ILE B 9 -29.74 -24.80 -25.83
C ILE B 9 -28.72 -25.12 -26.92
N LEU B 10 -29.03 -25.97 -27.89
CA LEU B 10 -28.03 -26.42 -28.88
C LEU B 10 -27.75 -25.31 -29.88
N GLU B 11 -28.76 -24.50 -30.21
CA GLU B 11 -28.62 -23.40 -31.21
C GLU B 11 -27.51 -22.45 -30.76
N GLU B 12 -27.41 -22.16 -29.48
CA GLU B 12 -26.43 -21.21 -28.93
C GLU B 12 -25.12 -21.90 -28.65
N ILE B 13 -25.15 -23.20 -28.48
CA ILE B 13 -23.94 -23.99 -28.16
C ILE B 13 -23.29 -24.29 -29.49
N ARG B 14 -24.06 -24.32 -30.57
CA ARG B 14 -23.50 -24.54 -31.92
C ARG B 14 -22.94 -23.22 -32.42
N TYR B 15 -23.66 -22.12 -32.23
CA TYR B 15 -23.16 -20.80 -32.67
C TYR B 15 -21.85 -20.49 -31.95
N ALA B 16 -21.82 -20.50 -30.62
CA ALA B 16 -20.63 -20.12 -29.83
C ALA B 16 -19.44 -21.02 -30.19
N TYR B 17 -19.66 -22.28 -30.54
CA TYR B 17 -18.58 -23.24 -30.89
C TYR B 17 -18.01 -22.90 -32.25
N GLU B 18 -18.84 -22.43 -33.18
CA GLU B 18 -18.36 -22.18 -34.56
C GLU B 18 -17.87 -20.74 -34.73
N ASN B 19 -18.29 -19.82 -33.88
CA ASN B 19 -17.94 -18.39 -34.11
C ASN B 19 -17.08 -17.84 -32.96
N TRP B 20 -17.27 -18.32 -31.74
CA TRP B 20 -16.55 -17.75 -30.58
C TRP B 20 -15.47 -18.71 -30.10
N ALA B 21 -15.44 -19.92 -30.67
CA ALA B 21 -14.45 -20.95 -30.25
C ALA B 21 -14.61 -21.27 -28.77
N ILE B 22 -15.84 -21.56 -28.31
CA ILE B 22 -16.01 -21.97 -26.89
C ILE B 22 -15.23 -23.27 -26.66
N ASP B 23 -14.73 -23.47 -25.45
CA ASP B 23 -13.85 -24.64 -25.18
C ASP B 23 -14.62 -25.71 -24.41
N GLY B 24 -15.90 -25.46 -24.11
CA GLY B 24 -16.68 -26.42 -23.32
C GLY B 24 -18.07 -25.88 -23.02
N VAL B 25 -18.91 -26.66 -22.35
CA VAL B 25 -20.32 -26.26 -22.02
C VAL B 25 -20.65 -26.76 -20.62
N THR B 26 -21.18 -25.88 -19.78
CA THR B 26 -21.61 -26.25 -18.40
C THR B 26 -23.13 -26.08 -18.34
N THR B 27 -23.82 -26.99 -17.66
CA THR B 27 -25.30 -26.96 -17.51
C THR B 27 -25.66 -27.22 -16.06
N ASN B 28 -26.81 -26.75 -15.61
CA ASN B 28 -27.31 -27.02 -14.23
C ASN B 28 -28.79 -27.37 -14.35
N PRO B 29 -29.42 -27.98 -13.33
CA PRO B 29 -30.81 -28.39 -13.43
C PRO B 29 -31.73 -27.24 -13.88
N ARG B 30 -31.37 -25.99 -13.64
CA ARG B 30 -32.20 -24.81 -14.00
C ARG B 30 -32.03 -24.49 -15.49
N HIS B 31 -30.86 -24.72 -16.07
CA HIS B 31 -30.61 -24.48 -17.52
C HIS B 31 -31.35 -25.54 -18.33
N ILE B 32 -31.48 -26.75 -17.80
CA ILE B 32 -32.18 -27.86 -18.51
C ILE B 32 -33.67 -27.62 -18.40
N MET B 33 -34.15 -27.11 -17.27
CA MET B 33 -35.58 -26.75 -17.10
C MET B 33 -35.92 -25.67 -18.11
N ASN B 34 -35.05 -24.66 -18.28
CA ASN B 34 -35.32 -23.54 -19.20
C ASN B 34 -35.17 -24.00 -20.65
N SER B 35 -34.51 -25.14 -20.87
CA SER B 35 -34.38 -25.70 -22.25
C SER B 35 -35.77 -26.03 -22.78
N GLY B 36 -36.67 -26.53 -21.93
CA GLY B 36 -38.03 -26.93 -22.35
C GLY B 36 -38.05 -28.37 -22.82
N LYS B 37 -36.89 -29.00 -22.98
CA LYS B 37 -36.78 -30.40 -23.43
C LYS B 37 -36.52 -31.28 -22.20
N PRO B 38 -36.83 -32.59 -22.22
CA PRO B 38 -36.54 -33.46 -21.08
C PRO B 38 -35.02 -33.60 -20.91
N PHE B 39 -34.54 -33.87 -19.70
CA PHE B 39 -33.08 -33.96 -19.40
C PHE B 39 -32.42 -34.95 -20.35
N LEU B 40 -32.93 -36.17 -20.46
CA LEU B 40 -32.31 -37.24 -21.27
C LEU B 40 -32.25 -36.80 -22.74
N THR B 41 -33.24 -36.03 -23.19
CA THR B 41 -33.24 -35.53 -24.58
C THR B 41 -32.08 -34.56 -24.77
N VAL B 42 -31.98 -33.56 -23.90
CA VAL B 42 -30.86 -32.58 -23.97
C VAL B 42 -29.54 -33.37 -24.03
N LEU B 43 -29.41 -34.42 -23.23
CA LEU B 43 -28.15 -35.19 -23.16
C LEU B 43 -27.90 -35.90 -24.50
N ASP B 44 -28.91 -36.56 -25.05
CA ASP B 44 -28.77 -37.27 -26.34
C ASP B 44 -28.30 -36.30 -27.42
N GLU B 45 -28.90 -35.11 -27.46
CA GLU B 45 -28.54 -34.09 -28.47
C GLU B 45 -27.08 -33.67 -28.26
N PHE B 46 -26.70 -33.41 -27.02
CA PHE B 46 -25.32 -32.94 -26.71
C PHE B 46 -24.34 -34.07 -27.06
N ALA B 47 -24.73 -35.32 -26.84
CA ALA B 47 -23.84 -36.46 -27.10
C ALA B 47 -23.58 -36.60 -28.61
N SER B 48 -24.62 -36.38 -29.42
CA SER B 48 -24.48 -36.53 -30.89
C SER B 48 -23.79 -35.31 -31.47
N GLU B 49 -24.18 -34.11 -31.04
CA GLU B 49 -23.61 -32.84 -31.54
C GLU B 49 -22.08 -32.90 -31.44
N PHE B 50 -21.55 -33.45 -30.35
CA PHE B 50 -20.09 -33.43 -30.12
C PHE B 50 -19.56 -34.86 -30.04
N LYS B 51 -20.21 -35.79 -30.75
CA LYS B 51 -19.80 -37.22 -30.72
C LYS B 51 -18.28 -37.32 -30.83
N GLY B 52 -17.71 -36.84 -31.94
CA GLY B 52 -16.25 -36.99 -32.16
C GLY B 52 -15.45 -35.91 -31.47
N VAL B 53 -16.00 -34.69 -31.38
CA VAL B 53 -15.25 -33.54 -30.80
C VAL B 53 -14.49 -34.01 -29.57
N GLU B 54 -13.18 -33.81 -29.54
CA GLU B 54 -12.36 -34.17 -28.35
C GLU B 54 -12.04 -32.89 -27.58
N ASN B 55 -11.67 -33.01 -26.31
CA ASN B 55 -11.33 -31.84 -25.47
C ASN B 55 -12.50 -30.86 -25.44
N PHE B 56 -13.74 -31.34 -25.50
CA PHE B 56 -14.92 -30.43 -25.34
C PHE B 56 -15.73 -30.91 -24.13
N PRO B 57 -15.35 -30.50 -22.91
CA PRO B 57 -16.04 -30.95 -21.70
C PRO B 57 -17.51 -30.48 -21.65
N ILE B 58 -18.45 -31.35 -21.30
CA ILE B 58 -19.89 -30.98 -21.18
C ILE B 58 -20.36 -31.32 -19.76
N SER B 59 -20.24 -30.39 -18.81
CA SER B 59 -20.60 -30.61 -17.39
C SER B 59 -22.11 -30.84 -17.26
N VAL B 60 -22.51 -31.95 -16.64
CA VAL B 60 -23.93 -32.33 -16.50
C VAL B 60 -24.18 -32.68 -15.03
N GLU B 61 -25.03 -31.94 -14.33
CA GLU B 61 -25.33 -32.18 -12.89
C GLU B 61 -26.25 -33.38 -12.71
N ILE B 62 -25.96 -34.23 -11.73
CA ILE B 62 -26.79 -35.43 -11.41
C ILE B 62 -28.01 -34.97 -10.60
N ASN B 63 -28.91 -35.90 -10.26
CA ASN B 63 -30.14 -35.60 -9.48
C ASN B 63 -29.77 -34.78 -8.24
N PRO B 64 -30.33 -33.57 -8.03
CA PRO B 64 -29.94 -32.73 -6.91
C PRO B 64 -30.54 -33.24 -5.59
N HIS B 65 -31.44 -34.23 -5.65
CA HIS B 65 -32.09 -34.81 -4.45
C HIS B 65 -31.20 -35.93 -3.88
N LEU B 66 -30.33 -36.54 -4.66
CA LEU B 66 -29.41 -37.59 -4.17
C LEU B 66 -28.74 -37.08 -2.90
N ASP B 67 -28.76 -37.86 -1.82
CA ASP B 67 -28.21 -37.50 -0.49
C ASP B 67 -27.08 -38.45 -0.09
N ASN B 68 -26.84 -39.56 -0.77
CA ASN B 68 -25.80 -40.55 -0.37
C ASN B 68 -24.70 -40.50 -1.39
N ALA B 69 -23.44 -40.61 -0.99
CA ALA B 69 -22.28 -40.62 -1.90
C ALA B 69 -22.29 -41.88 -2.75
N LYS B 70 -23.25 -42.79 -2.56
CA LYS B 70 -23.32 -44.08 -3.29
C LYS B 70 -24.43 -44.06 -4.33
N ASP B 71 -25.50 -43.29 -4.13
CA ASP B 71 -26.59 -43.17 -5.12
C ASP B 71 -26.13 -42.11 -6.10
N MET B 72 -25.17 -41.28 -5.71
CA MET B 72 -24.55 -40.31 -6.65
C MET B 72 -23.57 -41.05 -7.56
N VAL B 73 -22.72 -41.92 -7.03
CA VAL B 73 -21.68 -42.62 -7.83
C VAL B 73 -22.34 -43.63 -8.76
N GLU B 74 -23.62 -43.94 -8.59
CA GLU B 74 -24.34 -44.94 -9.42
C GLU B 74 -25.23 -44.26 -10.45
N GLU B 75 -25.51 -42.99 -10.26
CA GLU B 75 -26.36 -42.22 -11.20
C GLU B 75 -25.42 -41.47 -12.12
N GLY B 76 -24.39 -40.85 -11.58
CA GLY B 76 -23.40 -40.12 -12.39
C GLY B 76 -22.61 -41.09 -13.23
N THR B 77 -22.75 -42.40 -13.00
CA THR B 77 -22.09 -43.44 -13.82
C THR B 77 -22.95 -43.71 -15.04
N LYS B 78 -24.23 -43.99 -14.87
CA LYS B 78 -25.16 -44.17 -16.00
C LYS B 78 -24.93 -42.99 -16.94
N ILE B 79 -24.91 -41.76 -16.43
CA ILE B 79 -24.74 -40.53 -17.24
C ILE B 79 -23.38 -40.57 -17.95
N ALA B 80 -22.28 -40.75 -17.25
CA ALA B 80 -20.93 -40.69 -17.86
C ALA B 80 -20.76 -41.78 -18.91
N LYS B 81 -21.68 -42.75 -18.99
CA LYS B 81 -21.62 -43.86 -19.96
C LYS B 81 -22.51 -43.52 -21.14
N LEU B 82 -22.93 -42.26 -21.28
CA LEU B 82 -23.80 -41.78 -22.40
C LEU B 82 -22.95 -41.00 -23.39
N SER B 83 -21.87 -40.34 -22.94
CA SER B 83 -20.95 -39.58 -23.82
C SER B 83 -19.61 -39.40 -23.10
N SER B 84 -18.49 -39.51 -23.82
CA SER B 84 -17.12 -39.39 -23.24
C SER B 84 -16.82 -37.91 -22.97
N ASN B 85 -17.62 -37.00 -23.52
CA ASN B 85 -17.45 -35.54 -23.33
C ASN B 85 -18.15 -35.12 -22.04
N PHE B 86 -18.96 -36.00 -21.45
CA PHE B 86 -19.77 -35.62 -20.25
C PHE B 86 -18.90 -35.61 -18.98
N VAL B 87 -18.99 -34.56 -18.17
CA VAL B 87 -18.25 -34.44 -16.87
C VAL B 87 -19.29 -34.34 -15.75
N ILE B 88 -19.41 -35.33 -14.87
CA ILE B 88 -20.46 -35.37 -13.81
C ILE B 88 -20.29 -34.17 -12.87
N LYS B 89 -21.29 -33.30 -12.75
CA LYS B 89 -21.26 -32.12 -11.85
C LYS B 89 -21.87 -32.51 -10.51
N ILE B 90 -21.12 -32.43 -9.41
CA ILE B 90 -21.56 -32.87 -8.05
C ILE B 90 -21.50 -31.67 -7.10
N PRO B 91 -22.53 -31.42 -6.25
CA PRO B 91 -22.55 -30.23 -5.39
C PRO B 91 -21.46 -30.29 -4.31
N CYS B 92 -21.24 -29.19 -3.59
CA CYS B 92 -20.19 -29.11 -2.54
C CYS B 92 -20.74 -29.58 -1.19
N THR B 93 -21.23 -30.82 -1.10
CA THR B 93 -21.77 -31.41 0.16
C THR B 93 -20.79 -32.48 0.65
N GLU B 94 -21.02 -33.09 1.82
CA GLU B 94 -20.14 -34.19 2.30
C GLU B 94 -20.44 -35.44 1.47
N PRO B 95 -21.70 -35.82 1.17
CA PRO B 95 -21.89 -36.97 0.30
C PRO B 95 -21.39 -36.71 -1.13
N GLY B 96 -21.25 -35.45 -1.57
CA GLY B 96 -20.80 -35.04 -2.91
C GLY B 96 -19.30 -35.15 -3.02
N LEU B 97 -18.58 -34.75 -1.98
CA LEU B 97 -17.08 -34.80 -1.98
C LEU B 97 -16.64 -36.25 -1.81
N ILE B 98 -17.44 -37.07 -1.13
CA ILE B 98 -17.14 -38.52 -0.96
C ILE B 98 -17.41 -39.19 -2.31
N ALA B 99 -18.48 -38.77 -2.99
CA ALA B 99 -18.87 -39.35 -4.29
C ALA B 99 -17.92 -38.87 -5.38
N ALA B 100 -17.35 -37.67 -5.25
CA ALA B 100 -16.44 -37.10 -6.26
C ALA B 100 -15.08 -37.77 -6.14
N LYS B 101 -14.73 -38.25 -4.96
CA LYS B 101 -13.44 -38.94 -4.72
C LYS B 101 -13.54 -40.34 -5.31
N GLU B 102 -14.66 -41.02 -5.13
CA GLU B 102 -14.88 -42.38 -5.68
C GLU B 102 -14.93 -42.29 -7.20
N PHE B 103 -15.65 -41.31 -7.75
CA PHE B 103 -15.77 -41.09 -9.20
C PHE B 103 -14.38 -40.89 -9.80
N GLU B 104 -13.58 -40.00 -9.23
CA GLU B 104 -12.23 -39.66 -9.75
C GLU B 104 -11.31 -40.88 -9.67
N LYS B 105 -11.54 -41.78 -8.71
CA LYS B 105 -10.73 -43.01 -8.52
C LYS B 105 -11.10 -44.01 -9.62
N GLN B 106 -12.32 -43.94 -10.15
CA GLN B 106 -12.80 -44.86 -11.22
C GLN B 106 -12.51 -44.22 -12.58
N GLY B 107 -11.96 -43.01 -12.61
CA GLY B 107 -11.58 -42.34 -13.87
C GLY B 107 -12.71 -41.54 -14.48
N ILE B 108 -13.80 -41.28 -13.75
CA ILE B 108 -14.93 -40.45 -14.24
C ILE B 108 -14.65 -38.99 -13.85
N SER B 109 -14.46 -38.10 -14.82
CA SER B 109 -14.20 -36.66 -14.57
C SER B 109 -15.36 -36.06 -13.79
N THR B 110 -15.09 -35.25 -12.76
CA THR B 110 -16.14 -34.66 -11.91
C THR B 110 -15.94 -33.15 -11.81
N ASN B 111 -17.02 -32.37 -11.73
CA ASN B 111 -16.96 -30.91 -11.55
C ASN B 111 -17.67 -30.60 -10.23
N VAL B 112 -16.94 -30.50 -9.12
CA VAL B 112 -17.52 -30.17 -7.78
C VAL B 112 -18.07 -28.76 -7.86
N THR B 113 -19.39 -28.59 -7.93
CA THR B 113 -20.03 -27.26 -8.12
C THR B 113 -20.55 -26.69 -6.79
N LEU B 114 -21.17 -25.52 -6.83
CA LEU B 114 -21.74 -24.84 -5.62
C LEU B 114 -20.66 -24.71 -4.56
N VAL B 115 -19.51 -24.17 -4.91
CA VAL B 115 -18.40 -23.88 -3.95
C VAL B 115 -18.44 -22.38 -3.74
N PHE B 116 -18.52 -21.90 -2.51
CA PHE B 116 -18.68 -20.45 -2.21
C PHE B 116 -17.60 -20.00 -1.22
N SER B 117 -16.58 -20.81 -0.94
CA SER B 117 -15.45 -20.42 -0.06
C SER B 117 -14.18 -21.13 -0.53
N PRO B 118 -12.99 -20.60 -0.20
CA PRO B 118 -11.73 -21.25 -0.58
C PRO B 118 -11.49 -22.53 0.24
N SER B 119 -12.27 -22.78 1.30
CA SER B 119 -12.15 -23.98 2.16
C SER B 119 -13.04 -25.06 1.60
N GLN B 120 -14.14 -24.70 0.97
CA GLN B 120 -15.03 -25.66 0.29
C GLN B 120 -14.40 -26.03 -1.04
N ALA B 121 -13.33 -25.33 -1.46
CA ALA B 121 -12.67 -25.53 -2.77
C ALA B 121 -11.37 -26.30 -2.66
N LEU B 122 -10.73 -26.31 -1.51
CA LEU B 122 -9.45 -27.04 -1.29
C LEU B 122 -9.67 -28.55 -1.24
N GLN B 123 -10.75 -29.03 -0.61
CA GLN B 123 -11.05 -30.48 -0.51
C GLN B 123 -11.25 -31.06 -1.91
N PRO B 124 -12.10 -30.46 -2.79
CA PRO B 124 -12.23 -30.94 -4.15
C PRO B 124 -10.85 -31.11 -4.79
N ALA B 125 -9.86 -30.29 -4.50
CA ALA B 125 -8.52 -30.34 -5.11
C ALA B 125 -7.63 -31.37 -4.45
N ARG B 126 -8.01 -31.86 -3.27
CA ARG B 126 -7.21 -32.82 -2.50
C ARG B 126 -7.75 -34.19 -2.85
N ILE B 127 -8.88 -34.28 -3.52
CA ILE B 127 -9.45 -35.57 -4.00
C ILE B 127 -9.36 -35.63 -5.52
N GLY B 128 -8.56 -34.79 -6.19
CA GLY B 128 -8.30 -34.90 -7.64
C GLY B 128 -9.51 -34.62 -8.51
N ALA B 129 -10.41 -33.73 -8.10
CA ALA B 129 -11.53 -33.37 -8.98
C ALA B 129 -10.97 -32.71 -10.25
N LYS B 130 -11.54 -33.01 -11.40
CA LYS B 130 -11.09 -32.45 -12.70
C LYS B 130 -11.39 -30.95 -12.71
N PHE B 131 -12.54 -30.54 -12.18
CA PHE B 131 -12.97 -29.13 -12.17
C PHE B 131 -13.57 -28.75 -10.81
N VAL B 132 -13.45 -27.49 -10.41
CA VAL B 132 -14.09 -26.95 -9.19
C VAL B 132 -14.75 -25.66 -9.63
N SER B 133 -16.06 -25.47 -9.45
CA SER B 133 -16.79 -24.27 -9.91
C SER B 133 -17.11 -23.30 -8.78
N PRO B 134 -16.24 -22.32 -8.44
CA PRO B 134 -16.58 -21.29 -7.44
C PRO B 134 -17.60 -20.28 -7.97
N PHE B 135 -18.75 -20.10 -7.33
CA PHE B 135 -19.84 -19.22 -7.81
C PHE B 135 -19.61 -17.78 -7.36
N VAL B 136 -19.88 -16.79 -8.22
CA VAL B 136 -19.66 -15.34 -7.93
C VAL B 136 -21.02 -14.62 -7.85
N GLY B 137 -21.79 -14.58 -8.93
CA GLY B 137 -23.08 -13.87 -9.01
C GLY B 137 -23.98 -14.04 -7.80
N TRP B 138 -24.18 -15.26 -7.31
CA TRP B 138 -25.13 -15.53 -6.20
C TRP B 138 -24.74 -14.76 -4.94
N LYS B 139 -23.45 -14.78 -4.59
CA LYS B 139 -22.94 -14.12 -3.37
C LYS B 139 -23.12 -12.61 -3.51
N GLU B 140 -22.86 -12.07 -4.69
CA GLU B 140 -22.96 -10.61 -4.98
C GLU B 140 -24.42 -10.16 -4.85
N ASN B 141 -25.36 -10.98 -5.31
CA ASN B 141 -26.80 -10.59 -5.27
C ASN B 141 -27.20 -10.34 -3.82
N SER B 142 -26.50 -10.96 -2.86
CA SER B 142 -26.82 -10.79 -1.42
C SER B 142 -25.90 -9.75 -0.79
N GLY B 143 -25.11 -9.02 -1.58
CA GLY B 143 -24.26 -7.93 -1.07
C GLY B 143 -22.91 -8.39 -0.58
N ASP B 144 -22.46 -9.57 -0.98
CA ASP B 144 -21.14 -10.11 -0.57
C ASP B 144 -20.12 -9.94 -1.69
N ASP B 145 -18.91 -9.47 -1.37
CA ASP B 145 -17.82 -9.31 -2.35
C ASP B 145 -17.19 -10.68 -2.63
N THR B 146 -16.88 -10.99 -3.88
CA THR B 146 -16.37 -12.33 -4.26
C THR B 146 -14.91 -12.22 -4.72
N TYR B 149 -12.18 -14.09 -2.77
CA TYR B 149 -11.99 -15.52 -2.46
C TYR B 149 -11.61 -16.27 -3.74
N ILE B 150 -11.92 -15.70 -4.90
CA ILE B 150 -11.56 -16.33 -6.19
C ILE B 150 -10.04 -16.27 -6.36
N GLN B 151 -9.43 -15.14 -6.04
CA GLN B 151 -7.96 -15.00 -6.14
C GLN B 151 -7.30 -15.94 -5.15
N ASP B 152 -7.86 -16.07 -3.94
CA ASP B 152 -7.33 -16.99 -2.93
C ASP B 152 -7.30 -18.42 -3.49
N ILE B 153 -8.39 -18.87 -4.09
CA ILE B 153 -8.46 -20.25 -4.64
C ILE B 153 -7.40 -20.39 -5.73
N VAL B 154 -7.29 -19.40 -6.62
CA VAL B 154 -6.30 -19.48 -7.73
C VAL B 154 -4.90 -19.57 -7.10
N ASN B 155 -4.62 -18.73 -6.11
CA ASN B 155 -3.28 -18.69 -5.47
C ASN B 155 -3.01 -20.01 -4.74
N ILE B 156 -3.98 -20.51 -3.98
CA ILE B 156 -3.80 -21.79 -3.24
C ILE B 156 -3.54 -22.91 -4.26
N TYR B 157 -4.40 -23.04 -5.25
CA TYR B 157 -4.26 -24.09 -6.29
C TYR B 157 -2.84 -24.01 -6.84
N LYS B 158 -2.34 -22.82 -7.13
CA LYS B 158 -1.02 -22.64 -7.76
C LYS B 158 0.08 -23.00 -6.74
N ASN B 159 -0.01 -22.45 -5.53
CA ASN B 159 1.03 -22.70 -4.50
C ASN B 159 1.20 -24.20 -4.26
N TYR B 160 0.13 -24.98 -4.33
CA TYR B 160 0.24 -26.43 -3.99
C TYR B 160 0.21 -27.26 -5.27
N ASN B 161 0.46 -26.65 -6.42
CA ASN B 161 0.53 -27.40 -7.70
C ASN B 161 -0.65 -28.36 -7.82
N TYR B 162 -1.86 -27.85 -7.80
CA TYR B 162 -3.06 -28.70 -7.99
C TYR B 162 -3.43 -28.69 -9.47
N ASN B 163 -3.94 -29.80 -9.99
CA ASN B 163 -4.26 -29.88 -11.44
C ASN B 163 -5.73 -29.49 -11.65
N THR B 164 -6.54 -29.55 -10.60
CA THR B 164 -7.97 -29.15 -10.71
C THR B 164 -8.06 -27.79 -11.41
N GLU B 165 -8.92 -27.67 -12.41
CA GLU B 165 -9.09 -26.41 -13.18
C GLU B 165 -10.26 -25.63 -12.59
N ILE B 166 -10.08 -24.35 -12.30
CA ILE B 166 -11.12 -23.52 -11.64
C ILE B 166 -12.08 -22.97 -12.70
N ILE B 167 -13.38 -23.19 -12.55
CA ILE B 167 -14.40 -22.63 -13.49
C ILE B 167 -15.21 -21.58 -12.73
N VAL B 168 -14.81 -20.31 -12.79
CA VAL B 168 -15.58 -19.22 -12.15
C VAL B 168 -16.97 -19.26 -12.76
N ALA B 169 -18.03 -19.40 -11.96
CA ALA B 169 -19.41 -19.55 -12.46
C ALA B 169 -20.30 -18.40 -12.01
N ALA B 170 -21.56 -18.39 -12.43
CA ALA B 170 -22.55 -17.33 -12.09
C ALA B 170 -22.03 -15.95 -12.53
N LEU B 171 -21.22 -15.89 -13.60
CA LEU B 171 -20.71 -14.61 -14.16
C LEU B 171 -21.86 -13.91 -14.87
N ARG B 172 -22.01 -12.59 -14.71
CA ARG B 172 -23.17 -11.84 -15.28
C ARG B 172 -22.72 -10.70 -16.21
N ASN B 173 -21.44 -10.34 -16.24
CA ASN B 173 -20.93 -9.23 -17.08
C ASN B 173 -19.48 -9.49 -17.48
N GLY B 174 -18.98 -8.77 -18.49
CA GLY B 174 -17.61 -8.95 -19.00
C GLY B 174 -16.57 -8.39 -18.06
N LYS B 175 -16.95 -7.54 -17.11
CA LYS B 175 -16.01 -6.98 -16.10
C LYS B 175 -15.69 -8.11 -15.11
N GLN B 176 -16.58 -9.09 -14.97
CA GLN B 176 -16.38 -10.23 -14.06
C GLN B 176 -15.50 -11.24 -14.79
N ILE B 177 -15.57 -11.31 -16.12
CA ILE B 177 -14.70 -12.17 -16.94
C ILE B 177 -13.29 -11.59 -16.85
N VAL B 178 -13.17 -10.29 -16.75
CA VAL B 178 -11.84 -9.62 -16.71
C VAL B 178 -11.28 -9.78 -15.30
N ASP B 179 -12.13 -9.96 -14.30
CA ASP B 179 -11.71 -10.14 -12.89
C ASP B 179 -11.23 -11.56 -12.72
N ALA B 180 -11.97 -12.53 -13.25
CA ALA B 180 -11.57 -13.94 -13.24
C ALA B 180 -10.23 -14.05 -13.94
N ALA B 181 -10.08 -13.39 -15.08
CA ALA B 181 -8.86 -13.46 -15.90
C ALA B 181 -7.71 -12.68 -15.28
N LYS B 182 -8.00 -11.66 -14.50
CA LYS B 182 -6.96 -10.89 -13.79
C LYS B 182 -6.46 -11.73 -12.63
N ALA B 183 -7.27 -12.65 -12.13
CA ALA B 183 -6.96 -13.54 -10.99
C ALA B 183 -6.11 -14.69 -11.49
N GLY B 184 -6.37 -15.20 -12.68
CA GLY B 184 -5.65 -16.37 -13.23
C GLY B 184 -6.53 -17.60 -13.29
N ALA B 185 -7.85 -17.43 -13.15
CA ALA B 185 -8.78 -18.57 -13.26
C ALA B 185 -8.56 -19.25 -14.61
N HIS B 186 -8.70 -20.58 -14.62
CA HIS B 186 -8.46 -21.41 -15.82
C HIS B 186 -9.60 -21.21 -16.81
N ILE B 187 -10.84 -21.38 -16.37
CA ILE B 187 -12.04 -21.28 -17.25
C ILE B 187 -13.02 -20.28 -16.67
N VAL B 188 -13.88 -19.71 -17.49
CA VAL B 188 -14.98 -18.83 -17.02
C VAL B 188 -16.22 -19.33 -17.75
N THR B 189 -17.28 -19.69 -17.04
CA THR B 189 -18.56 -20.13 -17.67
C THR B 189 -19.54 -18.97 -17.62
N CYS B 190 -20.14 -18.62 -18.75
CA CYS B 190 -21.06 -17.45 -18.84
C CYS B 190 -22.17 -17.76 -19.85
N GLY B 191 -23.32 -17.11 -19.73
CA GLY B 191 -24.41 -17.26 -20.71
C GLY B 191 -24.04 -16.64 -22.04
N PHE B 192 -24.74 -17.00 -23.13
CA PHE B 192 -24.45 -16.51 -24.49
C PHE B 192 -24.44 -14.97 -24.51
N ASP B 193 -25.38 -14.31 -23.85
CA ASP B 193 -25.52 -12.83 -23.92
C ASP B 193 -24.40 -12.14 -23.15
N VAL B 194 -23.92 -12.72 -22.05
CA VAL B 194 -22.78 -12.15 -21.28
C VAL B 194 -21.56 -12.11 -22.20
N TYR B 195 -21.36 -13.13 -23.04
CA TYR B 195 -20.18 -13.22 -23.94
C TYR B 195 -20.33 -12.23 -25.11
N LYS B 196 -21.51 -12.12 -25.69
CA LYS B 196 -21.73 -11.18 -26.83
C LYS B 196 -21.45 -9.75 -26.36
N GLU B 197 -22.07 -9.32 -25.26
CA GLU B 197 -21.93 -7.92 -24.80
C GLU B 197 -20.47 -7.66 -24.40
N SER B 198 -19.76 -8.65 -23.88
CA SER B 198 -18.35 -8.52 -23.45
C SER B 198 -17.47 -8.18 -24.65
N PHE B 199 -17.90 -8.55 -25.86
CA PHE B 199 -17.10 -8.33 -27.10
C PHE B 199 -17.44 -6.96 -27.68
N GLN B 200 -18.40 -6.24 -27.10
CA GLN B 200 -18.87 -4.95 -27.67
C GLN B 200 -18.55 -3.77 -26.76
N HIS B 201 -18.47 -2.56 -27.28
CA HIS B 201 -18.16 -1.35 -26.50
C HIS B 201 -18.74 -0.19 -27.30
N ALA B 202 -19.17 0.88 -26.66
CA ALA B 202 -19.76 2.06 -27.29
C ALA B 202 -18.69 2.83 -28.06
N PHE B 203 -17.47 2.81 -27.58
CA PHE B 203 -16.36 3.59 -28.15
C PHE B 203 -15.89 2.88 -29.41
N THR B 204 -16.29 1.65 -29.66
CA THR B 204 -16.00 0.92 -30.92
C THR B 204 -16.99 1.42 -31.97
N ASP B 205 -18.21 1.75 -31.56
CA ASP B 205 -19.26 2.25 -32.47
C ASP B 205 -18.97 3.72 -32.76
N TYR B 206 -18.41 4.45 -31.81
CA TYR B 206 -18.04 5.86 -31.98
C TYR B 206 -16.92 5.95 -33.03
N GLY B 207 -15.84 5.19 -32.83
CA GLY B 207 -14.71 5.18 -33.76
C GLY B 207 -15.14 4.71 -35.13
N LEU B 208 -16.02 3.72 -35.18
CA LEU B 208 -16.52 3.14 -36.45
C LEU B 208 -17.21 4.25 -37.23
N ASN B 209 -17.94 5.13 -36.56
CA ASN B 209 -18.67 6.23 -37.21
C ASN B 209 -17.66 7.26 -37.70
N LYS B 210 -16.61 7.53 -36.93
CA LYS B 210 -15.56 8.50 -37.29
C LYS B 210 -14.79 7.96 -38.49
N PHE B 211 -14.53 6.65 -38.53
CA PHE B 211 -13.79 5.98 -39.63
C PHE B 211 -14.69 5.83 -40.85
N ARG B 212 -15.98 5.55 -40.66
CA ARG B 212 -16.91 5.34 -41.77
C ARG B 212 -17.08 6.68 -42.48
N ASN B 213 -16.85 7.78 -41.79
CA ASN B 213 -16.98 9.13 -42.37
C ASN B 213 -15.73 9.39 -43.19
N ALA B 214 -14.55 9.26 -42.62
CA ALA B 214 -13.27 9.53 -43.28
C ALA B 214 -13.13 8.65 -44.52
N TRP B 215 -13.85 7.56 -44.60
CA TRP B 215 -13.78 6.63 -45.75
C TRP B 215 -14.68 7.21 -46.83
N ASP B 216 -15.80 7.74 -46.41
CA ASP B 216 -16.77 8.36 -47.34
C ASP B 216 -16.31 9.75 -47.77
N ASN B 217 -15.21 10.28 -47.23
CA ASN B 217 -14.63 11.57 -47.65
C ASN B 217 -13.29 11.27 -48.27
N THR B 218 -13.16 10.13 -48.93
CA THR B 218 -11.90 9.68 -49.55
C THR B 218 -12.20 8.83 -50.79
N MET C 1 -17.16 1.60 24.31
CA MET C 1 -17.18 0.19 23.84
C MET C 1 -18.01 -0.64 24.83
N LYS C 2 -19.13 -1.21 24.38
CA LYS C 2 -20.04 -1.98 25.25
C LYS C 2 -19.72 -3.47 25.11
N TYR C 3 -19.77 -4.22 26.21
CA TYR C 3 -19.55 -5.69 26.22
C TYR C 3 -20.86 -6.33 26.67
N PHE C 4 -21.66 -6.86 25.74
CA PHE C 4 -22.91 -7.56 26.08
C PHE C 4 -22.63 -9.05 26.26
N LEU C 5 -23.17 -9.68 27.28
CA LEU C 5 -22.99 -11.13 27.54
C LEU C 5 -24.00 -11.91 26.70
N ASP C 6 -23.50 -12.71 25.77
CA ASP C 6 -24.34 -13.56 24.90
C ASP C 6 -24.68 -14.82 25.69
N SER C 7 -25.57 -14.74 26.66
CA SER C 7 -25.91 -15.88 27.56
C SER C 7 -27.34 -15.76 28.06
N ALA C 8 -28.00 -16.88 28.37
CA ALA C 8 -29.37 -16.91 28.95
C ALA C 8 -29.32 -17.57 30.32
N ILE C 9 -28.17 -17.60 30.96
CA ILE C 9 -27.97 -18.21 32.31
C ILE C 9 -27.80 -17.07 33.32
N LEU C 10 -28.80 -16.77 34.15
CA LEU C 10 -28.78 -15.61 35.07
C LEU C 10 -27.58 -15.65 36.00
N GLU C 11 -26.96 -16.80 36.20
CA GLU C 11 -25.84 -16.95 37.16
C GLU C 11 -24.58 -16.31 36.58
N GLU C 12 -24.42 -16.33 35.26
CA GLU C 12 -23.24 -15.76 34.56
C GLU C 12 -23.54 -14.31 34.22
N ILE C 13 -24.80 -13.97 34.03
CA ILE C 13 -25.26 -12.58 33.75
C ILE C 13 -25.03 -11.79 35.04
N ARG C 14 -25.28 -12.37 36.19
CA ARG C 14 -25.15 -11.68 37.50
C ARG C 14 -23.67 -11.45 37.79
N TYR C 15 -22.81 -12.42 37.57
CA TYR C 15 -21.35 -12.29 37.78
C TYR C 15 -20.79 -11.22 36.85
N ALA C 16 -21.03 -11.31 35.58
CA ALA C 16 -20.51 -10.35 34.60
C ALA C 16 -21.01 -8.95 34.93
N TYR C 17 -22.27 -8.78 35.36
CA TYR C 17 -22.86 -7.45 35.61
C TYR C 17 -22.13 -6.79 36.77
N GLU C 18 -21.68 -7.55 37.75
CA GLU C 18 -21.05 -7.00 38.96
C GLU C 18 -19.53 -6.88 38.83
N ASN C 19 -18.88 -7.81 38.15
CA ASN C 19 -17.40 -7.88 38.18
C ASN C 19 -16.80 -7.35 36.86
N TRP C 20 -17.50 -7.53 35.74
CA TRP C 20 -16.91 -7.14 34.43
C TRP C 20 -17.61 -5.87 33.91
N ALA C 21 -18.66 -5.43 34.59
CA ALA C 21 -19.42 -4.24 34.15
C ALA C 21 -19.98 -4.46 32.75
N ILE C 22 -20.67 -5.58 32.52
CA ILE C 22 -21.33 -5.79 31.18
C ILE C 22 -22.37 -4.68 31.00
N ASP C 23 -22.61 -4.28 29.75
CA ASP C 23 -23.50 -3.14 29.49
C ASP C 23 -24.85 -3.63 28.96
N GLY C 24 -25.01 -4.94 28.82
CA GLY C 24 -26.26 -5.50 28.27
C GLY C 24 -26.18 -7.00 28.11
N VAL C 25 -27.25 -7.64 27.66
CA VAL C 25 -27.31 -9.13 27.51
C VAL C 25 -28.08 -9.46 26.24
N THR C 26 -27.66 -10.45 25.45
CA THR C 26 -28.40 -10.92 24.23
C THR C 26 -28.71 -12.41 24.31
N THR C 27 -29.88 -12.87 23.88
CA THR C 27 -30.30 -14.29 23.95
C THR C 27 -30.94 -14.79 22.65
N ASN C 28 -30.40 -15.84 22.02
CA ASN C 28 -31.03 -16.47 20.83
C ASN C 28 -31.82 -17.68 21.30
N PRO C 29 -32.76 -18.21 20.50
CA PRO C 29 -33.52 -19.41 20.84
C PRO C 29 -32.62 -20.57 21.29
N ARG C 30 -31.36 -20.61 20.86
CA ARG C 30 -30.43 -21.71 21.21
C ARG C 30 -29.86 -21.49 22.62
N HIS C 31 -29.67 -20.26 23.05
CA HIS C 31 -29.20 -19.99 24.42
C HIS C 31 -30.33 -20.29 25.40
N ILE C 32 -31.59 -20.12 25.01
CA ILE C 32 -32.77 -20.30 25.89
C ILE C 32 -33.13 -21.78 25.89
N MET C 33 -32.55 -22.55 24.99
CA MET C 33 -32.74 -24.01 24.96
C MET C 33 -31.64 -24.60 25.85
N ASN C 34 -30.46 -24.00 25.83
CA ASN C 34 -29.32 -24.49 26.64
C ASN C 34 -29.51 -24.05 28.10
N SER C 35 -30.38 -23.06 28.34
CA SER C 35 -30.67 -22.63 29.74
C SER C 35 -31.30 -23.79 30.50
N GLY C 36 -32.13 -24.59 29.85
CA GLY C 36 -32.83 -25.71 30.51
C GLY C 36 -34.13 -25.26 31.14
N LYS C 37 -34.39 -23.95 31.18
CA LYS C 37 -35.63 -23.37 31.77
C LYS C 37 -36.56 -23.01 30.61
N PRO C 38 -37.88 -22.93 30.86
CA PRO C 38 -38.78 -22.51 29.81
C PRO C 38 -38.46 -21.06 29.48
N PHE C 39 -38.86 -20.56 28.30
CA PHE C 39 -38.55 -19.20 27.82
C PHE C 39 -39.24 -18.18 28.70
N LEU C 40 -40.55 -18.28 28.81
CA LEU C 40 -41.36 -17.30 29.57
C LEU C 40 -40.84 -17.23 31.00
N THR C 41 -40.01 -18.18 31.44
CA THR C 41 -39.40 -18.15 32.78
C THR C 41 -38.06 -17.44 32.71
N VAL C 42 -37.23 -17.76 31.73
CA VAL C 42 -35.93 -17.08 31.53
C VAL C 42 -36.25 -15.60 31.45
N LEU C 43 -37.43 -15.26 30.96
CA LEU C 43 -37.87 -13.86 30.80
C LEU C 43 -38.22 -13.30 32.17
N ASP C 44 -39.19 -13.91 32.83
CA ASP C 44 -39.61 -13.48 34.19
C ASP C 44 -38.38 -13.19 35.04
N GLU C 45 -37.35 -14.02 34.96
CA GLU C 45 -36.17 -13.88 35.83
C GLU C 45 -35.32 -12.69 35.41
N PHE C 46 -35.28 -12.33 34.13
CA PHE C 46 -34.49 -11.17 33.63
C PHE C 46 -35.34 -9.93 33.87
N ALA C 47 -36.67 -10.06 33.75
CA ALA C 47 -37.62 -8.96 33.98
C ALA C 47 -37.58 -8.51 35.44
N SER C 48 -37.07 -9.34 36.33
CA SER C 48 -37.07 -9.06 37.78
C SER C 48 -35.66 -8.76 38.26
N GLU C 49 -34.65 -9.35 37.64
CA GLU C 49 -33.25 -9.18 38.08
C GLU C 49 -32.78 -7.80 37.67
N PHE C 50 -33.47 -7.17 36.74
CA PHE C 50 -33.05 -5.88 36.16
C PHE C 50 -34.19 -4.85 36.16
N LYS C 51 -35.32 -5.16 36.79
CA LYS C 51 -36.50 -4.26 36.84
C LYS C 51 -36.05 -2.85 37.17
N GLY C 52 -35.11 -2.71 38.09
CA GLY C 52 -34.68 -1.37 38.50
C GLY C 52 -33.71 -0.80 37.49
N VAL C 53 -32.91 -1.64 36.86
CA VAL C 53 -31.84 -1.20 35.94
C VAL C 53 -32.47 -0.67 34.66
N GLU C 54 -31.81 0.25 33.98
CA GLU C 54 -32.26 0.81 32.67
C GLU C 54 -30.97 1.09 31.90
N ASN C 55 -31.01 1.11 30.58
CA ASN C 55 -29.79 1.27 29.75
C ASN C 55 -29.06 -0.08 29.75
N PHE C 56 -29.68 -1.14 30.26
CA PHE C 56 -29.12 -2.52 30.24
C PHE C 56 -29.98 -3.27 29.23
N PRO C 57 -29.70 -3.18 27.91
CA PRO C 57 -30.56 -3.76 26.92
C PRO C 57 -30.59 -5.27 27.11
N ILE C 58 -31.73 -5.94 27.08
CA ILE C 58 -31.80 -7.43 27.13
C ILE C 58 -32.46 -7.92 25.84
N SER C 59 -31.73 -8.32 24.81
CA SER C 59 -32.30 -8.74 23.49
C SER C 59 -32.93 -10.11 23.56
N VAL C 60 -34.15 -10.28 23.07
CA VAL C 60 -34.92 -11.55 23.17
C VAL C 60 -35.66 -11.84 21.87
N GLU C 61 -35.44 -12.97 21.21
CA GLU C 61 -36.02 -13.27 19.86
C GLU C 61 -37.39 -13.95 19.92
N ILE C 62 -38.27 -13.71 18.95
CA ILE C 62 -39.66 -14.24 18.90
C ILE C 62 -39.72 -15.56 18.15
N ASN C 63 -40.90 -16.17 17.99
CA ASN C 63 -41.03 -17.52 17.38
C ASN C 63 -40.13 -17.47 16.16
N PRO C 64 -39.09 -18.31 16.06
CA PRO C 64 -38.27 -18.33 14.86
C PRO C 64 -39.11 -18.87 13.70
N HIS C 65 -40.38 -19.12 13.94
CA HIS C 65 -41.30 -19.70 12.91
C HIS C 65 -42.20 -18.59 12.34
N LEU C 66 -42.45 -17.51 13.06
CA LEU C 66 -43.31 -16.42 12.56
C LEU C 66 -42.78 -16.02 11.18
N ASP C 67 -43.66 -15.93 10.16
CA ASP C 67 -43.35 -15.65 8.74
C ASP C 67 -44.01 -14.35 8.28
N ASN C 68 -44.91 -13.76 9.07
CA ASN C 68 -45.65 -12.53 8.68
C ASN C 68 -45.21 -11.39 9.60
N ALA C 69 -45.04 -10.19 9.06
CA ALA C 69 -44.61 -9.01 9.83
C ALA C 69 -45.69 -8.63 10.83
N LYS C 70 -46.94 -9.03 10.60
CA LYS C 70 -48.08 -8.72 11.51
C LYS C 70 -48.02 -9.65 12.70
N ASP C 71 -47.81 -10.94 12.50
CA ASP C 71 -47.79 -11.93 13.60
C ASP C 71 -46.48 -11.72 14.36
N MET C 72 -45.49 -11.12 13.74
CA MET C 72 -44.21 -10.80 14.39
C MET C 72 -44.38 -9.53 15.21
N VAL C 73 -45.31 -8.66 14.83
CA VAL C 73 -45.58 -7.38 15.55
C VAL C 73 -46.36 -7.73 16.81
N GLU C 74 -47.32 -8.64 16.73
CA GLU C 74 -48.17 -9.03 17.88
C GLU C 74 -47.32 -9.75 18.93
N GLU C 75 -46.40 -10.63 18.53
CA GLU C 75 -45.63 -11.47 19.48
C GLU C 75 -44.59 -10.61 20.18
N GLY C 76 -43.88 -9.73 19.45
CA GLY C 76 -42.82 -8.90 20.02
C GLY C 76 -43.39 -7.78 20.88
N THR C 77 -44.62 -7.35 20.65
CA THR C 77 -45.29 -6.33 21.48
C THR C 77 -45.57 -6.94 22.86
N LYS C 78 -46.07 -8.18 22.90
CA LYS C 78 -46.35 -8.92 24.16
C LYS C 78 -45.04 -9.15 24.93
N ILE C 79 -44.00 -9.63 24.28
CA ILE C 79 -42.68 -9.89 24.92
C ILE C 79 -42.12 -8.56 25.42
N ALA C 80 -42.64 -7.42 24.99
CA ALA C 80 -42.08 -6.10 25.36
C ALA C 80 -42.94 -5.51 26.47
N LYS C 81 -44.14 -6.04 26.69
CA LYS C 81 -45.01 -5.64 27.81
C LYS C 81 -44.50 -6.34 29.06
N LEU C 82 -43.43 -7.12 28.94
CA LEU C 82 -42.82 -7.86 30.07
C LEU C 82 -41.81 -6.99 30.81
N SER C 83 -40.98 -6.22 30.13
CA SER C 83 -39.91 -5.44 30.79
C SER C 83 -39.46 -4.28 29.90
N SER C 84 -39.23 -3.12 30.48
CA SER C 84 -38.76 -1.95 29.75
C SER C 84 -37.41 -2.29 29.15
N ASN C 85 -36.67 -3.21 29.76
CA ASN C 85 -35.28 -3.52 29.34
C ASN C 85 -35.29 -4.43 28.12
N PHE C 86 -36.42 -5.00 27.73
CA PHE C 86 -36.48 -6.02 26.64
C PHE C 86 -36.43 -5.42 25.23
N VAL C 87 -35.40 -5.71 24.42
CA VAL C 87 -35.28 -5.27 23.00
C VAL C 87 -35.65 -6.45 22.10
N ILE C 88 -36.73 -6.37 21.35
CA ILE C 88 -37.20 -7.47 20.45
C ILE C 88 -36.16 -7.77 19.38
N LYS C 89 -35.63 -9.00 19.32
CA LYS C 89 -34.63 -9.40 18.30
C LYS C 89 -35.38 -10.02 17.11
N ILE C 90 -35.25 -9.45 15.91
CA ILE C 90 -35.99 -9.89 14.68
C ILE C 90 -34.99 -10.29 13.61
N PRO C 91 -35.19 -11.41 12.87
CA PRO C 91 -34.27 -11.82 11.81
C PRO C 91 -34.29 -10.86 10.61
N CYS C 92 -33.15 -10.69 9.95
CA CYS C 92 -33.09 -9.81 8.75
C CYS C 92 -33.77 -10.48 7.56
N THR C 93 -35.08 -10.56 7.51
CA THR C 93 -35.80 -11.20 6.38
C THR C 93 -36.73 -10.13 5.81
N GLU C 94 -37.56 -10.47 4.85
CA GLU C 94 -38.52 -9.51 4.25
C GLU C 94 -39.49 -9.13 5.35
N PRO C 95 -40.23 -10.07 5.94
CA PRO C 95 -41.21 -9.70 6.95
C PRO C 95 -40.58 -9.24 8.28
N GLY C 96 -39.31 -9.54 8.55
CA GLY C 96 -38.60 -9.09 9.75
C GLY C 96 -38.27 -7.61 9.66
N LEU C 97 -37.84 -7.15 8.49
CA LEU C 97 -37.47 -5.73 8.27
C LEU C 97 -38.75 -4.90 8.20
N ILE C 98 -39.86 -5.49 7.74
CA ILE C 98 -41.17 -4.79 7.68
C ILE C 98 -41.69 -4.71 9.12
N ALA C 99 -41.48 -5.77 9.91
CA ALA C 99 -41.95 -5.83 11.31
C ALA C 99 -41.07 -4.95 12.18
N ALA C 100 -39.80 -4.77 11.84
CA ALA C 100 -38.84 -3.97 12.63
C ALA C 100 -39.11 -2.50 12.39
N LYS C 101 -39.66 -2.15 11.23
CA LYS C 101 -39.99 -0.75 10.88
C LYS C 101 -41.25 -0.36 11.63
N GLU C 102 -42.24 -1.25 11.68
CA GLU C 102 -43.51 -1.00 12.42
C GLU C 102 -43.21 -0.89 13.91
N PHE C 103 -42.41 -1.82 14.43
CA PHE C 103 -42.01 -1.84 15.86
C PHE C 103 -41.34 -0.51 16.23
N GLU C 104 -40.37 -0.06 15.45
CA GLU C 104 -39.58 1.16 15.73
C GLU C 104 -40.50 2.38 15.64
N LYS C 105 -41.57 2.33 14.84
CA LYS C 105 -42.54 3.45 14.67
C LYS C 105 -43.42 3.51 15.92
N GLN C 106 -43.62 2.40 16.60
CA GLN C 106 -44.46 2.32 17.83
C GLN C 106 -43.58 2.55 19.05
N GLY C 107 -42.28 2.71 18.86
CA GLY C 107 -41.34 3.02 19.97
C GLY C 107 -40.80 1.77 20.65
N ILE C 108 -40.98 0.59 20.07
CA ILE C 108 -40.43 -0.69 20.62
C ILE C 108 -39.03 -0.89 20.04
N SER C 109 -37.98 -0.87 20.87
CA SER C 109 -36.57 -1.06 20.42
C SER C 109 -36.45 -2.44 19.76
N THR C 110 -35.76 -2.52 18.62
CA THR C 110 -35.61 -3.78 17.87
C THR C 110 -34.14 -4.06 17.59
N ASN C 111 -33.72 -5.32 17.57
CA ASN C 111 -32.34 -5.72 17.23
C ASN C 111 -32.43 -6.62 16.01
N VAL C 112 -32.30 -6.08 14.79
CA VAL C 112 -32.36 -6.87 13.53
C VAL C 112 -31.15 -7.81 13.53
N THR C 113 -31.34 -9.11 13.78
CA THR C 113 -30.23 -10.09 13.91
C THR C 113 -30.03 -10.90 12.62
N LEU C 114 -29.09 -11.83 12.61
CA LEU C 114 -28.79 -12.69 11.44
C LEU C 114 -28.52 -11.83 10.22
N VAL C 115 -27.63 -10.84 10.34
CA VAL C 115 -27.20 -10.00 9.20
C VAL C 115 -25.81 -10.49 8.84
N PHE C 116 -25.55 -10.85 7.58
CA PHE C 116 -24.27 -11.45 7.15
C PHE C 116 -23.68 -10.67 5.97
N SER C 117 -24.21 -9.50 5.64
CA SER C 117 -23.66 -8.64 4.57
C SER C 117 -23.91 -7.17 4.92
N PRO C 118 -23.12 -6.22 4.36
CA PRO C 118 -23.34 -4.81 4.62
C PRO C 118 -24.60 -4.30 3.91
N SER C 119 -25.17 -5.04 2.98
CA SER C 119 -26.37 -4.64 2.21
C SER C 119 -27.62 -4.99 3.00
N GLN C 120 -27.60 -6.09 3.73
CA GLN C 120 -28.72 -6.52 4.61
C GLN C 120 -28.68 -5.66 5.86
N ALA C 121 -27.55 -5.00 6.15
CA ALA C 121 -27.32 -4.20 7.37
C ALA C 121 -27.70 -2.74 7.17
N LEU C 122 -27.71 -2.25 5.94
CA LEU C 122 -28.09 -0.85 5.61
C LEU C 122 -29.59 -0.62 5.76
N GLN C 123 -30.44 -1.57 5.35
CA GLN C 123 -31.91 -1.43 5.46
C GLN C 123 -32.31 -1.31 6.93
N PRO C 124 -31.86 -2.19 7.85
CA PRO C 124 -32.15 -2.03 9.27
C PRO C 124 -31.83 -0.59 9.71
N ALA C 125 -30.75 0.01 9.24
CA ALA C 125 -30.35 1.37 9.59
C ALA C 125 -31.33 2.37 9.02
N ARG C 126 -31.84 2.11 7.84
CA ARG C 126 -32.73 3.04 7.13
C ARG C 126 -34.07 3.13 7.84
N ILE C 127 -34.52 2.07 8.50
CA ILE C 127 -35.82 2.04 9.21
C ILE C 127 -35.63 2.35 10.70
N GLY C 128 -34.46 2.82 11.15
CA GLY C 128 -34.29 3.25 12.55
C GLY C 128 -34.24 2.12 13.55
N ALA C 129 -33.70 0.97 13.19
CA ALA C 129 -33.54 -0.12 14.18
C ALA C 129 -32.57 0.37 15.26
N LYS C 130 -32.84 0.03 16.52
CA LYS C 130 -31.99 0.43 17.66
C LYS C 130 -30.65 -0.29 17.55
N PHE C 131 -30.66 -1.56 17.16
CA PHE C 131 -29.43 -2.39 17.06
C PHE C 131 -29.45 -3.21 15.78
N VAL C 132 -28.29 -3.52 15.23
CA VAL C 132 -28.13 -4.42 14.04
C VAL C 132 -27.01 -5.39 14.45
N SER C 133 -27.23 -6.69 14.43
CA SER C 133 -26.22 -7.70 14.87
C SER C 133 -25.57 -8.41 13.69
N PRO C 134 -24.44 -7.91 13.13
CA PRO C 134 -23.71 -8.64 12.08
C PRO C 134 -22.95 -9.86 12.65
N PHE C 135 -23.20 -11.07 12.15
CA PHE C 135 -22.60 -12.31 12.70
C PHE C 135 -21.23 -12.57 12.06
N VAL C 136 -20.24 -13.01 12.84
CA VAL C 136 -18.85 -13.27 12.36
C VAL C 136 -18.56 -14.78 12.41
N GLY C 137 -18.57 -15.41 13.58
CA GLY C 137 -18.24 -16.84 13.76
C GLY C 137 -18.83 -17.77 12.73
N TRP C 138 -20.12 -17.66 12.40
CA TRP C 138 -20.81 -18.61 11.48
C TRP C 138 -20.15 -18.59 10.11
N LYS C 139 -19.87 -17.40 9.57
CA LYS C 139 -19.28 -17.25 8.22
C LYS C 139 -17.88 -17.85 8.22
N GLU C 140 -17.11 -17.64 9.29
CA GLU C 140 -15.72 -18.12 9.43
C GLU C 140 -15.72 -19.66 9.47
N ASN C 141 -16.68 -20.26 10.15
CA ASN C 141 -16.72 -21.75 10.27
C ASN C 141 -16.81 -22.36 8.88
N SER C 142 -17.34 -21.61 7.91
CA SER C 142 -17.49 -22.13 6.52
C SER C 142 -16.33 -21.62 5.65
N GLY C 143 -15.31 -21.01 6.23
CA GLY C 143 -14.10 -20.58 5.48
C GLY C 143 -14.24 -19.21 4.85
N ASP C 144 -15.17 -18.39 5.32
CA ASP C 144 -15.39 -17.03 4.77
C ASP C 144 -14.76 -15.99 5.70
N ASP C 145 -14.05 -15.01 5.15
CA ASP C 145 -13.43 -13.92 5.94
C ASP C 145 -14.51 -12.88 6.27
N THR C 146 -14.54 -12.37 7.50
CA THR C 146 -15.62 -11.44 7.95
C THR C 146 -15.05 -10.04 8.17
N TYR C 149 -16.33 -7.10 6.06
CA TYR C 149 -17.69 -6.54 5.88
C TYR C 149 -18.11 -5.81 7.15
N ILE C 150 -17.48 -6.15 8.28
CA ILE C 150 -17.78 -5.49 9.58
C ILE C 150 -17.28 -4.04 9.51
N GLN C 151 -16.09 -3.84 8.98
CA GLN C 151 -15.53 -2.47 8.84
C GLN C 151 -16.39 -1.67 7.88
N ASP C 152 -16.84 -2.30 6.79
CA ASP C 152 -17.73 -1.63 5.81
C ASP C 152 -18.99 -1.11 6.51
N ILE C 153 -19.62 -1.97 7.32
CA ILE C 153 -20.87 -1.56 8.03
C ILE C 153 -20.55 -0.38 8.94
N VAL C 154 -19.45 -0.48 9.69
CA VAL C 154 -19.08 0.61 10.65
C VAL C 154 -18.87 1.89 9.84
N ASN C 155 -18.14 1.80 8.73
CA ASN C 155 -17.83 2.99 7.90
C ASN C 155 -19.10 3.56 7.28
N ILE C 156 -19.97 2.70 6.74
CA ILE C 156 -21.25 3.16 6.13
C ILE C 156 -22.08 3.85 7.20
N TYR C 157 -22.29 3.19 8.33
CA TYR C 157 -23.10 3.74 9.45
C TYR C 157 -22.55 5.13 9.76
N LYS C 158 -21.23 5.28 9.84
CA LYS C 158 -20.61 6.56 10.24
C LYS C 158 -20.79 7.59 9.12
N ASN C 159 -20.48 7.21 7.89
CA ASN C 159 -20.57 8.16 6.75
C ASN C 159 -21.98 8.74 6.65
N TYR C 160 -23.01 7.96 6.97
CA TYR C 160 -24.40 8.46 6.78
C TYR C 160 -25.03 8.82 8.13
N ASN C 161 -24.20 9.00 9.16
CA ASN C 161 -24.69 9.43 10.49
C ASN C 161 -25.92 8.61 10.89
N TYR C 162 -25.78 7.29 10.98
CA TYR C 162 -26.90 6.44 11.44
C TYR C 162 -26.76 6.24 12.95
N ASN C 163 -27.89 6.15 13.66
CA ASN C 163 -27.84 6.02 15.14
C ASN C 163 -27.84 4.54 15.52
N THR C 164 -28.28 3.66 14.61
CA THR C 164 -28.29 2.21 14.89
C THR C 164 -26.91 1.80 15.44
N GLU C 165 -26.89 1.05 16.54
CA GLU C 165 -25.63 0.61 17.19
C GLU C 165 -25.31 -0.80 16.69
N ILE C 166 -24.08 -1.05 16.24
CA ILE C 166 -23.69 -2.35 15.65
C ILE C 166 -23.27 -3.31 16.77
N ILE C 167 -23.86 -4.49 16.85
CA ILE C 167 -23.48 -5.52 17.86
C ILE C 167 -22.83 -6.68 17.11
N VAL C 168 -21.51 -6.67 16.97
CA VAL C 168 -20.76 -7.79 16.33
C VAL C 168 -21.10 -9.04 17.14
N ALA C 169 -21.65 -10.09 16.53
CA ALA C 169 -22.11 -11.30 17.24
C ALA C 169 -21.32 -12.54 16.81
N ALA C 170 -21.61 -13.69 17.40
CA ALA C 170 -20.92 -14.97 17.09
C ALA C 170 -19.41 -14.83 17.30
N LEU C 171 -18.97 -13.98 18.23
CA LEU C 171 -17.52 -13.81 18.56
C LEU C 171 -17.08 -15.03 19.35
N ARG C 172 -15.89 -15.59 19.07
CA ARG C 172 -15.41 -16.83 19.72
C ARG C 172 -14.08 -16.64 20.44
N ASN C 173 -13.38 -15.53 20.24
CA ASN C 173 -12.05 -15.29 20.87
C ASN C 173 -11.83 -13.79 21.08
N GLY C 174 -10.74 -13.40 21.71
CA GLY C 174 -10.46 -11.99 22.03
C GLY C 174 -9.73 -11.24 20.95
N LYS C 175 -9.13 -11.89 19.96
CA LYS C 175 -8.53 -11.15 18.83
C LYS C 175 -9.69 -10.73 17.93
N GLN C 176 -10.84 -11.40 18.02
CA GLN C 176 -12.05 -11.07 17.23
C GLN C 176 -12.75 -9.93 17.96
N ILE C 177 -12.63 -9.81 19.29
CA ILE C 177 -13.14 -8.66 20.08
C ILE C 177 -12.22 -7.48 19.77
N VAL C 178 -10.93 -7.73 19.54
CA VAL C 178 -9.94 -6.67 19.24
C VAL C 178 -10.13 -6.23 17.79
N ASP C 179 -10.64 -7.11 16.91
CA ASP C 179 -10.91 -6.78 15.50
C ASP C 179 -12.13 -5.86 15.44
N ALA C 180 -13.15 -6.15 16.25
CA ALA C 180 -14.40 -5.34 16.28
C ALA C 180 -14.07 -3.97 16.84
N ALA C 181 -13.24 -3.89 17.87
CA ALA C 181 -12.85 -2.62 18.51
C ALA C 181 -12.00 -1.80 17.55
N LYS C 182 -11.11 -2.44 16.79
CA LYS C 182 -10.24 -1.76 15.81
C LYS C 182 -11.10 -1.21 14.68
N ALA C 183 -12.22 -1.85 14.38
CA ALA C 183 -13.14 -1.42 13.31
C ALA C 183 -13.93 -0.21 13.80
N GLY C 184 -14.32 -0.18 15.06
CA GLY C 184 -15.14 0.90 15.62
C GLY C 184 -16.55 0.43 15.94
N ALA C 185 -16.77 -0.87 15.98
CA ALA C 185 -18.10 -1.41 16.35
C ALA C 185 -18.50 -0.86 17.71
N HIS C 186 -19.78 -0.60 17.90
CA HIS C 186 -20.32 0.01 19.14
C HIS C 186 -20.30 -1.02 20.26
N ILE C 187 -20.87 -2.20 20.02
CA ILE C 187 -20.99 -3.27 21.06
C ILE C 187 -20.40 -4.56 20.51
N VAL C 188 -19.98 -5.45 21.38
CA VAL C 188 -19.51 -6.81 20.99
C VAL C 188 -20.23 -7.75 21.95
N THR C 189 -20.96 -8.73 21.44
CA THR C 189 -21.64 -9.74 22.30
C THR C 189 -20.83 -11.03 22.27
N CYS C 190 -20.49 -11.58 23.42
CA CYS C 190 -19.63 -12.79 23.53
C CYS C 190 -20.08 -13.63 24.71
N GLY C 191 -19.81 -14.94 24.70
CA GLY C 191 -20.11 -15.83 25.84
C GLY C 191 -19.21 -15.52 27.03
N PHE C 192 -19.60 -15.94 28.23
CA PHE C 192 -18.85 -15.67 29.47
C PHE C 192 -17.38 -16.11 29.33
N ASP C 193 -17.12 -17.27 28.75
CA ASP C 193 -15.74 -17.83 28.66
C ASP C 193 -14.88 -17.05 27.67
N VAL C 194 -15.46 -16.54 26.59
CA VAL C 194 -14.72 -15.72 25.59
C VAL C 194 -14.20 -14.49 26.32
N TYR C 195 -14.98 -13.89 27.22
CA TYR C 195 -14.62 -12.65 27.95
C TYR C 195 -13.55 -12.95 29.00
N LYS C 196 -13.68 -14.04 29.74
CA LYS C 196 -12.69 -14.41 30.79
C LYS C 196 -11.32 -14.62 30.14
N GLU C 197 -11.25 -15.45 29.09
CA GLU C 197 -9.95 -15.78 28.46
C GLU C 197 -9.35 -14.52 27.83
N SER C 198 -10.17 -13.61 27.32
CA SER C 198 -9.72 -12.36 26.68
C SER C 198 -8.98 -11.49 27.69
N PHE C 199 -9.26 -11.65 28.98
CA PHE C 199 -8.65 -10.83 30.05
C PHE C 199 -7.36 -11.49 30.53
N GLN C 200 -7.01 -12.67 30.02
CA GLN C 200 -5.85 -13.45 30.51
C GLN C 200 -4.78 -13.59 29.44
N HIS C 201 -3.52 -13.74 29.83
CA HIS C 201 -2.38 -13.90 28.91
C HIS C 201 -1.32 -14.72 29.63
N ALA C 202 -0.56 -15.55 28.92
CA ALA C 202 0.50 -16.40 29.49
C ALA C 202 1.64 -15.53 30.01
N PHE C 203 1.93 -14.43 29.32
CA PHE C 203 3.04 -13.52 29.67
C PHE C 203 2.69 -12.79 30.97
N THR C 204 1.43 -12.72 31.36
CA THR C 204 1.00 -12.10 32.64
C THR C 204 1.34 -13.07 33.76
N ASP C 205 1.27 -14.37 33.49
CA ASP C 205 1.59 -15.42 34.49
C ASP C 205 3.10 -15.55 34.59
N TYR C 206 3.81 -15.33 33.48
CA TYR C 206 5.29 -15.38 33.44
C TYR C 206 5.82 -14.23 34.30
N GLY C 207 5.38 -13.00 34.02
CA GLY C 207 5.83 -11.82 34.78
C GLY C 207 5.45 -11.93 36.23
N LEU C 208 4.28 -12.47 36.52
CA LEU C 208 3.79 -12.64 37.90
C LEU C 208 4.75 -13.54 38.66
N ASN C 209 5.28 -14.57 38.00
CA ASN C 209 6.23 -15.51 38.64
C ASN C 209 7.56 -14.80 38.86
N LYS C 210 7.98 -13.97 37.90
CA LYS C 210 9.26 -13.22 38.00
C LYS C 210 9.13 -12.20 39.13
N PHE C 211 7.97 -11.56 39.26
CA PHE C 211 7.70 -10.55 40.31
C PHE C 211 7.48 -11.23 41.66
N ARG C 212 6.93 -12.44 41.68
CA ARG C 212 6.75 -13.21 42.92
C ARG C 212 8.14 -13.60 43.45
N ASN C 213 9.06 -14.01 42.59
CA ASN C 213 10.42 -14.44 42.98
C ASN C 213 11.16 -13.23 43.55
N ALA C 214 11.02 -12.06 42.94
CA ALA C 214 11.70 -10.82 43.38
C ALA C 214 11.17 -10.40 44.75
N TRP C 215 9.85 -10.30 44.90
CA TRP C 215 9.21 -9.96 46.20
C TRP C 215 9.80 -10.84 47.30
N ASP C 216 9.96 -12.13 47.02
CA ASP C 216 10.48 -13.08 48.04
C ASP C 216 11.95 -12.76 48.37
N ASN C 217 12.75 -12.43 47.36
CA ASN C 217 14.19 -12.10 47.58
C ASN C 217 14.30 -10.63 47.95
N THR C 218 13.37 -10.11 48.74
CA THR C 218 13.37 -8.68 49.13
C THR C 218 12.81 -8.55 50.55
N VAL C 219 13.33 -7.62 51.35
CA VAL C 219 12.76 -7.36 52.71
C VAL C 219 11.73 -6.23 52.60
N MET D 1 3.65 14.46 25.78
CA MET D 1 4.40 13.18 25.87
C MET D 1 5.11 13.13 27.22
N LYS D 2 4.74 12.19 28.09
CA LYS D 2 5.33 12.08 29.45
C LYS D 2 6.45 11.05 29.45
N TYR D 3 7.53 11.31 30.16
CA TYR D 3 8.68 10.38 30.29
C TYR D 3 8.76 9.97 31.76
N PHE D 4 8.27 8.78 32.12
CA PHE D 4 8.35 8.28 33.51
C PHE D 4 9.63 7.47 33.67
N LEU D 5 10.36 7.64 34.77
CA LEU D 5 11.61 6.88 35.04
C LEU D 5 11.24 5.54 35.66
N ASP D 6 11.55 4.45 34.97
CA ASP D 6 11.28 3.09 35.47
C ASP D 6 12.43 2.71 36.40
N SER D 7 12.47 3.26 37.61
CA SER D 7 13.59 3.05 38.57
C SER D 7 13.09 3.17 40.00
N ALA D 8 13.77 2.51 40.95
CA ALA D 8 13.45 2.61 42.39
C ALA D 8 14.66 3.23 43.09
N ILE D 9 15.61 3.76 42.35
CA ILE D 9 16.85 4.40 42.90
C ILE D 9 16.58 5.90 42.96
N LEU D 10 16.67 6.53 44.14
CA LEU D 10 16.30 7.96 44.29
C LEU D 10 17.42 8.89 43.82
N GLU D 11 18.63 8.40 43.57
CA GLU D 11 19.71 9.25 43.01
C GLU D 11 19.38 9.49 41.53
N GLU D 12 18.78 8.49 40.87
CA GLU D 12 18.43 8.58 39.44
C GLU D 12 17.09 9.28 39.28
N ILE D 13 16.19 9.13 40.26
CA ILE D 13 14.86 9.79 40.23
C ILE D 13 15.07 11.28 40.46
N ARG D 14 15.99 11.66 41.34
CA ARG D 14 16.28 13.08 41.68
C ARG D 14 16.98 13.78 40.54
N TYR D 15 17.92 13.13 39.89
CA TYR D 15 18.63 13.68 38.71
C TYR D 15 17.64 13.87 37.56
N ALA D 16 16.93 12.82 37.15
CA ALA D 16 16.01 12.88 35.99
C ALA D 16 14.93 13.94 36.20
N TYR D 17 14.49 14.18 37.44
CA TYR D 17 13.43 15.17 37.76
C TYR D 17 13.98 16.59 37.62
N GLU D 18 15.25 16.80 37.97
CA GLU D 18 15.82 18.17 37.95
C GLU D 18 16.46 18.50 36.61
N ASN D 19 16.83 17.49 35.81
CA ASN D 19 17.58 17.79 34.56
C ASN D 19 16.79 17.35 33.32
N TRP D 20 16.00 16.29 33.43
CA TRP D 20 15.30 15.76 32.22
C TRP D 20 13.81 16.09 32.30
N ALA D 21 13.36 16.65 33.43
CA ALA D 21 11.93 16.97 33.62
C ALA D 21 11.08 15.71 33.48
N ILE D 22 11.42 14.64 34.20
CA ILE D 22 10.56 13.42 34.18
C ILE D 22 9.18 13.80 34.74
N ASP D 23 8.13 13.15 34.26
CA ASP D 23 6.75 13.54 34.66
C ASP D 23 6.19 12.54 35.67
N GLY D 24 6.98 11.52 36.03
CA GLY D 24 6.48 10.49 36.95
C GLY D 24 7.50 9.37 37.14
N VAL D 25 7.21 8.40 37.99
CA VAL D 25 8.14 7.27 38.28
C VAL D 25 7.34 5.98 38.41
N THR D 26 7.76 4.92 37.72
CA THR D 26 7.10 3.60 37.80
C THR D 26 8.09 2.63 38.43
N THR D 27 7.63 1.73 39.29
CA THR D 27 8.50 0.73 39.98
C THR D 27 7.81 -0.63 39.92
N ASN D 28 8.56 -1.71 39.99
CA ASN D 28 8.00 -3.09 40.03
C ASN D 28 8.78 -3.85 41.11
N PRO D 29 8.27 -4.99 41.60
CA PRO D 29 8.94 -5.72 42.67
C PRO D 29 10.42 -5.99 42.37
N ARG D 30 10.82 -6.05 41.10
CA ARG D 30 12.22 -6.35 40.69
C ARG D 30 13.07 -5.09 40.83
N HIS D 31 12.51 -3.90 40.59
CA HIS D 31 13.23 -2.61 40.72
C HIS D 31 13.49 -2.32 42.20
N ILE D 32 12.56 -2.74 43.07
CA ILE D 32 12.70 -2.52 44.54
C ILE D 32 13.72 -3.51 45.08
N MET D 33 13.73 -4.74 44.56
CA MET D 33 14.74 -5.75 44.95
C MET D 33 16.12 -5.22 44.58
N ASN D 34 16.26 -4.64 43.39
CA ASN D 34 17.58 -4.15 42.91
C ASN D 34 17.95 -2.87 43.67
N SER D 35 16.97 -2.21 44.30
CA SER D 35 17.27 -1.00 45.12
C SER D 35 18.20 -1.38 46.27
N GLY D 36 18.02 -2.56 46.85
CA GLY D 36 18.83 -3.01 48.00
C GLY D 36 18.24 -2.54 49.31
N LYS D 37 17.22 -1.69 49.26
CA LYS D 37 16.54 -1.16 50.48
C LYS D 37 15.24 -1.93 50.66
N PRO D 38 14.65 -2.00 51.87
CA PRO D 38 13.37 -2.67 52.06
C PRO D 38 12.25 -1.89 51.34
N PHE D 39 11.18 -2.56 50.93
CA PHE D 39 10.08 -1.92 50.16
C PHE D 39 9.56 -0.70 50.91
N LEU D 40 9.20 -0.83 52.18
CA LEU D 40 8.60 0.27 52.97
C LEU D 40 9.58 1.44 53.05
N THR D 41 10.88 1.15 53.09
CA THR D 41 11.90 2.23 53.12
C THR D 41 11.85 3.01 51.81
N VAL D 42 11.94 2.30 50.69
CA VAL D 42 11.87 2.96 49.36
C VAL D 42 10.63 3.85 49.32
N LEU D 43 9.50 3.36 49.84
CA LEU D 43 8.23 4.12 49.79
C LEU D 43 8.34 5.38 50.65
N ASP D 44 8.86 5.27 51.87
CA ASP D 44 9.00 6.44 52.77
C ASP D 44 9.85 7.51 52.08
N GLU D 45 10.95 7.09 51.46
CA GLU D 45 11.85 8.06 50.78
C GLU D 45 11.10 8.72 49.63
N PHE D 46 10.38 7.94 48.83
CA PHE D 46 9.64 8.49 47.66
C PHE D 46 8.54 9.43 48.16
N ALA D 47 7.93 9.10 49.30
CA ALA D 47 6.83 9.93 49.84
C ALA D 47 7.37 11.29 50.29
N SER D 48 8.55 11.31 50.89
CA SER D 48 9.14 12.57 51.41
C SER D 48 9.74 13.37 50.25
N GLU D 49 10.47 12.71 49.36
CA GLU D 49 11.13 13.37 48.21
C GLU D 49 10.11 14.19 47.45
N PHE D 50 8.89 13.68 47.27
CA PHE D 50 7.89 14.37 46.43
C PHE D 50 6.67 14.72 47.29
N LYS D 51 6.88 14.96 48.58
CA LYS D 51 5.75 15.28 49.50
C LYS D 51 4.81 16.30 48.84
N GLY D 52 5.31 17.49 48.52
CA GLY D 52 4.44 18.53 47.96
C GLY D 52 4.24 18.40 46.46
N VAL D 53 5.26 17.91 45.74
CA VAL D 53 5.18 17.82 44.25
C VAL D 53 3.79 17.31 43.86
N GLU D 54 3.10 18.06 43.01
CA GLU D 54 1.78 17.62 42.51
C GLU D 54 1.94 17.12 41.07
N ASN D 55 0.98 16.32 40.59
CA ASN D 55 1.05 15.78 39.22
C ASN D 55 2.34 14.98 39.02
N PHE D 56 2.85 14.32 40.06
CA PHE D 56 4.02 13.43 39.89
C PHE D 56 3.62 12.03 40.31
N PRO D 57 3.01 11.23 39.40
CA PRO D 57 2.56 9.89 39.74
C PRO D 57 3.71 8.95 40.10
N ILE D 58 3.59 8.16 41.17
CA ILE D 58 4.63 7.17 41.58
C ILE D 58 3.99 5.79 41.63
N SER D 59 3.99 5.03 40.54
CA SER D 59 3.35 3.70 40.45
C SER D 59 4.07 2.71 41.37
N VAL D 60 3.34 2.05 42.26
CA VAL D 60 3.92 1.11 43.25
C VAL D 60 3.11 -0.18 43.21
N GLU D 61 3.72 -1.30 42.82
CA GLU D 61 3.01 -2.61 42.71
C GLU D 61 2.77 -3.22 44.09
N ILE D 62 1.58 -3.77 44.32
CA ILE D 62 1.21 -4.44 45.61
C ILE D 62 1.82 -5.85 45.61
N ASN D 63 1.65 -6.59 46.70
CA ASN D 63 2.18 -7.97 46.84
C ASN D 63 1.82 -8.79 45.61
N PRO D 64 2.78 -9.38 44.88
CA PRO D 64 2.47 -10.11 43.64
C PRO D 64 1.85 -11.48 43.95
N HIS D 65 1.84 -11.90 45.22
CA HIS D 65 1.28 -13.20 45.65
C HIS D 65 -0.23 -13.06 45.90
N LEU D 66 -0.73 -11.86 46.10
CA LEU D 66 -2.16 -11.63 46.38
C LEU D 66 -2.95 -12.28 45.25
N ASP D 67 -3.94 -13.10 45.54
CA ASP D 67 -4.75 -13.87 44.56
C ASP D 67 -6.22 -13.45 44.61
N ASN D 68 -6.64 -12.70 45.63
CA ASN D 68 -8.06 -12.30 45.82
C ASN D 68 -8.17 -10.78 45.63
N ALA D 69 -9.29 -10.33 45.08
CA ALA D 69 -9.57 -8.89 44.97
C ALA D 69 -9.61 -8.33 46.40
N LYS D 70 -10.47 -8.86 47.27
CA LYS D 70 -10.63 -8.36 48.67
C LYS D 70 -9.27 -8.15 49.32
N ASP D 71 -8.27 -8.94 48.98
CA ASP D 71 -6.95 -8.86 49.65
C ASP D 71 -6.06 -7.86 48.93
N MET D 72 -6.38 -7.56 47.67
CA MET D 72 -5.62 -6.57 46.89
C MET D 72 -6.06 -5.18 47.33
N VAL D 73 -7.37 -4.92 47.31
CA VAL D 73 -7.94 -3.61 47.70
C VAL D 73 -7.50 -3.25 49.11
N GLU D 74 -7.02 -4.19 49.90
CA GLU D 74 -6.65 -3.96 51.33
C GLU D 74 -5.18 -3.63 51.48
N GLU D 75 -4.33 -4.13 50.60
CA GLU D 75 -2.86 -3.93 50.71
C GLU D 75 -2.48 -2.67 49.97
N GLY D 76 -3.31 -2.22 49.03
CA GLY D 76 -3.05 -1.01 48.25
C GLY D 76 -3.83 0.16 48.78
N THR D 77 -4.85 -0.07 49.60
CA THR D 77 -5.58 1.03 50.28
C THR D 77 -4.64 1.50 51.37
N LYS D 78 -3.67 0.67 51.74
CA LYS D 78 -2.75 0.96 52.85
C LYS D 78 -1.43 1.49 52.28
N ILE D 79 -1.17 1.23 51.01
CA ILE D 79 0.05 1.71 50.32
C ILE D 79 -0.29 3.10 49.81
N ALA D 80 -1.57 3.34 49.50
CA ALA D 80 -2.03 4.62 48.96
C ALA D 80 -2.01 5.69 50.05
N LYS D 81 -2.29 5.35 51.30
CA LYS D 81 -2.37 6.37 52.37
C LYS D 81 -0.98 6.88 52.73
N LEU D 82 0.08 6.35 52.16
CA LEU D 82 1.45 6.72 52.57
C LEU D 82 1.92 7.91 51.74
N SER D 83 1.17 8.29 50.69
CA SER D 83 1.46 9.47 49.84
C SER D 83 0.37 9.61 48.79
N SER D 84 -0.04 10.84 48.47
CA SER D 84 -1.06 11.18 47.45
C SER D 84 -0.47 11.03 46.05
N ASN D 85 0.84 10.82 45.94
CA ASN D 85 1.51 10.67 44.64
C ASN D 85 1.53 9.18 44.25
N PHE D 86 1.20 8.30 45.19
CA PHE D 86 1.31 6.84 44.93
C PHE D 86 0.14 6.33 44.08
N VAL D 87 0.39 5.56 43.03
CA VAL D 87 -0.66 4.95 42.16
C VAL D 87 -0.53 3.43 42.25
N ILE D 88 -1.49 2.73 42.83
CA ILE D 88 -1.42 1.25 43.06
C ILE D 88 -1.29 0.53 41.72
N LYS D 89 -0.21 -0.24 41.50
CA LYS D 89 0.01 -1.02 40.26
C LYS D 89 -0.54 -2.42 40.47
N ILE D 90 -1.52 -2.86 39.67
CA ILE D 90 -2.20 -4.18 39.83
C ILE D 90 -2.02 -4.99 38.54
N PRO D 91 -1.71 -6.30 38.60
CA PRO D 91 -1.55 -7.13 37.41
C PRO D 91 -2.87 -7.34 36.66
N CYS D 92 -2.81 -7.45 35.32
CA CYS D 92 -4.03 -7.68 34.52
C CYS D 92 -4.51 -9.12 34.70
N THR D 93 -5.11 -9.45 35.81
CA THR D 93 -5.57 -10.81 36.13
C THR D 93 -7.06 -10.68 36.42
N GLU D 94 -7.81 -11.76 36.54
CA GLU D 94 -9.22 -11.64 36.98
C GLU D 94 -9.26 -10.88 38.30
N PRO D 95 -8.61 -11.34 39.36
CA PRO D 95 -8.74 -10.70 40.64
C PRO D 95 -8.18 -9.28 40.59
N GLY D 96 -7.27 -8.99 39.69
CA GLY D 96 -6.61 -7.67 39.56
C GLY D 96 -7.53 -6.68 38.90
N LEU D 97 -8.29 -7.10 37.89
CA LEU D 97 -9.22 -6.21 37.16
C LEU D 97 -10.45 -5.99 38.05
N ILE D 98 -10.81 -6.95 38.89
CA ILE D 98 -11.94 -6.80 39.84
C ILE D 98 -11.48 -5.85 40.94
N ALA D 99 -10.22 -5.96 41.37
CA ALA D 99 -9.65 -5.12 42.44
C ALA D 99 -9.40 -3.72 41.91
N ALA D 100 -9.11 -3.56 40.62
CA ALA D 100 -8.81 -2.26 40.01
C ALA D 100 -10.11 -1.49 39.81
N LYS D 101 -11.22 -2.19 39.65
CA LYS D 101 -12.55 -1.57 39.47
C LYS D 101 -13.02 -1.05 40.82
N GLU D 102 -12.83 -1.83 41.88
CA GLU D 102 -13.22 -1.41 43.26
C GLU D 102 -12.35 -0.23 43.68
N PHE D 103 -11.06 -0.33 43.44
CA PHE D 103 -10.11 0.74 43.78
C PHE D 103 -10.53 2.04 43.10
N GLU D 104 -10.78 2.03 41.79
CA GLU D 104 -11.14 3.23 40.99
C GLU D 104 -12.48 3.80 41.47
N LYS D 105 -13.36 2.97 42.02
CA LYS D 105 -14.69 3.38 42.53
C LYS D 105 -14.50 4.12 43.86
N GLN D 106 -13.44 3.80 44.59
CA GLN D 106 -13.14 4.43 45.91
C GLN D 106 -12.23 5.64 45.67
N GLY D 107 -11.83 5.91 44.44
CA GLY D 107 -11.02 7.08 44.10
C GLY D 107 -9.53 6.86 44.23
N ILE D 108 -9.09 5.60 44.35
CA ILE D 108 -7.64 5.25 44.42
C ILE D 108 -7.14 5.01 43.00
N SER D 109 -6.23 5.84 42.49
CA SER D 109 -5.66 5.69 41.12
C SER D 109 -4.99 4.33 41.00
N THR D 110 -5.20 3.63 39.89
CA THR D 110 -4.64 2.27 39.67
C THR D 110 -3.91 2.22 38.34
N ASN D 111 -2.83 1.44 38.25
CA ASN D 111 -2.07 1.23 37.00
C ASN D 111 -2.12 -0.27 36.69
N VAL D 112 -3.09 -0.73 35.89
CA VAL D 112 -3.23 -2.16 35.51
C VAL D 112 -2.00 -2.54 34.69
N THR D 113 -1.05 -3.27 35.24
CA THR D 113 0.24 -3.60 34.58
C THR D 113 0.22 -5.01 33.97
N LEU D 114 1.32 -5.44 33.36
CA LEU D 114 1.45 -6.78 32.74
C LEU D 114 0.32 -7.00 31.75
N VAL D 115 0.11 -6.06 30.83
CA VAL D 115 -0.90 -6.19 29.74
C VAL D 115 -0.08 -6.49 28.48
N PHE D 116 -0.37 -7.56 27.75
CA PHE D 116 0.43 -7.99 26.58
C PHE D 116 -0.47 -8.16 25.36
N SER D 117 -1.73 -7.72 25.40
CA SER D 117 -2.65 -7.77 24.24
C SER D 117 -3.61 -6.59 24.29
N PRO D 118 -4.20 -6.18 23.16
CA PRO D 118 -5.17 -5.08 23.15
C PRO D 118 -6.50 -5.51 23.79
N SER D 119 -6.78 -6.82 23.89
CA SER D 119 -8.03 -7.35 24.47
C SER D 119 -7.95 -7.32 25.99
N GLN D 120 -6.73 -7.37 26.51
CA GLN D 120 -6.46 -7.32 27.96
C GLN D 120 -6.41 -5.86 28.38
N ALA D 121 -6.15 -4.95 27.46
CA ALA D 121 -6.01 -3.51 27.73
C ALA D 121 -7.35 -2.80 27.63
N LEU D 122 -8.33 -3.38 26.97
CA LEU D 122 -9.67 -2.75 26.83
C LEU D 122 -10.45 -2.82 28.13
N GLN D 123 -10.40 -3.93 28.87
CA GLN D 123 -11.14 -4.07 30.15
C GLN D 123 -10.63 -3.05 31.16
N PRO D 124 -9.31 -2.90 31.40
CA PRO D 124 -8.81 -1.85 32.28
C PRO D 124 -9.43 -0.50 31.90
N ALA D 125 -9.72 -0.23 30.66
CA ALA D 125 -10.30 1.06 30.27
C ALA D 125 -11.79 1.03 30.53
N ARG D 126 -12.42 -0.13 30.44
CA ARG D 126 -13.88 -0.25 30.60
C ARG D 126 -14.22 -0.21 32.09
N ILE D 127 -13.24 0.00 32.97
CA ILE D 127 -13.42 0.07 34.44
C ILE D 127 -12.72 1.32 34.97
N GLY D 128 -12.32 2.24 34.10
CA GLY D 128 -11.80 3.56 34.51
C GLY D 128 -10.45 3.52 35.19
N ALA D 129 -9.57 2.59 34.80
CA ALA D 129 -8.20 2.60 35.36
C ALA D 129 -7.52 3.90 34.95
N LYS D 130 -6.74 4.50 35.85
CA LYS D 130 -6.02 5.77 35.57
C LYS D 130 -4.93 5.49 34.53
N PHE D 131 -4.26 4.36 34.63
CA PHE D 131 -3.15 3.99 33.71
C PHE D 131 -3.25 2.52 33.30
N VAL D 132 -2.77 2.18 32.11
CA VAL D 132 -2.70 0.79 31.62
C VAL D 132 -1.28 0.65 31.06
N SER D 133 -0.47 -0.29 31.52
CA SER D 133 0.95 -0.44 31.08
C SER D 133 1.13 -1.60 30.12
N PRO D 134 1.00 -1.39 28.79
CA PRO D 134 1.22 -2.45 27.83
C PRO D 134 2.73 -2.73 27.73
N PHE D 135 3.16 -3.99 27.75
CA PHE D 135 4.60 -4.33 27.80
C PHE D 135 5.17 -4.61 26.40
N VAL D 136 6.38 -4.13 26.11
CA VAL D 136 7.05 -4.29 24.79
C VAL D 136 8.24 -5.24 24.90
N GLY D 137 9.37 -4.83 25.50
CA GLY D 137 10.61 -5.63 25.61
C GLY D 137 10.45 -7.13 25.83
N TRP D 138 9.62 -7.58 26.76
CA TRP D 138 9.40 -9.00 27.12
C TRP D 138 8.91 -9.81 25.95
N LYS D 139 7.93 -9.31 25.21
CA LYS D 139 7.34 -10.03 24.06
C LYS D 139 8.39 -10.15 22.95
N GLU D 140 9.29 -9.19 22.83
CA GLU D 140 10.30 -9.11 21.75
C GLU D 140 11.53 -9.95 22.09
N ASN D 141 11.79 -10.20 23.36
CA ASN D 141 12.90 -11.07 23.79
C ASN D 141 12.55 -12.47 23.29
N SER D 142 11.26 -12.80 23.21
CA SER D 142 10.81 -14.15 22.79
C SER D 142 10.55 -14.18 21.29
N GLY D 143 10.93 -13.16 20.52
CA GLY D 143 10.82 -13.18 19.06
C GLY D 143 9.60 -12.49 18.54
N ASP D 144 8.58 -12.24 19.36
CA ASP D 144 7.31 -11.62 18.93
C ASP D 144 7.51 -10.14 18.61
N ASP D 145 6.49 -9.45 18.09
CA ASP D 145 6.61 -8.04 17.67
C ASP D 145 5.46 -7.18 18.22
N THR D 146 5.70 -5.91 18.47
CA THR D 146 4.67 -5.10 19.16
C THR D 146 4.25 -3.90 18.29
N TYR D 149 0.20 -3.95 18.21
CA TYR D 149 -0.79 -3.90 19.30
C TYR D 149 -0.65 -2.61 20.11
N ILE D 150 0.53 -1.98 20.15
CA ILE D 150 0.79 -0.77 20.97
C ILE D 150 0.25 0.39 20.15
N GLN D 151 -0.27 0.13 18.94
CA GLN D 151 -0.88 1.14 18.05
C GLN D 151 -2.36 0.81 18.00
N ASP D 152 -2.72 -0.45 18.08
CA ASP D 152 -4.13 -0.88 18.23
C ASP D 152 -4.72 -0.31 19.53
N ILE D 153 -3.99 -0.46 20.64
CA ILE D 153 -4.49 0.05 21.95
C ILE D 153 -4.68 1.56 21.86
N VAL D 154 -3.70 2.27 21.29
CA VAL D 154 -3.79 3.75 21.19
C VAL D 154 -5.03 4.08 20.35
N ASN D 155 -5.19 3.40 19.22
CA ASN D 155 -6.33 3.69 18.31
C ASN D 155 -7.66 3.36 18.99
N ILE D 156 -7.75 2.21 19.65
CA ILE D 156 -9.00 1.82 20.36
C ILE D 156 -9.32 2.86 21.43
N TYR D 157 -8.35 3.16 22.28
CA TYR D 157 -8.53 4.14 23.38
C TYR D 157 -9.08 5.43 22.76
N LYS D 158 -8.52 5.87 21.65
CA LYS D 158 -8.92 7.16 21.02
C LYS D 158 -10.33 7.01 20.43
N ASN D 159 -10.56 5.97 19.65
CA ASN D 159 -11.88 5.77 18.99
C ASN D 159 -13.00 5.79 20.02
N TYR D 160 -12.78 5.26 21.22
CA TYR D 160 -13.87 5.16 22.22
C TYR D 160 -13.71 6.22 23.31
N ASN D 161 -12.90 7.25 23.05
CA ASN D 161 -12.73 8.37 24.01
C ASN D 161 -12.53 7.82 25.42
N TYR D 162 -11.48 7.04 25.63
CA TYR D 162 -11.16 6.54 26.99
C TYR D 162 -10.15 7.50 27.62
N ASN D 163 -10.24 7.69 28.94
CA ASN D 163 -9.35 8.66 29.62
C ASN D 163 -8.10 7.92 30.13
N THR D 164 -8.18 6.61 30.26
CA THR D 164 -7.00 5.81 30.71
C THR D 164 -5.78 6.22 29.89
N GLU D 165 -4.65 6.50 30.56
CA GLU D 165 -3.40 6.93 29.87
C GLU D 165 -2.52 5.70 29.67
N ILE D 166 -2.01 5.48 28.45
CA ILE D 166 -1.21 4.27 28.12
C ILE D 166 0.24 4.51 28.50
N ILE D 167 0.84 3.63 29.30
CA ILE D 167 2.28 3.73 29.67
C ILE D 167 3.02 2.57 29.02
N VAL D 168 3.56 2.77 27.82
CA VAL D 168 4.36 1.72 27.12
C VAL D 168 5.51 1.38 28.06
N ALA D 169 5.67 0.12 28.47
CA ALA D 169 6.68 -0.29 29.47
C ALA D 169 7.69 -1.27 28.85
N ALA D 170 8.69 -1.70 29.62
CA ALA D 170 9.75 -2.63 29.16
C ALA D 170 10.48 -2.05 27.95
N LEU D 171 10.57 -0.72 27.81
CA LEU D 171 11.31 -0.07 26.70
C LEU D 171 12.80 -0.23 26.96
N ARG D 172 13.60 -0.54 25.93
CA ARG D 172 15.05 -0.83 26.10
C ARG D 172 15.93 0.09 25.26
N ASN D 173 15.37 0.86 24.32
CA ASN D 173 16.15 1.76 23.44
C ASN D 173 15.31 2.97 23.02
N GLY D 174 15.95 4.02 22.51
CA GLY D 174 15.26 5.25 22.11
C GLY D 174 14.46 5.09 20.83
N LYS D 175 14.80 4.11 20.02
CA LYS D 175 14.05 3.80 18.79
C LYS D 175 12.69 3.22 19.18
N GLN D 176 12.54 2.72 20.40
CA GLN D 176 11.28 2.16 20.89
C GLN D 176 10.53 3.30 21.57
N ILE D 177 11.26 4.33 22.00
CA ILE D 177 10.65 5.54 22.57
C ILE D 177 10.02 6.25 21.39
N VAL D 178 10.65 6.17 20.22
CA VAL D 178 10.19 6.89 18.99
C VAL D 178 9.03 6.11 18.38
N ASP D 179 8.95 4.80 18.59
CA ASP D 179 7.85 3.97 18.10
C ASP D 179 6.59 4.27 18.91
N ALA D 180 6.73 4.44 20.22
CA ALA D 180 5.60 4.72 21.12
C ALA D 180 5.08 6.12 20.82
N ALA D 181 5.96 7.08 20.57
CA ALA D 181 5.59 8.48 20.27
C ALA D 181 4.90 8.53 18.90
N LYS D 182 5.37 7.76 17.94
CA LYS D 182 4.79 7.72 16.58
C LYS D 182 3.39 7.11 16.66
N ALA D 183 3.15 6.21 17.62
CA ALA D 183 1.84 5.54 17.80
C ALA D 183 0.88 6.54 18.45
N GLY D 184 1.36 7.37 19.36
CA GLY D 184 0.50 8.31 20.10
C GLY D 184 0.34 7.92 21.55
N ALA D 185 1.17 7.01 22.05
CA ALA D 185 1.13 6.62 23.47
C ALA D 185 1.27 7.87 24.34
N HIS D 186 0.58 7.90 25.48
CA HIS D 186 0.55 9.06 26.39
C HIS D 186 1.89 9.15 27.11
N ILE D 187 2.32 8.07 27.75
CA ILE D 187 3.56 8.06 28.56
C ILE D 187 4.46 6.93 28.09
N VAL D 188 5.76 7.03 28.33
CA VAL D 188 6.72 5.94 28.04
C VAL D 188 7.56 5.82 29.31
N THR D 189 7.65 4.64 29.91
CA THR D 189 8.48 4.41 31.11
C THR D 189 9.76 3.70 30.68
N CYS D 190 10.93 4.22 31.06
CA CYS D 190 12.24 3.67 30.63
C CYS D 190 13.25 3.83 31.76
N GLY D 191 14.29 3.00 31.79
CA GLY D 191 15.37 3.14 32.78
C GLY D 191 16.21 4.38 32.51
N PHE D 192 16.97 4.86 33.49
CA PHE D 192 17.79 6.08 33.37
C PHE D 192 18.70 6.00 32.16
N ASP D 193 19.34 4.86 31.90
CA ASP D 193 20.34 4.73 30.82
C ASP D 193 19.67 4.75 29.45
N VAL D 194 18.47 4.19 29.32
CA VAL D 194 17.71 4.21 28.03
C VAL D 194 17.47 5.67 27.67
N TYR D 195 17.15 6.53 28.64
CA TYR D 195 16.84 7.97 28.39
C TYR D 195 18.11 8.74 28.05
N LYS D 196 19.20 8.50 28.74
CA LYS D 196 20.49 9.20 28.46
C LYS D 196 20.93 8.90 27.04
N GLU D 197 21.00 7.62 26.66
CA GLU D 197 21.51 7.24 25.33
C GLU D 197 20.57 7.77 24.24
N SER D 198 19.27 7.85 24.51
CA SER D 198 18.26 8.34 23.55
C SER D 198 18.52 9.80 23.21
N PHE D 199 19.20 10.54 24.08
CA PHE D 199 19.48 11.98 23.89
C PHE D 199 20.80 12.15 23.15
N GLN D 200 21.52 11.07 22.89
CA GLN D 200 22.89 11.15 22.29
C GLN D 200 22.92 10.53 20.89
N HIS D 201 23.82 10.98 20.03
CA HIS D 201 23.99 10.47 18.65
C HIS D 201 25.45 10.66 18.26
N ALA D 202 26.02 9.76 17.46
CA ALA D 202 27.41 9.82 17.02
C ALA D 202 27.61 11.02 16.10
N PHE D 203 26.61 11.33 15.28
CA PHE D 203 26.68 12.45 14.30
C PHE D 203 26.67 13.78 15.05
N THR D 204 26.25 13.82 16.31
CA THR D 204 26.28 15.05 17.14
C THR D 204 27.72 15.27 17.58
N ASP D 205 28.46 14.19 17.81
CA ASP D 205 29.89 14.25 18.24
C ASP D 205 30.74 14.55 17.01
N TYR D 206 30.33 14.07 15.83
CA TYR D 206 31.03 14.35 14.56
C TYR D 206 30.93 15.83 14.25
N GLY D 207 29.71 16.37 14.24
CA GLY D 207 29.48 17.80 13.96
C GLY D 207 30.16 18.68 14.99
N LEU D 208 30.14 18.24 16.25
CA LEU D 208 30.76 19.01 17.35
C LEU D 208 32.25 19.14 17.08
N ASN D 209 32.88 18.10 16.54
CA ASN D 209 34.34 18.12 16.24
C ASN D 209 34.56 19.04 15.04
N LYS D 210 33.68 19.02 14.05
CA LYS D 210 33.80 19.88 12.85
C LYS D 210 33.62 21.33 13.27
N PHE D 211 32.70 21.62 14.18
CA PHE D 211 32.40 22.98 14.69
C PHE D 211 33.50 23.42 15.65
N ARG D 212 34.16 22.49 16.35
CA ARG D 212 35.23 22.85 17.31
C ARG D 212 36.49 23.17 16.50
N ASN D 213 36.58 22.64 15.29
CA ASN D 213 37.74 22.88 14.40
C ASN D 213 37.65 24.29 13.84
N ALA D 214 36.50 24.67 13.33
CA ALA D 214 36.26 26.01 12.75
C ALA D 214 36.47 27.07 13.81
N TRP D 215 35.85 26.90 14.96
CA TRP D 215 35.93 27.90 16.03
C TRP D 215 37.39 28.25 16.27
N ASP D 216 38.30 27.32 16.06
CA ASP D 216 39.75 27.52 16.34
C ASP D 216 40.43 28.16 15.12
N ASN D 217 39.80 28.09 13.96
CA ASN D 217 40.32 28.75 12.73
C ASN D 217 39.47 29.99 12.49
N THR D 218 39.05 30.68 13.55
CA THR D 218 38.30 31.95 13.47
C THR D 218 38.94 32.87 14.50
N VAL D 219 38.57 34.16 14.53
CA VAL D 219 39.06 35.12 15.57
C VAL D 219 37.90 35.43 16.51
N MET E 1 5.26 28.46 5.48
CA MET E 1 6.61 27.87 5.47
C MET E 1 7.58 29.03 5.55
N LYS E 2 8.57 28.95 6.44
CA LYS E 2 9.53 30.03 6.64
C LYS E 2 10.80 29.61 5.96
N TYR E 3 11.61 30.55 5.53
CA TYR E 3 12.84 30.27 4.79
C TYR E 3 13.94 31.07 5.43
N PHE E 4 14.80 30.40 6.18
CA PHE E 4 15.90 31.08 6.86
C PHE E 4 17.16 30.89 6.05
N LEU E 5 17.90 31.92 5.87
CA LEU E 5 19.17 31.88 5.10
C LEU E 5 20.27 31.33 6.01
N ASP E 6 20.82 30.18 5.65
CA ASP E 6 21.92 29.55 6.40
C ASP E 6 23.22 30.21 5.94
N SER E 7 23.50 31.43 6.37
CA SER E 7 24.68 32.20 5.91
C SER E 7 25.12 33.20 6.98
N ALA E 8 26.40 33.57 6.99
CA ALA E 8 26.95 34.57 7.93
C ALA E 8 27.45 35.76 7.09
N ILE E 9 27.14 35.80 5.80
CA ILE E 9 27.56 36.89 4.88
C ILE E 9 26.40 37.88 4.81
N LEU E 10 26.63 39.16 5.14
CA LEU E 10 25.52 40.16 5.23
C LEU E 10 25.15 40.68 3.84
N GLU E 11 25.94 40.45 2.80
CA GLU E 11 25.55 40.85 1.43
C GLU E 11 24.44 39.90 0.96
N GLU E 12 24.50 38.64 1.38
CA GLU E 12 23.52 37.61 0.98
C GLU E 12 22.31 37.69 1.91
N ILE E 13 22.51 38.08 3.15
CA ILE E 13 21.40 38.20 4.15
C ILE E 13 20.58 39.42 3.74
N ARG E 14 21.23 40.51 3.32
CA ARG E 14 20.57 41.78 2.91
C ARG E 14 19.75 41.56 1.65
N TYR E 15 20.31 40.89 0.64
CA TYR E 15 19.63 40.59 -0.63
C TYR E 15 18.43 39.69 -0.37
N ALA E 16 18.61 38.53 0.26
CA ALA E 16 17.52 37.56 0.49
C ALA E 16 16.38 38.19 1.29
N TYR E 17 16.66 39.13 2.19
CA TYR E 17 15.63 39.79 3.03
C TYR E 17 14.82 40.77 2.19
N GLU E 18 15.45 41.43 1.23
CA GLU E 18 14.75 42.47 0.44
C GLU E 18 14.10 41.88 -0.82
N ASN E 19 14.56 40.73 -1.30
CA ASN E 19 14.04 40.21 -2.59
C ASN E 19 13.33 38.87 -2.40
N TRP E 20 13.75 38.06 -1.45
CA TRP E 20 13.16 36.69 -1.31
C TRP E 20 12.27 36.65 -0.07
N ALA E 21 12.26 37.71 0.73
CA ALA E 21 11.46 37.75 1.97
C ALA E 21 11.87 36.62 2.91
N ILE E 22 13.17 36.48 3.18
CA ILE E 22 13.61 35.45 4.18
C ILE E 22 12.99 35.80 5.53
N ASP E 23 12.71 34.80 6.36
CA ASP E 23 11.99 35.06 7.63
C ASP E 23 12.97 34.96 8.81
N GLY E 24 14.24 34.70 8.53
CA GLY E 24 15.23 34.54 9.61
C GLY E 24 16.59 34.15 9.07
N VAL E 25 17.60 34.02 9.93
CA VAL E 25 18.98 33.68 9.51
C VAL E 25 19.59 32.71 10.54
N THR E 26 20.16 31.61 10.08
CA THR E 26 20.83 30.62 10.98
C THR E 26 22.31 30.64 10.63
N THR E 27 23.19 30.53 11.62
CA THR E 27 24.66 30.53 11.43
C THR E 27 25.26 29.43 12.28
N ASN E 28 26.42 28.91 11.90
CA ASN E 28 27.15 27.89 12.70
C ASN E 28 28.62 28.29 12.70
N PRO E 29 29.45 27.75 13.63
CA PRO E 29 30.85 28.17 13.70
C PRO E 29 31.57 28.10 12.36
N ARG E 30 31.13 27.25 11.44
CA ARG E 30 31.78 27.07 10.11
C ARG E 30 31.37 28.20 9.17
N HIS E 31 30.14 28.71 9.28
CA HIS E 31 29.64 29.83 8.44
C HIS E 31 30.35 31.12 8.87
N ILE E 32 30.67 31.25 10.16
CA ILE E 32 31.35 32.47 10.69
C ILE E 32 32.82 32.40 10.29
N MET E 33 33.42 31.22 10.30
CA MET E 33 34.81 31.02 9.84
C MET E 33 34.88 31.42 8.37
N ASN E 34 33.92 31.00 7.57
CA ASN E 34 33.93 31.29 6.10
C ASN E 34 33.61 32.77 5.87
N SER E 35 33.02 33.45 6.85
CA SER E 35 32.75 34.89 6.74
C SER E 35 34.05 35.65 6.56
N GLY E 36 35.12 35.22 7.24
CA GLY E 36 36.42 35.91 7.19
C GLY E 36 36.51 37.01 8.21
N LYS E 37 35.43 37.33 8.91
CA LYS E 37 35.39 38.43 9.92
C LYS E 37 35.44 37.81 11.32
N PRO E 38 35.79 38.54 12.39
CA PRO E 38 35.75 37.98 13.75
C PRO E 38 34.31 37.72 14.23
N PHE E 39 34.06 36.70 15.04
CA PHE E 39 32.71 36.31 15.50
C PHE E 39 32.02 37.52 16.11
N LEU E 40 32.78 38.34 16.80
CA LEU E 40 32.19 39.48 17.52
C LEU E 40 31.71 40.50 16.50
N THR E 41 32.48 40.73 15.44
CA THR E 41 32.12 41.71 14.39
C THR E 41 30.88 41.21 13.66
N VAL E 42 30.85 39.95 13.27
CA VAL E 42 29.71 39.33 12.54
C VAL E 42 28.49 39.41 13.45
N LEU E 43 28.69 39.48 14.75
CA LEU E 43 27.56 39.49 15.72
C LEU E 43 27.16 40.92 16.02
N ASP E 44 27.93 41.92 15.60
CA ASP E 44 27.65 43.35 15.86
C ASP E 44 27.20 44.02 14.58
N GLU E 45 27.26 43.32 13.46
CA GLU E 45 26.79 43.85 12.17
C GLU E 45 25.41 43.27 11.97
N PHE E 46 25.16 42.05 12.42
CA PHE E 46 23.81 41.44 12.39
C PHE E 46 22.89 42.18 13.35
N ALA E 47 23.43 42.63 14.49
CA ALA E 47 22.61 43.33 15.50
C ALA E 47 22.15 44.68 14.96
N SER E 48 23.02 45.37 14.23
CA SER E 48 22.67 46.71 13.71
C SER E 48 21.78 46.58 12.47
N GLU E 49 22.11 45.66 11.57
CA GLU E 49 21.36 45.44 10.32
C GLU E 49 19.89 45.23 10.65
N PHE E 50 19.57 44.50 11.72
CA PHE E 50 18.17 44.16 12.04
C PHE E 50 17.81 44.72 13.41
N LYS E 51 18.42 45.84 13.79
CA LYS E 51 18.15 46.47 15.11
C LYS E 51 16.65 46.49 15.38
N GLY E 52 15.87 47.16 14.54
CA GLY E 52 14.42 47.29 14.80
C GLY E 52 13.63 46.10 14.29
N VAL E 53 14.07 45.49 13.19
CA VAL E 53 13.32 44.35 12.57
C VAL E 53 12.81 43.44 13.68
N GLU E 54 11.50 43.19 13.71
CA GLU E 54 10.93 42.25 14.70
C GLU E 54 10.60 40.94 14.00
N ASN E 55 10.44 39.86 14.76
CA ASN E 55 10.14 38.53 14.18
C ASN E 55 11.21 38.14 13.14
N PHE E 56 12.46 38.52 13.35
CA PHE E 56 13.55 38.07 12.45
C PHE E 56 14.58 37.32 13.30
N PRO E 57 14.37 36.02 13.57
CA PRO E 57 15.27 35.25 14.40
C PRO E 57 16.67 35.12 13.79
N ILE E 58 17.74 35.31 14.57
CA ILE E 58 19.14 35.16 14.09
C ILE E 58 19.85 34.14 14.97
N SER E 59 19.79 32.85 14.61
CA SER E 59 20.39 31.74 15.40
C SER E 59 21.91 31.88 15.43
N VAL E 60 22.50 31.91 16.62
CA VAL E 60 23.97 32.10 16.80
C VAL E 60 24.48 31.02 17.76
N GLU E 61 25.35 30.12 17.30
CA GLU E 61 25.88 29.02 18.13
C GLU E 61 26.94 29.51 19.11
N ILE E 62 26.92 29.05 20.35
CA ILE E 62 27.90 29.50 21.38
C ILE E 62 29.18 28.68 21.17
N ASN E 63 30.16 28.83 22.04
CA ASN E 63 31.46 28.12 21.94
C ASN E 63 31.21 26.62 21.86
N PRO E 64 31.69 25.91 20.82
CA PRO E 64 31.40 24.49 20.67
C PRO E 64 32.24 23.64 21.63
N HIS E 65 33.21 24.25 22.31
CA HIS E 65 34.08 23.54 23.29
C HIS E 65 33.42 23.50 24.66
N LEU E 66 32.42 24.35 24.91
CA LEU E 66 31.66 24.36 26.19
C LEU E 66 31.19 22.94 26.50
N ASP E 67 31.50 22.41 27.68
CA ASP E 67 31.14 21.02 28.07
C ASP E 67 30.19 21.01 29.26
N ASN E 68 29.99 22.15 29.94
CA ASN E 68 29.14 22.24 31.15
C ASN E 68 27.92 23.11 30.82
N ALA E 69 26.75 22.73 31.32
CA ALA E 69 25.49 23.47 31.07
C ALA E 69 25.56 24.83 31.76
N LYS E 70 26.59 25.09 32.56
CA LYS E 70 26.78 26.36 33.29
C LYS E 70 27.63 27.37 32.53
N ASP E 71 28.82 26.98 32.08
CA ASP E 71 29.73 27.87 31.31
C ASP E 71 29.08 28.17 29.98
N MET E 72 28.06 27.40 29.59
CA MET E 72 27.34 27.57 28.30
C MET E 72 26.07 28.41 28.51
N VAL E 73 25.59 28.58 29.74
CA VAL E 73 24.42 29.44 30.06
C VAL E 73 24.97 30.77 30.52
N GLU E 74 26.28 30.90 30.64
CA GLU E 74 26.94 32.18 30.99
C GLU E 74 27.44 32.85 29.73
N GLU E 75 27.93 32.06 28.77
CA GLU E 75 28.48 32.59 27.49
C GLU E 75 27.32 32.87 26.54
N GLY E 76 26.27 32.07 26.60
CA GLY E 76 25.09 32.23 25.74
C GLY E 76 24.28 33.41 26.19
N THR E 77 24.05 33.57 27.49
CA THR E 77 23.32 34.74 28.03
C THR E 77 23.99 36.00 27.49
N LYS E 78 25.32 36.02 27.42
CA LYS E 78 26.09 37.20 26.95
C LYS E 78 25.65 37.59 25.53
N ILE E 79 25.65 36.65 24.60
CA ILE E 79 25.28 36.92 23.17
C ILE E 79 23.83 37.39 23.12
N ALA E 80 22.94 36.79 23.90
CA ALA E 80 21.49 37.08 23.83
C ALA E 80 21.21 38.51 24.27
N LYS E 81 22.13 39.13 24.99
CA LYS E 81 21.98 40.53 25.47
C LYS E 81 22.35 41.48 24.35
N LEU E 82 23.25 41.08 23.43
CA LEU E 82 23.77 41.95 22.35
C LEU E 82 22.70 42.19 21.28
N SER E 83 21.54 41.56 21.35
CA SER E 83 20.43 41.83 20.40
C SER E 83 19.21 40.96 20.72
N SER E 84 18.01 41.48 20.54
CA SER E 84 16.75 40.78 20.85
C SER E 84 16.38 39.80 19.72
N ASN E 85 17.10 39.88 18.60
CA ASN E 85 16.83 39.00 17.44
C ASN E 85 17.68 37.73 17.56
N PHE E 86 18.65 37.72 18.47
CA PHE E 86 19.59 36.58 18.58
C PHE E 86 18.94 35.38 19.29
N VAL E 87 19.05 34.17 18.74
CA VAL E 87 18.52 32.92 19.36
C VAL E 87 19.71 31.99 19.63
N ILE E 88 20.06 31.72 20.88
CA ILE E 88 21.25 30.89 21.24
C ILE E 88 21.11 29.48 20.65
N LYS E 89 22.04 29.06 19.79
CA LYS E 89 22.03 27.70 19.19
C LYS E 89 22.89 26.77 20.06
N ILE E 90 22.31 25.71 20.62
CA ILE E 90 23.00 24.78 21.56
C ILE E 90 22.98 23.37 20.97
N PRO E 91 24.09 22.59 20.98
CA PRO E 91 24.10 21.27 20.36
C PRO E 91 23.18 20.31 21.13
N CYS E 92 22.84 19.16 20.55
CA CYS E 92 21.95 18.15 21.20
C CYS E 92 22.78 17.25 22.14
N THR E 93 23.63 17.83 22.99
CA THR E 93 24.45 17.07 23.98
C THR E 93 23.65 16.98 25.28
N GLU E 94 24.16 16.28 26.30
CA GLU E 94 23.47 16.25 27.62
C GLU E 94 23.70 17.61 28.27
N PRO E 95 24.93 18.10 28.40
CA PRO E 95 25.14 19.46 28.88
C PRO E 95 24.41 20.57 28.09
N GLY E 96 23.94 20.34 26.87
CA GLY E 96 23.25 21.26 25.96
C GLY E 96 21.76 21.28 26.23
N LEU E 97 21.17 20.12 26.48
CA LEU E 97 19.72 20.00 26.76
C LEU E 97 19.44 20.50 28.17
N ILE E 98 20.41 20.38 29.08
CA ILE E 98 20.27 20.90 30.46
C ILE E 98 20.40 22.42 30.39
N ALA E 99 21.29 22.92 29.54
CA ALA E 99 21.54 24.36 29.37
C ALA E 99 20.39 24.99 28.60
N ALA E 100 19.73 24.25 27.71
CA ALA E 100 18.63 24.77 26.87
C ALA E 100 17.37 24.87 27.72
N LYS E 101 17.26 24.04 28.76
CA LYS E 101 16.08 24.04 29.67
C LYS E 101 16.22 25.24 30.59
N GLU E 102 17.41 25.48 31.12
CA GLU E 102 17.70 26.63 32.02
C GLU E 102 17.45 27.93 31.26
N PHE E 103 18.05 28.11 30.09
CA PHE E 103 17.83 29.29 29.23
C PHE E 103 16.36 29.49 28.95
N GLU E 104 15.66 28.46 28.55
CA GLU E 104 14.24 28.57 28.18
C GLU E 104 13.42 28.99 29.38
N LYS E 105 13.86 28.71 30.59
CA LYS E 105 13.21 29.06 31.88
C LYS E 105 13.50 30.54 32.18
N GLN E 106 14.61 31.08 31.68
CA GLN E 106 15.00 32.50 31.91
C GLN E 106 14.45 33.35 30.76
N GLY E 107 13.80 32.75 29.78
CA GLY E 107 13.16 33.47 28.67
C GLY E 107 14.10 33.74 27.51
N ILE E 108 15.26 33.07 27.46
CA ILE E 108 16.23 33.20 26.34
C ILE E 108 15.87 32.14 25.29
N SER E 109 15.45 32.54 24.08
CA SER E 109 15.10 31.60 22.99
C SER E 109 16.30 30.74 22.65
N THR E 110 16.12 29.44 22.46
CA THR E 110 17.23 28.50 22.18
C THR E 110 16.91 27.68 20.93
N ASN E 111 17.91 27.33 20.14
CA ASN E 111 17.75 26.46 18.95
C ASN E 111 18.61 25.23 19.17
N VAL E 112 18.07 24.14 19.72
CA VAL E 112 18.82 22.87 19.97
C VAL E 112 19.22 22.31 18.60
N THR E 113 20.48 22.41 18.22
CA THR E 113 20.96 22.00 16.87
C THR E 113 21.63 20.62 16.92
N LEU E 114 22.16 20.11 15.81
CA LEU E 114 22.85 18.80 15.72
C LEU E 114 21.97 17.68 16.25
N VAL E 115 20.69 17.64 15.89
CA VAL E 115 19.73 16.56 16.26
C VAL E 115 19.63 15.63 15.05
N PHE E 116 19.90 14.33 15.17
CA PHE E 116 20.00 13.40 14.02
C PHE E 116 19.06 12.23 14.22
N SER E 117 18.08 12.32 15.12
CA SER E 117 17.07 11.27 15.37
C SER E 117 15.82 11.89 15.96
N PRO E 118 14.64 11.25 15.84
CA PRO E 118 13.42 11.76 16.43
C PRO E 118 13.41 11.64 17.96
N SER E 119 14.33 10.90 18.56
CA SER E 119 14.47 10.76 20.02
C SER E 119 15.37 11.87 20.53
N GLN E 120 16.44 12.16 19.81
CA GLN E 120 17.36 13.23 20.16
C GLN E 120 16.57 14.53 20.11
N ALA E 121 15.40 14.52 19.44
CA ALA E 121 14.57 15.72 19.22
C ALA E 121 13.32 15.84 20.10
N LEU E 122 12.82 14.77 20.72
CA LEU E 122 11.60 14.81 21.56
C LEU E 122 11.93 15.50 22.87
N GLN E 123 13.15 15.44 23.34
CA GLN E 123 13.61 16.08 24.62
C GLN E 123 13.65 17.61 24.43
N PRO E 124 14.28 18.15 23.38
CA PRO E 124 14.25 19.59 23.15
C PRO E 124 12.81 20.11 23.21
N ALA E 125 11.81 19.34 22.80
CA ALA E 125 10.41 19.78 22.75
C ALA E 125 9.75 19.68 24.12
N ARG E 126 10.23 18.78 24.96
CA ARG E 126 9.68 18.55 26.31
C ARG E 126 10.28 19.59 27.27
N ILE E 127 11.28 20.35 26.87
CA ILE E 127 11.90 21.42 27.71
C ILE E 127 11.52 22.80 27.14
N GLY E 128 10.68 22.87 26.11
CA GLY E 128 10.21 24.17 25.58
C GLY E 128 11.23 24.91 24.76
N ALA E 129 12.10 24.21 24.02
CA ALA E 129 13.03 24.90 23.12
C ALA E 129 12.22 25.64 22.06
N LYS E 130 12.64 26.85 21.68
CA LYS E 130 11.94 27.66 20.66
C LYS E 130 12.09 26.98 19.31
N PHE E 131 13.27 26.43 19.01
CA PHE E 131 13.55 25.78 17.72
C PHE E 131 14.33 24.48 17.93
N VAL E 132 14.16 23.51 17.04
CA VAL E 132 14.91 22.23 17.03
C VAL E 132 15.39 22.06 15.59
N SER E 133 16.68 21.93 15.32
CA SER E 133 17.21 21.83 13.93
C SER E 133 17.62 20.40 13.57
N PRO E 134 16.73 19.56 13.00
CA PRO E 134 17.12 18.23 12.53
C PRO E 134 17.94 18.30 11.24
N PHE E 135 19.15 17.75 11.20
CA PHE E 135 20.07 17.86 10.03
C PHE E 135 19.78 16.74 9.01
N VAL E 136 19.81 17.05 7.72
CA VAL E 136 19.51 16.08 6.62
C VAL E 136 20.80 15.78 5.83
N GLY E 137 21.38 16.78 5.17
CA GLY E 137 22.58 16.62 4.31
C GLY E 137 23.66 15.73 4.88
N TRP E 138 24.06 15.91 6.14
CA TRP E 138 25.19 15.16 6.75
C TRP E 138 24.92 13.66 6.71
N LYS E 139 23.72 13.24 7.10
CA LYS E 139 23.34 11.81 7.17
C LYS E 139 23.35 11.23 5.76
N GLU E 140 22.86 11.97 4.78
CA GLU E 140 22.79 11.53 3.36
C GLU E 140 24.20 11.34 2.80
N ASN E 141 25.13 12.21 3.15
CA ASN E 141 26.51 12.12 2.61
C ASN E 141 27.11 10.78 3.00
N SER E 142 26.62 10.18 4.09
CA SER E 142 27.14 8.88 4.57
C SER E 142 26.24 7.73 4.09
N GLY E 143 25.28 7.99 3.21
CA GLY E 143 24.42 6.95 2.62
C GLY E 143 23.21 6.62 3.47
N ASP E 144 22.81 7.50 4.38
CA ASP E 144 21.63 7.28 5.25
C ASP E 144 20.44 8.07 4.73
N ASP E 145 19.26 7.46 4.67
CA ASP E 145 18.01 8.13 4.23
C ASP E 145 17.48 8.97 5.40
N THR E 146 17.01 10.20 5.15
CA THR E 146 16.57 11.13 6.22
C THR E 146 15.05 11.35 6.14
N TYR E 149 12.84 10.28 9.08
CA TYR E 149 12.85 10.69 10.51
C TYR E 149 12.34 12.12 10.64
N ILE E 150 12.41 12.89 9.55
CA ILE E 150 11.92 14.29 9.55
C ILE E 150 10.39 14.27 9.66
N GLN E 151 9.73 13.38 8.91
CA GLN E 151 8.26 13.27 8.97
C GLN E 151 7.86 12.80 10.36
N ASP E 152 8.61 11.85 10.94
CA ASP E 152 8.32 11.37 12.31
C ASP E 152 8.34 12.54 13.30
N ILE E 153 9.36 13.38 13.23
CA ILE E 153 9.47 14.53 14.17
C ILE E 153 8.27 15.45 13.96
N VAL E 154 7.93 15.74 12.70
CA VAL E 154 6.79 16.65 12.41
C VAL E 154 5.53 16.02 13.00
N ASN E 155 5.32 14.73 12.76
CA ASN E 155 4.10 14.03 13.23
C ASN E 155 4.07 13.99 14.76
N ILE E 156 5.19 13.67 15.40
CA ILE E 156 5.26 13.61 16.89
C ILE E 156 4.93 15.02 17.43
N TYR E 157 5.64 16.02 16.95
CA TYR E 157 5.44 17.42 17.41
C TYR E 157 3.96 17.73 17.31
N LYS E 158 3.31 17.37 16.21
CA LYS E 158 1.88 17.71 15.98
C LYS E 158 1.00 16.89 16.93
N ASN E 159 1.22 15.59 17.00
CA ASN E 159 0.39 14.70 17.85
C ASN E 159 0.39 15.19 19.29
N TYR E 160 1.51 15.74 19.78
CA TYR E 160 1.59 16.13 21.21
C TYR E 160 1.50 17.65 21.35
N ASN E 161 1.02 18.33 20.31
CA ASN E 161 0.81 19.80 20.38
C ASN E 161 2.04 20.48 20.99
N TYR E 162 3.20 20.33 20.36
CA TYR E 162 4.42 21.02 20.83
C TYR E 162 4.56 22.33 20.07
N ASN E 163 5.08 23.37 20.72
CA ASN E 163 5.18 24.70 20.07
C ASN E 163 6.55 24.83 19.41
N THR E 164 7.52 24.02 19.81
CA THR E 164 8.87 24.05 19.20
C THR E 164 8.72 24.02 17.68
N GLU E 165 9.41 24.91 16.96
CA GLU E 165 9.34 25.00 15.49
C GLU E 165 10.50 24.21 14.90
N ILE E 166 10.26 23.33 13.94
CA ILE E 166 11.32 22.45 13.36
C ILE E 166 12.03 23.20 12.25
N ILE E 167 13.35 23.30 12.30
CA ILE E 167 14.16 23.94 11.23
C ILE E 167 14.98 22.85 10.54
N VAL E 168 14.46 22.26 9.47
CA VAL E 168 15.21 21.23 8.69
C VAL E 168 16.49 21.92 8.21
N ALA E 169 17.67 21.39 8.55
CA ALA E 169 18.97 22.03 8.23
C ALA E 169 19.80 21.17 7.30
N ALA E 170 20.98 21.63 6.90
CA ALA E 170 21.90 20.92 5.98
C ALA E 170 21.18 20.60 4.66
N LEU E 171 20.22 21.42 4.23
CA LEU E 171 19.52 21.25 2.93
C LEU E 171 20.47 21.64 1.81
N ARG E 172 20.52 20.88 0.71
CA ARG E 172 21.50 21.12 -0.38
C ARG E 172 20.81 21.35 -1.74
N ASN E 173 19.54 21.01 -1.90
CA ASN E 173 18.85 21.11 -3.19
C ASN E 173 17.41 21.53 -2.93
N GLY E 174 16.66 21.86 -3.96
CA GLY E 174 15.28 22.30 -3.83
C GLY E 174 14.36 21.12 -3.68
N LYS E 175 14.82 19.93 -3.99
CA LYS E 175 14.00 18.70 -3.89
C LYS E 175 13.89 18.38 -2.42
N GLN E 176 14.85 18.83 -1.64
CA GLN E 176 14.92 18.54 -0.19
C GLN E 176 14.05 19.58 0.49
N ILE E 177 13.99 20.80 -0.02
CA ILE E 177 13.10 21.89 0.46
C ILE E 177 11.64 21.48 0.22
N VAL E 178 11.35 20.62 -0.74
CA VAL E 178 9.95 20.23 -1.08
C VAL E 178 9.56 19.01 -0.27
N ASP E 179 10.52 18.31 0.30
CA ASP E 179 10.30 17.13 1.15
C ASP E 179 10.02 17.65 2.54
N ALA E 180 10.72 18.68 2.96
CA ALA E 180 10.48 19.35 4.23
C ALA E 180 9.07 19.89 4.18
N ALA E 181 8.67 20.53 3.09
CA ALA E 181 7.35 21.13 2.92
C ALA E 181 6.28 20.06 2.82
N LYS E 182 6.59 18.95 2.18
CA LYS E 182 5.61 17.85 2.01
C LYS E 182 5.47 17.14 3.34
N ALA E 183 6.44 17.31 4.26
CA ALA E 183 6.38 16.70 5.60
C ALA E 183 5.58 17.63 6.52
N GLY E 184 5.70 18.93 6.36
CA GLY E 184 5.02 19.90 7.24
C GLY E 184 5.99 20.62 8.16
N ALA E 185 7.28 20.54 7.86
CA ALA E 185 8.29 21.27 8.66
C ALA E 185 7.93 22.75 8.68
N HIS E 186 8.19 23.42 9.80
CA HIS E 186 7.84 24.85 9.99
C HIS E 186 8.79 25.71 9.19
N ILE E 187 10.09 25.52 9.35
CA ILE E 187 11.12 26.36 8.68
C ILE E 187 12.08 25.45 7.92
N VAL E 188 12.76 25.97 6.90
CA VAL E 188 13.83 25.24 6.18
C VAL E 188 14.98 26.24 6.09
N THR E 189 16.17 25.89 6.56
CA THR E 189 17.36 26.76 6.46
C THR E 189 18.23 26.25 5.31
N CYS E 190 18.62 27.13 4.38
CA CYS E 190 19.40 26.74 3.18
C CYS E 190 20.36 27.86 2.82
N GLY E 191 21.46 27.55 2.13
CA GLY E 191 22.39 28.58 1.63
C GLY E 191 21.77 29.40 0.53
N PHE E 192 22.31 30.59 0.23
CA PHE E 192 21.77 31.51 -0.79
C PHE E 192 21.61 30.81 -2.13
N ASP E 193 22.58 30.00 -2.55
CA ASP E 193 22.57 29.35 -3.88
C ASP E 193 21.52 28.26 -3.96
N VAL E 194 21.27 27.52 -2.87
CA VAL E 194 20.23 26.47 -2.85
C VAL E 194 18.88 27.15 -3.12
N TYR E 195 18.64 28.34 -2.59
CA TYR E 195 17.35 29.06 -2.74
C TYR E 195 17.22 29.62 -4.16
N LYS E 196 18.27 30.19 -4.71
CA LYS E 196 18.24 30.75 -6.09
C LYS E 196 17.91 29.63 -7.09
N GLU E 197 18.64 28.53 -7.04
CA GLU E 197 18.44 27.43 -8.02
C GLU E 197 17.05 26.82 -7.84
N SER E 198 16.53 26.79 -6.62
CA SER E 198 15.19 26.21 -6.32
C SER E 198 14.11 27.01 -7.03
N PHE E 199 14.37 28.28 -7.34
CA PHE E 199 13.38 29.18 -7.99
C PHE E 199 13.49 29.06 -9.50
N GLN E 200 14.46 28.30 -10.02
CA GLN E 200 14.72 28.23 -11.48
C GLN E 200 14.44 26.84 -12.03
N HIS E 201 14.14 26.66 -13.30
CA HIS E 201 13.93 25.35 -13.96
C HIS E 201 14.43 25.62 -15.37
N ALA E 202 14.60 24.59 -16.17
CA ALA E 202 15.09 24.72 -17.54
C ALA E 202 13.89 24.69 -18.46
N PHE E 203 12.74 24.33 -17.95
CA PHE E 203 11.49 24.26 -18.70
C PHE E 203 10.80 25.61 -18.53
N THR E 204 11.40 26.54 -17.81
CA THR E 204 10.88 27.93 -17.64
C THR E 204 11.63 28.74 -18.67
N ASP E 205 12.84 28.34 -19.02
CA ASP E 205 13.68 28.99 -20.05
C ASP E 205 13.22 28.51 -21.41
N TYR E 206 12.74 27.28 -21.52
CA TYR E 206 12.22 26.71 -22.78
C TYR E 206 10.95 27.48 -23.16
N GLY E 207 10.00 27.57 -22.24
CA GLY E 207 8.73 28.29 -22.49
C GLY E 207 8.98 29.74 -22.77
N LEU E 208 9.94 30.34 -22.07
CA LEU E 208 10.28 31.77 -22.24
C LEU E 208 10.74 31.99 -23.67
N ASN E 209 11.48 31.05 -24.24
CA ASN E 209 11.99 31.16 -25.62
C ASN E 209 10.83 31.00 -26.59
N LYS E 210 9.90 30.09 -26.30
CA LYS E 210 8.71 29.85 -27.15
C LYS E 210 7.83 31.09 -27.11
N PHE E 211 7.68 31.72 -25.95
CA PHE E 211 6.85 32.93 -25.75
C PHE E 211 7.56 34.15 -26.34
N ARG E 212 8.89 34.16 -26.37
CA ARG E 212 9.66 35.31 -26.92
C ARG E 212 9.59 35.23 -28.44
N ASN E 213 9.53 34.03 -29.02
CA ASN E 213 9.40 33.85 -30.49
C ASN E 213 8.00 34.30 -30.91
N ALA E 214 6.97 33.96 -30.14
CA ALA E 214 5.58 34.31 -30.45
C ALA E 214 5.39 35.82 -30.37
N TRP E 215 5.80 36.45 -29.26
CA TRP E 215 5.73 37.92 -29.10
C TRP E 215 6.32 38.60 -30.33
N ASP E 216 7.45 38.09 -30.82
CA ASP E 216 8.14 38.71 -32.00
C ASP E 216 7.28 38.54 -33.26
N ASN E 217 6.65 37.38 -33.42
CA ASN E 217 5.81 37.12 -34.62
C ASN E 217 4.40 37.64 -34.35
N THR E 218 4.28 38.78 -33.67
CA THR E 218 2.96 39.36 -33.32
C THR E 218 3.07 40.88 -33.34
N VAL E 219 2.01 41.57 -33.75
CA VAL E 219 2.00 43.06 -33.70
C VAL E 219 1.34 43.50 -32.38
N MET F 1 -14.71 24.69 -7.87
CA MET F 1 -13.80 24.32 -9.01
C MET F 1 -14.02 25.30 -10.14
N LYS F 2 -13.02 26.10 -10.49
CA LYS F 2 -13.14 27.13 -11.55
C LYS F 2 -12.62 26.57 -12.87
N TYR F 3 -13.27 26.89 -13.99
CA TYR F 3 -12.85 26.47 -15.34
C TYR F 3 -12.51 27.73 -16.12
N PHE F 4 -11.22 28.07 -16.26
CA PHE F 4 -10.78 29.25 -17.03
C PHE F 4 -10.53 28.83 -18.48
N LEU F 5 -10.97 29.60 -19.46
CA LEU F 5 -10.75 29.30 -20.89
C LEU F 5 -9.36 29.81 -21.29
N ASP F 6 -8.48 28.90 -21.67
CA ASP F 6 -7.12 29.25 -22.12
C ASP F 6 -7.22 29.64 -23.59
N SER F 7 -7.73 30.84 -23.91
CA SER F 7 -7.96 31.29 -25.30
C SER F 7 -7.88 32.81 -25.37
N ALA F 8 -7.52 33.35 -26.54
CA ALA F 8 -7.49 34.81 -26.79
C ALA F 8 -8.53 35.13 -27.87
N ILE F 9 -9.39 34.18 -28.22
CA ILE F 9 -10.45 34.35 -29.25
C ILE F 9 -11.74 34.73 -28.52
N LEU F 10 -12.35 35.87 -28.82
CA LEU F 10 -13.52 36.36 -28.06
C LEU F 10 -14.81 35.66 -28.50
N GLU F 11 -14.82 34.94 -29.61
CA GLU F 11 -16.02 34.17 -30.01
C GLU F 11 -16.12 32.95 -29.08
N GLU F 12 -14.98 32.40 -28.67
CA GLU F 12 -14.93 31.21 -27.79
C GLU F 12 -15.06 31.65 -26.34
N ILE F 13 -14.58 32.84 -26.00
CA ILE F 13 -14.66 33.38 -24.61
C ILE F 13 -16.13 33.75 -24.36
N ARG F 14 -16.82 34.27 -25.35
CA ARG F 14 -18.21 34.72 -25.17
C ARG F 14 -19.14 33.51 -25.11
N TYR F 15 -18.93 32.50 -25.92
CA TYR F 15 -19.71 31.24 -25.88
C TYR F 15 -19.51 30.55 -24.52
N ALA F 16 -18.26 30.35 -24.13
CA ALA F 16 -17.90 29.66 -22.87
C ALA F 16 -18.52 30.42 -21.71
N TYR F 17 -18.45 31.74 -21.71
CA TYR F 17 -18.99 32.57 -20.62
C TYR F 17 -20.50 32.46 -20.55
N GLU F 18 -21.18 32.17 -21.65
CA GLU F 18 -22.67 32.20 -21.66
C GLU F 18 -23.29 30.82 -21.59
N ASN F 19 -22.56 29.76 -21.87
CA ASN F 19 -23.11 28.39 -21.94
C ASN F 19 -22.41 27.46 -20.94
N TRP F 20 -21.12 27.67 -20.68
CA TRP F 20 -20.36 26.73 -19.81
C TRP F 20 -20.10 27.37 -18.46
N ALA F 21 -20.43 28.65 -18.31
CA ALA F 21 -20.18 29.38 -17.05
C ALA F 21 -18.69 29.36 -16.72
N ILE F 22 -17.83 29.75 -17.66
CA ILE F 22 -16.38 29.86 -17.35
C ILE F 22 -16.19 30.91 -16.25
N ASP F 23 -15.19 30.75 -15.40
CA ASP F 23 -15.02 31.67 -14.25
C ASP F 23 -13.88 32.64 -14.51
N GLY F 24 -13.24 32.54 -15.67
CA GLY F 24 -12.09 33.41 -15.98
C GLY F 24 -11.46 33.07 -17.31
N VAL F 25 -10.43 33.80 -17.73
CA VAL F 25 -9.77 33.58 -19.04
C VAL F 25 -8.26 33.79 -18.87
N THR F 26 -7.45 32.84 -19.32
CA THR F 26 -5.96 32.95 -19.26
C THR F 26 -5.46 33.04 -20.70
N THR F 27 -4.45 33.86 -20.95
CA THR F 27 -3.85 34.04 -22.30
C THR F 27 -2.34 34.03 -22.18
N ASN F 28 -1.63 33.57 -23.21
CA ASN F 28 -0.16 33.45 -23.22
C ASN F 28 0.39 34.20 -24.43
N PRO F 29 1.65 34.64 -24.45
CA PRO F 29 2.15 35.41 -25.57
C PRO F 29 1.93 34.75 -26.93
N ARG F 30 1.60 33.46 -26.97
CA ARG F 30 1.44 32.69 -28.22
C ARG F 30 -0.02 32.56 -28.61
N HIS F 31 -0.95 32.52 -27.68
CA HIS F 31 -2.40 32.48 -27.98
C HIS F 31 -2.80 33.80 -28.65
N ILE F 32 -1.99 34.84 -28.45
CA ILE F 32 -2.21 36.19 -29.03
C ILE F 32 -1.64 36.18 -30.44
N MET F 33 -0.48 35.60 -30.66
CA MET F 33 0.09 35.47 -32.01
C MET F 33 -0.91 34.68 -32.84
N ASN F 34 -1.76 33.90 -32.20
CA ASN F 34 -2.72 33.02 -32.91
C ASN F 34 -4.03 33.75 -33.17
N SER F 35 -4.39 34.72 -32.34
CA SER F 35 -5.67 35.45 -32.46
C SER F 35 -5.67 36.22 -33.77
N GLY F 36 -4.49 36.58 -34.26
CA GLY F 36 -4.35 37.35 -35.51
C GLY F 36 -4.41 38.84 -35.25
N LYS F 37 -5.14 39.27 -34.23
CA LYS F 37 -5.23 40.69 -33.85
C LYS F 37 -3.96 41.15 -33.15
N PRO F 38 -3.63 42.45 -33.07
CA PRO F 38 -2.41 42.83 -32.38
C PRO F 38 -2.63 42.78 -30.87
N PHE F 39 -1.57 42.67 -30.06
CA PHE F 39 -1.68 42.45 -28.59
C PHE F 39 -2.66 43.44 -27.93
N LEU F 40 -2.41 44.74 -27.98
CA LEU F 40 -3.23 45.74 -27.25
C LEU F 40 -4.65 45.83 -27.84
N THR F 41 -4.88 45.31 -29.05
CA THR F 41 -6.23 45.23 -29.65
C THR F 41 -7.00 44.09 -29.00
N VAL F 42 -6.34 42.95 -28.79
CA VAL F 42 -6.94 41.80 -28.09
C VAL F 42 -7.35 42.29 -26.71
N LEU F 43 -6.47 42.96 -25.99
CA LEU F 43 -6.72 43.46 -24.62
C LEU F 43 -7.93 44.37 -24.58
N ASP F 44 -8.01 45.35 -25.47
CA ASP F 44 -9.10 46.35 -25.49
C ASP F 44 -10.45 45.71 -25.81
N GLU F 45 -10.50 44.61 -26.54
CA GLU F 45 -11.77 43.92 -26.78
C GLU F 45 -12.17 43.16 -25.52
N PHE F 46 -11.22 42.63 -24.75
CA PHE F 46 -11.44 41.90 -23.48
C PHE F 46 -11.89 42.88 -22.40
N ALA F 47 -11.36 44.10 -22.43
CA ALA F 47 -11.68 45.11 -21.40
C ALA F 47 -13.14 45.54 -21.55
N SER F 48 -13.62 45.68 -22.79
CA SER F 48 -15.01 46.15 -23.03
C SER F 48 -15.98 44.99 -22.82
N GLU F 49 -15.62 43.81 -23.30
CA GLU F 49 -16.51 42.64 -23.23
C GLU F 49 -16.83 42.36 -21.76
N PHE F 50 -15.91 42.68 -20.86
CA PHE F 50 -16.04 42.37 -19.42
C PHE F 50 -15.81 43.62 -18.57
N LYS F 51 -16.49 44.72 -18.87
CA LYS F 51 -16.31 45.99 -18.12
C LYS F 51 -17.19 45.91 -16.87
N GLY F 52 -18.39 45.39 -17.03
CA GLY F 52 -19.32 45.26 -15.90
C GLY F 52 -18.99 44.04 -15.08
N VAL F 53 -18.76 42.90 -15.74
CA VAL F 53 -18.49 41.61 -15.07
C VAL F 53 -17.41 41.80 -14.02
N GLU F 54 -17.75 41.51 -12.76
CA GLU F 54 -16.81 41.60 -11.62
C GLU F 54 -16.34 40.18 -11.33
N ASN F 55 -15.14 40.02 -10.79
CA ASN F 55 -14.60 38.69 -10.44
C ASN F 55 -14.57 37.82 -11.68
N PHE F 56 -13.96 38.27 -12.77
CA PHE F 56 -13.71 37.44 -13.96
C PHE F 56 -12.25 37.74 -14.23
N PRO F 57 -11.30 36.98 -13.66
CA PRO F 57 -9.91 37.32 -13.84
C PRO F 57 -9.54 37.07 -15.30
N ILE F 58 -8.81 37.98 -15.94
CA ILE F 58 -8.31 37.84 -17.34
C ILE F 58 -6.79 37.92 -17.31
N SER F 59 -6.10 36.80 -17.15
CA SER F 59 -4.62 36.73 -17.05
C SER F 59 -3.98 37.18 -18.36
N VAL F 60 -3.09 38.17 -18.32
CA VAL F 60 -2.44 38.74 -19.53
C VAL F 60 -0.93 38.79 -19.27
N GLU F 61 -0.13 38.06 -20.05
CA GLU F 61 1.34 38.01 -19.87
C GLU F 61 2.01 39.27 -20.41
N ILE F 62 2.97 39.82 -19.67
CA ILE F 62 3.74 41.03 -20.09
C ILE F 62 4.79 40.62 -21.11
N ASN F 63 5.55 41.57 -21.64
CA ASN F 63 6.61 41.31 -22.65
C ASN F 63 7.51 40.18 -22.15
N PRO F 64 7.69 39.07 -22.90
CA PRO F 64 8.48 37.94 -22.41
C PRO F 64 9.98 38.24 -22.50
N HIS F 65 10.37 39.34 -23.13
CA HIS F 65 11.79 39.74 -23.27
C HIS F 65 12.25 40.53 -22.03
N LEU F 66 11.30 41.06 -21.25
CA LEU F 66 11.61 41.81 -19.99
C LEU F 66 12.56 40.96 -19.15
N ASP F 67 13.71 41.50 -18.74
CA ASP F 67 14.72 40.76 -17.95
C ASP F 67 14.91 41.39 -16.56
N ASN F 68 14.38 42.59 -16.33
CA ASN F 68 14.55 43.32 -15.04
C ASN F 68 13.20 43.41 -14.35
N ALA F 69 13.17 43.25 -13.02
CA ALA F 69 11.93 43.29 -12.22
C ALA F 69 11.36 44.71 -12.26
N LYS F 70 12.18 45.72 -12.54
CA LYS F 70 11.74 47.14 -12.60
C LYS F 70 11.02 47.36 -13.93
N ASP F 71 11.52 46.79 -15.02
CA ASP F 71 10.91 46.96 -16.36
C ASP F 71 9.59 46.18 -16.39
N MET F 72 9.62 45.03 -15.74
CA MET F 72 8.44 44.17 -15.66
C MET F 72 7.43 44.89 -14.80
N VAL F 73 7.87 45.59 -13.77
CA VAL F 73 6.95 46.26 -12.81
C VAL F 73 6.42 47.53 -13.47
N GLU F 74 7.16 48.10 -14.42
CA GLU F 74 6.75 49.32 -15.14
C GLU F 74 5.77 49.01 -16.25
N GLU F 75 5.81 47.83 -16.83
CA GLU F 75 4.98 47.46 -18.01
C GLU F 75 3.69 46.79 -17.58
N GLY F 76 3.70 45.93 -16.58
CA GLY F 76 2.51 45.27 -16.02
C GLY F 76 1.60 46.27 -15.31
N THR F 77 2.12 47.39 -14.83
CA THR F 77 1.31 48.46 -14.21
C THR F 77 0.47 49.11 -15.29
N LYS F 78 1.04 49.35 -16.46
CA LYS F 78 0.32 49.95 -17.61
C LYS F 78 -0.81 49.01 -18.05
N ILE F 79 -0.52 47.72 -18.25
CA ILE F 79 -1.52 46.72 -18.72
C ILE F 79 -2.64 46.63 -17.69
N ALA F 80 -2.31 46.64 -16.40
CA ALA F 80 -3.28 46.49 -15.30
C ALA F 80 -4.21 47.71 -15.24
N LYS F 81 -3.75 48.86 -15.72
CA LYS F 81 -4.53 50.11 -15.69
C LYS F 81 -5.57 50.10 -16.83
N LEU F 82 -5.56 49.10 -17.68
CA LEU F 82 -6.46 49.06 -18.85
C LEU F 82 -7.69 48.26 -18.47
N SER F 83 -7.72 47.66 -17.29
CA SER F 83 -8.90 46.93 -16.78
C SER F 83 -8.64 46.41 -15.38
N SER F 84 -9.66 46.38 -14.54
CA SER F 84 -9.58 45.80 -13.20
C SER F 84 -9.66 44.30 -13.35
N ASN F 85 -10.29 43.82 -14.43
CA ASN F 85 -10.47 42.38 -14.67
C ASN F 85 -9.19 41.80 -15.26
N PHE F 86 -8.05 42.48 -15.21
CA PHE F 86 -6.78 42.02 -15.81
C PHE F 86 -5.87 41.57 -14.69
N VAL F 87 -5.19 40.44 -14.85
CA VAL F 87 -4.23 39.90 -13.83
C VAL F 87 -2.87 39.73 -14.52
N ILE F 88 -1.85 40.50 -14.17
CA ILE F 88 -0.52 40.46 -14.85
C ILE F 88 0.11 39.06 -14.70
N LYS F 89 0.39 38.37 -15.81
CA LYS F 89 1.02 37.02 -15.80
C LYS F 89 2.54 37.21 -15.91
N ILE F 90 3.31 36.75 -14.93
CA ILE F 90 4.79 36.94 -14.87
C ILE F 90 5.47 35.57 -14.83
N PRO F 91 6.56 35.33 -15.58
CA PRO F 91 7.26 34.03 -15.55
C PRO F 91 7.96 33.78 -14.21
N CYS F 92 8.03 32.51 -13.79
CA CYS F 92 8.72 32.16 -12.51
C CYS F 92 10.23 32.27 -12.69
N THR F 93 10.81 33.45 -12.71
CA THR F 93 12.28 33.60 -12.80
C THR F 93 12.73 34.40 -11.60
N GLU F 94 14.01 34.69 -11.44
CA GLU F 94 14.46 35.54 -10.33
C GLU F 94 13.79 36.89 -10.46
N PRO F 95 13.96 37.64 -11.56
CA PRO F 95 13.35 38.95 -11.64
C PRO F 95 11.82 38.92 -11.71
N GLY F 96 11.18 37.88 -12.20
CA GLY F 96 9.71 37.72 -12.25
C GLY F 96 9.15 37.59 -10.85
N LEU F 97 9.82 36.86 -9.98
CA LEU F 97 9.36 36.65 -8.58
C LEU F 97 9.63 37.93 -7.78
N ILE F 98 10.66 38.70 -8.15
CA ILE F 98 10.96 39.99 -7.49
C ILE F 98 9.91 40.99 -7.97
N ALA F 99 9.53 40.93 -9.24
CA ALA F 99 8.54 41.84 -9.84
C ALA F 99 7.14 41.47 -9.37
N ALA F 100 6.88 40.20 -9.06
CA ALA F 100 5.55 39.72 -8.63
C ALA F 100 5.34 40.11 -7.17
N LYS F 101 6.43 40.25 -6.41
CA LYS F 101 6.35 40.64 -4.98
C LYS F 101 6.07 42.14 -4.91
N GLU F 102 6.71 42.93 -5.76
CA GLU F 102 6.49 44.40 -5.81
C GLU F 102 5.07 44.66 -6.28
N PHE F 103 4.63 43.96 -7.31
CA PHE F 103 3.27 44.10 -7.89
C PHE F 103 2.24 43.79 -6.82
N GLU F 104 2.37 42.71 -6.10
CA GLU F 104 1.39 42.27 -5.06
C GLU F 104 1.39 43.27 -3.91
N LYS F 105 2.49 43.96 -3.65
CA LYS F 105 2.63 44.96 -2.56
C LYS F 105 1.88 46.24 -2.98
N GLN F 106 1.76 46.49 -4.28
CA GLN F 106 1.07 47.69 -4.81
C GLN F 106 -0.39 47.35 -5.07
N GLY F 107 -0.80 46.10 -4.84
CA GLY F 107 -2.21 45.67 -4.98
C GLY F 107 -2.56 45.23 -6.39
N ILE F 108 -1.58 45.00 -7.26
CA ILE F 108 -1.81 44.51 -8.64
C ILE F 108 -1.78 42.97 -8.60
N SER F 109 -2.90 42.30 -8.90
CA SER F 109 -2.98 40.83 -8.90
C SER F 109 -1.99 40.27 -9.92
N THR F 110 -1.26 39.22 -9.56
CA THR F 110 -0.22 38.62 -10.44
C THR F 110 -0.46 37.12 -10.57
N ASN F 111 -0.16 36.54 -11.75
CA ASN F 111 -0.26 35.08 -11.98
C ASN F 111 1.15 34.60 -12.34
N VAL F 112 1.94 34.14 -11.38
CA VAL F 112 3.32 33.61 -11.63
C VAL F 112 3.18 32.36 -12.49
N THR F 113 3.50 32.43 -13.78
CA THR F 113 3.31 31.31 -14.74
C THR F 113 4.61 30.55 -14.99
N LEU F 114 4.59 29.54 -15.85
CA LEU F 114 5.77 28.71 -16.20
C LEU F 114 6.41 28.16 -14.93
N VAL F 115 5.62 27.53 -14.07
CA VAL F 115 6.12 26.85 -12.84
C VAL F 115 6.08 25.37 -13.17
N PHE F 116 7.17 24.63 -13.01
CA PHE F 116 7.27 23.21 -13.39
C PHE F 116 7.77 22.36 -12.22
N SER F 117 7.97 22.91 -11.04
CA SER F 117 8.50 22.17 -9.88
C SER F 117 7.63 22.51 -8.69
N PRO F 118 7.54 21.69 -7.65
CA PRO F 118 6.81 22.08 -6.46
C PRO F 118 7.65 23.12 -5.68
N SER F 119 8.90 23.37 -6.04
CA SER F 119 9.81 24.27 -5.33
C SER F 119 9.73 25.66 -5.91
N GLN F 120 9.43 25.76 -7.18
CA GLN F 120 9.30 27.04 -7.89
C GLN F 120 7.95 27.63 -7.50
N ALA F 121 6.99 26.81 -7.08
CA ALA F 121 5.62 27.21 -6.70
C ALA F 121 5.59 27.80 -5.30
N LEU F 122 6.63 27.60 -4.50
CA LEU F 122 6.66 28.05 -3.09
C LEU F 122 7.03 29.52 -3.00
N GLN F 123 8.12 30.03 -3.56
CA GLN F 123 8.41 31.47 -3.42
C GLN F 123 7.19 32.25 -3.93
N PRO F 124 6.56 31.89 -5.07
CA PRO F 124 5.36 32.56 -5.53
C PRO F 124 4.31 32.81 -4.44
N ALA F 125 4.01 31.84 -3.61
CA ALA F 125 3.00 31.94 -2.54
C ALA F 125 3.58 32.56 -1.30
N ARG F 126 4.90 32.50 -1.14
CA ARG F 126 5.60 33.10 -0.01
C ARG F 126 5.73 34.60 -0.26
N ILE F 127 5.18 35.11 -1.34
CA ILE F 127 5.19 36.58 -1.65
C ILE F 127 3.76 37.02 -1.97
N GLY F 128 2.75 36.17 -1.77
CA GLY F 128 1.33 36.57 -1.90
C GLY F 128 0.86 36.71 -3.34
N ALA F 129 1.36 35.91 -4.26
CA ALA F 129 0.83 35.94 -5.65
C ALA F 129 -0.63 35.51 -5.60
N LYS F 130 -1.47 36.15 -6.39
CA LYS F 130 -2.93 35.83 -6.45
C LYS F 130 -3.09 34.45 -7.07
N PHE F 131 -2.30 34.14 -8.11
CA PHE F 131 -2.39 32.84 -8.82
C PHE F 131 -1.00 32.29 -9.10
N VAL F 132 -0.88 30.96 -9.17
CA VAL F 132 0.38 30.27 -9.54
C VAL F 132 -0.04 29.23 -10.58
N SER F 133 0.51 29.23 -11.80
CA SER F 133 0.10 28.31 -12.89
C SER F 133 1.11 27.18 -13.08
N PRO F 134 0.98 26.02 -12.41
CA PRO F 134 1.85 24.86 -12.68
C PRO F 134 1.50 24.18 -14.01
N PHE F 135 2.44 24.05 -14.96
CA PHE F 135 2.18 23.50 -16.31
C PHE F 135 2.30 21.98 -16.30
N VAL F 136 1.40 21.26 -17.01
CA VAL F 136 1.38 19.78 -17.05
C VAL F 136 1.75 19.30 -18.46
N GLY F 137 0.97 19.63 -19.50
CA GLY F 137 1.19 19.18 -20.88
C GLY F 137 2.64 19.22 -21.35
N TRP F 138 3.37 20.32 -21.12
CA TRP F 138 4.75 20.48 -21.65
C TRP F 138 5.67 19.38 -21.11
N LYS F 139 5.60 19.11 -19.81
CA LYS F 139 6.47 18.12 -19.15
C LYS F 139 6.14 16.73 -19.70
N GLU F 140 4.86 16.43 -19.91
CA GLU F 140 4.38 15.12 -20.40
C GLU F 140 4.89 14.90 -21.83
N ASN F 141 4.89 15.95 -22.66
CA ASN F 141 5.31 15.81 -24.07
C ASN F 141 6.76 15.30 -24.11
N SER F 142 7.53 15.56 -23.05
CA SER F 142 8.94 15.13 -22.99
C SER F 142 9.07 13.83 -22.20
N GLY F 143 7.97 13.18 -21.84
CA GLY F 143 7.99 11.87 -21.17
C GLY F 143 8.10 11.97 -19.66
N ASP F 144 7.78 13.12 -19.08
CA ASP F 144 7.84 13.33 -17.61
C ASP F 144 6.44 13.24 -17.01
N ASP F 145 6.29 12.53 -15.89
CA ASP F 145 4.99 12.40 -15.18
C ASP F 145 4.77 13.67 -14.36
N THR F 146 3.55 14.22 -14.34
CA THR F 146 3.26 15.51 -13.66
C THR F 146 2.35 15.27 -12.44
N TYR F 149 3.61 16.14 -8.94
CA TYR F 149 4.10 17.42 -8.35
C TYR F 149 2.90 18.37 -8.18
N ILE F 150 1.83 18.13 -8.91
CA ILE F 150 0.60 18.98 -8.79
C ILE F 150 -0.04 18.70 -7.43
N GLN F 151 -0.12 17.44 -7.03
CA GLN F 151 -0.70 17.09 -5.72
C GLN F 151 0.17 17.66 -4.61
N ASP F 152 1.50 17.59 -4.78
CA ASP F 152 2.43 18.16 -3.79
C ASP F 152 2.14 19.65 -3.59
N ILE F 153 1.99 20.40 -4.67
CA ILE F 153 1.73 21.86 -4.57
C ILE F 153 0.40 22.07 -3.84
N VAL F 154 -0.63 21.31 -4.21
CA VAL F 154 -1.96 21.46 -3.57
C VAL F 154 -1.80 21.18 -2.08
N ASN F 155 -1.09 20.13 -1.72
CA ASN F 155 -0.87 19.75 -0.31
C ASN F 155 -0.01 20.83 0.36
N ILE F 156 1.15 21.16 -0.18
CA ILE F 156 2.03 22.15 0.46
C ILE F 156 1.20 23.40 0.68
N TYR F 157 0.41 23.81 -0.28
CA TYR F 157 -0.42 25.04 -0.20
C TYR F 157 -1.44 24.90 0.91
N LYS F 158 -2.15 23.79 0.96
CA LYS F 158 -3.15 23.53 2.02
C LYS F 158 -2.45 23.52 3.37
N ASN F 159 -1.45 22.64 3.54
CA ASN F 159 -0.66 22.52 4.79
C ASN F 159 -0.27 23.89 5.31
N TYR F 160 0.44 24.71 4.57
CA TYR F 160 0.90 26.01 5.09
C TYR F 160 -0.20 27.03 4.89
N ASN F 161 -1.46 26.60 4.79
CA ASN F 161 -2.63 27.49 4.62
C ASN F 161 -2.25 28.71 3.81
N TYR F 162 -2.04 28.58 2.50
CA TYR F 162 -1.64 29.68 1.59
C TYR F 162 -2.88 30.05 0.79
N ASN F 163 -3.05 31.32 0.39
CA ASN F 163 -4.30 31.78 -0.28
C ASN F 163 -4.11 31.78 -1.78
N THR F 164 -2.88 31.81 -2.29
CA THR F 164 -2.60 31.69 -3.74
C THR F 164 -3.46 30.57 -4.32
N GLU F 165 -4.14 30.82 -5.44
CA GLU F 165 -5.01 29.82 -6.10
C GLU F 165 -4.22 29.14 -7.20
N ILE F 166 -4.22 27.81 -7.25
CA ILE F 166 -3.41 27.04 -8.24
C ILE F 166 -4.20 26.91 -9.54
N ILE F 167 -3.62 27.31 -10.67
CA ILE F 167 -4.26 27.16 -12.01
C ILE F 167 -3.48 26.12 -12.80
N VAL F 168 -3.86 24.85 -12.73
CA VAL F 168 -3.21 23.77 -13.51
C VAL F 168 -3.33 24.18 -14.98
N ALA F 169 -2.23 24.32 -15.72
CA ALA F 169 -2.24 24.81 -17.11
C ALA F 169 -1.73 23.75 -18.08
N ALA F 170 -1.72 24.04 -19.38
CA ALA F 170 -1.27 23.11 -20.44
C ALA F 170 -2.08 21.81 -20.38
N LEU F 171 -3.34 21.85 -19.94
CA LEU F 171 -4.24 20.67 -19.92
C LEU F 171 -4.66 20.35 -21.35
N ARG F 172 -4.68 19.08 -21.75
CA ARG F 172 -4.97 18.69 -23.14
C ARG F 172 -6.17 17.73 -23.24
N ASN F 173 -6.67 17.18 -22.14
CA ASN F 173 -7.80 16.21 -22.15
C ASN F 173 -8.59 16.31 -20.85
N GLY F 174 -9.80 15.77 -20.82
CA GLY F 174 -10.68 15.82 -19.64
C GLY F 174 -10.23 14.90 -18.53
N LYS F 175 -9.37 13.93 -18.82
CA LYS F 175 -8.81 13.02 -17.79
C LYS F 175 -7.80 13.82 -16.97
N GLN F 176 -7.13 14.80 -17.58
CA GLN F 176 -6.14 15.66 -16.89
C GLN F 176 -6.92 16.68 -16.07
N ILE F 177 -8.14 17.01 -16.49
CA ILE F 177 -9.04 17.92 -15.73
C ILE F 177 -9.53 17.15 -14.51
N VAL F 178 -9.75 15.85 -14.65
CA VAL F 178 -10.24 14.98 -13.55
C VAL F 178 -9.09 14.71 -12.59
N ASP F 179 -7.85 14.74 -13.07
CA ASP F 179 -6.64 14.54 -12.23
C ASP F 179 -6.44 15.77 -11.36
N ALA F 180 -6.64 16.97 -11.94
CA ALA F 180 -6.48 18.24 -11.21
C ALA F 180 -7.57 18.36 -10.16
N ALA F 181 -8.79 17.95 -10.48
CA ALA F 181 -9.94 18.02 -9.55
C ALA F 181 -9.73 17.00 -8.42
N LYS F 182 -9.20 15.83 -8.72
CA LYS F 182 -8.94 14.77 -7.71
C LYS F 182 -7.83 15.25 -6.77
N ALA F 183 -6.91 16.09 -7.25
CA ALA F 183 -5.80 16.62 -6.44
C ALA F 183 -6.34 17.71 -5.52
N GLY F 184 -7.28 18.51 -5.98
CA GLY F 184 -7.83 19.63 -5.19
C GLY F 184 -7.40 20.98 -5.76
N ALA F 185 -6.88 21.00 -6.97
CA ALA F 185 -6.50 22.26 -7.62
C ALA F 185 -7.70 23.20 -7.63
N HIS F 186 -7.46 24.50 -7.46
CA HIS F 186 -8.53 25.53 -7.38
C HIS F 186 -9.12 25.75 -8.76
N ILE F 187 -8.28 26.02 -9.76
CA ILE F 187 -8.75 26.33 -11.13
C ILE F 187 -8.05 25.40 -12.12
N VAL F 188 -8.65 25.19 -13.29
CA VAL F 188 -8.01 24.41 -14.39
C VAL F 188 -8.22 25.27 -15.62
N THR F 189 -7.17 25.62 -16.34
CA THR F 189 -7.27 26.40 -17.59
C THR F 189 -7.11 25.45 -18.78
N CYS F 190 -8.04 25.46 -19.73
CA CYS F 190 -8.03 24.53 -20.88
C CYS F 190 -8.57 25.24 -22.13
N GLY F 191 -8.20 24.78 -23.32
CA GLY F 191 -8.75 25.33 -24.57
C GLY F 191 -10.21 24.97 -24.73
N PHE F 192 -10.95 25.69 -25.59
CA PHE F 192 -12.39 25.47 -25.82
C PHE F 192 -12.68 24.01 -26.16
N ASP F 193 -11.87 23.38 -27.01
CA ASP F 193 -12.13 22.01 -27.49
C ASP F 193 -11.89 20.98 -26.39
N VAL F 194 -10.92 21.20 -25.51
CA VAL F 194 -10.64 20.28 -24.37
C VAL F 194 -11.90 20.26 -23.50
N TYR F 195 -12.58 21.38 -23.30
CA TYR F 195 -13.77 21.48 -22.43
C TYR F 195 -14.98 20.82 -23.10
N LYS F 196 -15.18 21.05 -24.39
CA LYS F 196 -16.32 20.45 -25.12
C LYS F 196 -16.22 18.91 -25.07
N GLU F 197 -15.07 18.37 -25.45
CA GLU F 197 -14.91 16.89 -25.50
C GLU F 197 -15.04 16.29 -24.09
N SER F 198 -14.62 17.03 -23.06
CA SER F 198 -14.67 16.56 -21.65
C SER F 198 -16.13 16.37 -21.23
N PHE F 199 -17.07 17.06 -21.88
CA PHE F 199 -18.51 17.00 -21.53
C PHE F 199 -19.18 15.87 -22.32
N GLN F 200 -18.46 15.20 -23.22
CA GLN F 200 -19.06 14.18 -24.11
C GLN F 200 -18.50 12.79 -23.84
N HIS F 201 -19.27 11.74 -24.11
CA HIS F 201 -18.85 10.34 -23.91
C HIS F 201 -19.59 9.49 -24.94
N ALA F 202 -18.99 8.43 -25.45
CA ALA F 202 -19.58 7.55 -26.47
C ALA F 202 -20.72 6.75 -25.88
N PHE F 203 -20.66 6.49 -24.57
CA PHE F 203 -21.67 5.66 -23.86
C PHE F 203 -22.92 6.51 -23.63
N THR F 204 -22.83 7.83 -23.75
CA THR F 204 -24.02 8.71 -23.63
C THR F 204 -24.74 8.67 -24.97
N ASP F 205 -24.02 8.54 -26.08
CA ASP F 205 -24.62 8.44 -27.44
C ASP F 205 -25.23 7.05 -27.59
N TYR F 206 -24.64 6.04 -26.96
CA TYR F 206 -25.16 4.65 -26.98
C TYR F 206 -26.50 4.63 -26.25
N GLY F 207 -26.53 5.12 -25.01
CA GLY F 207 -27.75 5.16 -24.21
C GLY F 207 -28.82 6.00 -24.86
N LEU F 208 -28.41 7.11 -25.48
CA LEU F 208 -29.35 8.02 -26.17
C LEU F 208 -30.06 7.27 -27.28
N ASN F 209 -29.33 6.39 -27.98
CA ASN F 209 -29.91 5.60 -29.10
C ASN F 209 -30.86 4.55 -28.52
N LYS F 210 -30.50 3.95 -27.39
CA LYS F 210 -31.34 2.92 -26.73
C LYS F 210 -32.61 3.60 -26.21
N PHE F 211 -32.50 4.81 -25.68
CA PHE F 211 -33.66 5.58 -25.14
C PHE F 211 -34.48 6.15 -26.29
N ARG F 212 -33.88 6.42 -27.44
CA ARG F 212 -34.61 6.98 -28.60
C ARG F 212 -35.40 5.84 -29.25
N ASN F 213 -34.89 4.61 -29.21
CA ASN F 213 -35.60 3.42 -29.75
C ASN F 213 -36.80 3.13 -28.85
N ALA F 214 -36.64 3.22 -27.54
CA ALA F 214 -37.71 2.93 -26.56
C ALA F 214 -38.82 3.97 -26.69
N TRP F 215 -38.49 5.26 -26.66
CA TRP F 215 -39.46 6.36 -26.85
C TRP F 215 -40.32 6.07 -28.07
N ASP F 216 -39.70 5.63 -29.16
CA ASP F 216 -40.43 5.37 -30.43
C ASP F 216 -41.38 4.18 -30.26
N ASN F 217 -41.11 3.20 -29.42
CA ASN F 217 -42.09 2.10 -29.20
C ASN F 217 -43.09 2.43 -28.10
N THR F 218 -42.95 3.53 -27.37
CA THR F 218 -43.92 3.96 -26.32
C THR F 218 -45.04 4.78 -26.96
N VAL F 219 -46.29 4.65 -26.49
CA VAL F 219 -47.44 5.44 -26.99
C VAL F 219 -47.52 6.77 -26.21
N MET G 1 10.91 -3.66 -27.48
CA MET G 1 9.89 -2.58 -27.54
C MET G 1 9.84 -2.05 -28.97
N LYS G 2 8.71 -2.22 -29.66
CA LYS G 2 8.57 -1.77 -31.07
C LYS G 2 7.91 -0.41 -31.12
N TYR G 3 8.35 0.48 -32.02
CA TYR G 3 7.77 1.82 -32.21
C TYR G 3 7.18 1.85 -33.63
N PHE G 4 5.87 1.69 -33.78
CA PHE G 4 5.21 1.77 -35.10
C PHE G 4 4.77 3.20 -35.36
N LEU G 5 4.97 3.73 -36.56
CA LEU G 5 4.56 5.10 -36.93
C LEU G 5 3.10 5.08 -37.35
N ASP G 6 2.26 5.77 -36.60
CA ASP G 6 0.82 5.87 -36.90
C ASP G 6 0.65 6.97 -37.94
N SER G 7 1.07 6.72 -39.18
CA SER G 7 1.05 7.72 -40.26
C SER G 7 0.76 7.03 -41.59
N ALA G 8 0.31 7.78 -42.59
CA ALA G 8 0.11 7.27 -43.95
C ALA G 8 0.83 8.24 -44.89
N ILE G 9 1.72 9.07 -44.37
CA ILE G 9 2.53 10.02 -45.20
C ILE G 9 3.88 9.35 -45.37
N LEU G 10 4.31 9.00 -46.59
CA LEU G 10 5.53 8.21 -46.85
C LEU G 10 6.79 9.05 -46.65
N GLU G 11 6.70 10.37 -46.54
CA GLU G 11 7.89 11.20 -46.24
C GLU G 11 8.24 10.98 -44.76
N GLU G 12 7.23 10.77 -43.91
CA GLU G 12 7.43 10.58 -42.45
C GLU G 12 7.75 9.12 -42.18
N ILE G 13 7.21 8.20 -42.99
CA ILE G 13 7.46 6.75 -42.83
C ILE G 13 8.90 6.48 -43.26
N ARG G 14 9.40 7.19 -44.25
CA ARG G 14 10.75 6.94 -44.81
C ARG G 14 11.78 7.52 -43.88
N TYR G 15 11.54 8.70 -43.33
CA TYR G 15 12.43 9.34 -42.33
C TYR G 15 12.51 8.47 -41.09
N ALA G 16 11.39 8.20 -40.43
CA ALA G 16 11.35 7.41 -39.19
C ALA G 16 12.06 6.07 -39.37
N TYR G 17 12.01 5.45 -40.54
CA TYR G 17 12.69 4.17 -40.82
C TYR G 17 14.18 4.39 -40.86
N GLU G 18 14.63 5.38 -41.60
CA GLU G 18 16.07 5.60 -41.79
C GLU G 18 16.72 6.24 -40.57
N ASN G 19 15.98 6.82 -39.63
CA ASN G 19 16.65 7.59 -38.56
C ASN G 19 16.20 7.11 -37.17
N TRP G 20 14.95 6.66 -37.03
CA TRP G 20 14.44 6.29 -35.68
C TRP G 20 14.32 4.76 -35.58
N ALA G 21 14.56 4.05 -36.67
CA ALA G 21 14.45 2.58 -36.68
C ALA G 21 13.02 2.16 -36.29
N ILE G 22 12.00 2.72 -36.93
CA ILE G 22 10.61 2.26 -36.65
C ILE G 22 10.50 0.79 -37.03
N ASP G 23 9.65 0.03 -36.33
CA ASP G 23 9.58 -1.44 -36.57
C ASP G 23 8.32 -1.78 -37.36
N GLY G 24 7.52 -0.78 -37.72
CA GLY G 24 6.27 -1.04 -38.45
C GLY G 24 5.47 0.23 -38.66
N VAL G 25 4.33 0.16 -39.34
CA VAL G 25 3.49 1.34 -39.65
C VAL G 25 2.02 0.95 -39.51
N THR G 26 1.24 1.73 -38.78
CA THR G 26 -0.22 1.49 -38.62
C THR G 26 -0.95 2.65 -39.29
N THR G 27 -2.06 2.38 -39.96
CA THR G 27 -2.86 3.42 -40.65
C THR G 27 -4.34 3.18 -40.34
N ASN G 28 -5.17 4.22 -40.42
CA ASN G 28 -6.63 4.09 -40.21
C ASN G 28 -7.30 4.93 -41.30
N PRO G 29 -8.61 4.70 -41.54
CA PRO G 29 -9.35 5.38 -42.59
C PRO G 29 -9.30 6.91 -42.54
N ARG G 30 -8.97 7.48 -41.39
CA ARG G 30 -8.89 8.94 -41.21
C ARG G 30 -7.46 9.39 -41.50
N HIS G 31 -6.47 8.52 -41.37
CA HIS G 31 -5.05 8.86 -41.67
C HIS G 31 -4.86 8.88 -43.17
N ILE G 32 -5.77 8.25 -43.90
CA ILE G 32 -5.69 8.13 -45.38
C ILE G 32 -6.57 9.20 -45.99
N MET G 33 -7.53 9.75 -45.26
CA MET G 33 -8.33 10.90 -45.76
C MET G 33 -7.46 12.11 -45.56
N ASN G 34 -6.35 11.96 -44.83
CA ASN G 34 -5.43 13.06 -44.52
C ASN G 34 -4.18 12.98 -45.38
N SER G 35 -3.90 11.81 -45.95
CA SER G 35 -2.71 11.59 -46.81
C SER G 35 -2.97 12.13 -48.21
N GLY G 36 -4.19 12.55 -48.49
CA GLY G 36 -4.56 13.12 -49.81
C GLY G 36 -4.68 12.05 -50.86
N LYS G 37 -3.58 11.33 -51.17
CA LYS G 37 -3.59 10.23 -52.16
C LYS G 37 -4.80 9.32 -51.88
N PRO G 38 -5.42 8.72 -52.91
CA PRO G 38 -6.52 7.80 -52.69
C PRO G 38 -5.98 6.58 -51.95
N PHE G 39 -6.84 5.74 -51.40
CA PHE G 39 -6.44 4.55 -50.61
C PHE G 39 -5.53 3.68 -51.42
N LEU G 40 -5.96 3.20 -52.58
CA LEU G 40 -5.21 2.22 -53.39
C LEU G 40 -3.82 2.79 -53.74
N THR G 41 -3.74 4.10 -53.94
CA THR G 41 -2.43 4.74 -54.24
C THR G 41 -1.52 4.62 -53.03
N VAL G 42 -1.99 5.04 -51.86
CA VAL G 42 -1.19 4.92 -50.61
C VAL G 42 -0.69 3.48 -50.49
N LEU G 43 -1.55 2.51 -50.79
CA LEU G 43 -1.18 1.07 -50.62
C LEU G 43 -0.07 0.71 -51.62
N ASP G 44 -0.22 1.10 -52.88
CA ASP G 44 0.80 0.78 -53.93
C ASP G 44 2.14 1.36 -53.50
N GLU G 45 2.16 2.59 -53.00
CA GLU G 45 3.42 3.24 -52.57
C GLU G 45 4.02 2.45 -51.40
N PHE G 46 3.19 2.09 -50.42
CA PHE G 46 3.68 1.36 -49.22
C PHE G 46 4.19 -0.01 -49.65
N ALA G 47 3.54 -0.63 -50.64
CA ALA G 47 3.93 -1.98 -51.09
C ALA G 47 5.30 -1.92 -51.77
N SER G 48 5.57 -0.87 -52.54
CA SER G 48 6.85 -0.75 -53.27
C SER G 48 7.95 -0.29 -52.31
N GLU G 49 7.69 0.66 -51.44
CA GLU G 49 8.76 1.22 -50.56
C GLU G 49 9.33 0.11 -49.70
N PHE G 50 8.52 -0.89 -49.37
CA PHE G 50 8.90 -1.99 -48.48
C PHE G 50 8.70 -3.29 -49.24
N LYS G 51 9.34 -3.44 -50.41
CA LYS G 51 9.16 -4.64 -51.27
C LYS G 51 9.96 -5.80 -50.71
N GLY G 52 11.12 -5.54 -50.13
CA GLY G 52 11.95 -6.59 -49.54
C GLY G 52 12.51 -6.12 -48.22
N VAL G 53 11.64 -5.67 -47.31
CA VAL G 53 12.04 -5.20 -45.97
C VAL G 53 11.26 -6.10 -45.03
N GLU G 54 11.84 -7.21 -44.62
CA GLU G 54 11.12 -8.21 -43.78
C GLU G 54 10.86 -7.64 -42.39
N ASN G 55 9.87 -8.18 -41.69
CA ASN G 55 9.56 -7.75 -40.30
C ASN G 55 9.22 -6.26 -40.28
N PHE G 56 8.40 -5.75 -41.20
CA PHE G 56 7.90 -4.36 -41.19
C PHE G 56 6.40 -4.44 -41.38
N PRO G 57 5.62 -4.70 -40.33
CA PRO G 57 4.21 -4.87 -40.48
C PRO G 57 3.62 -3.56 -41.02
N ILE G 58 2.63 -3.57 -41.90
CA ILE G 58 1.93 -2.32 -42.35
C ILE G 58 0.42 -2.53 -42.16
N SER G 59 -0.12 -2.20 -41.00
CA SER G 59 -1.56 -2.39 -40.67
C SER G 59 -2.43 -1.51 -41.57
N VAL G 60 -3.39 -2.11 -42.27
CA VAL G 60 -4.27 -1.39 -43.23
C VAL G 60 -5.71 -1.78 -42.92
N GLU G 61 -6.55 -0.83 -42.51
CA GLU G 61 -7.97 -1.09 -42.16
C GLU G 61 -8.83 -1.29 -43.41
N ILE G 62 -9.72 -2.28 -43.39
CA ILE G 62 -10.65 -2.57 -44.52
C ILE G 62 -11.80 -1.58 -44.47
N ASN G 63 -12.73 -1.65 -45.43
CA ASN G 63 -13.90 -0.74 -45.50
C ASN G 63 -14.60 -0.72 -44.15
N PRO G 64 -14.79 0.46 -43.50
CA PRO G 64 -15.38 0.51 -42.18
C PRO G 64 -16.90 0.30 -42.23
N HIS G 65 -17.48 0.27 -43.43
CA HIS G 65 -18.94 0.08 -43.62
C HIS G 65 -19.27 -1.42 -43.66
N LEU G 66 -18.29 -2.28 -43.94
CA LEU G 66 -18.48 -3.74 -43.98
C LEU G 66 -19.18 -4.16 -42.70
N ASP G 67 -20.30 -4.89 -42.75
CA ASP G 67 -21.09 -5.32 -41.57
C ASP G 67 -21.12 -6.85 -41.46
N ASN G 68 -20.67 -7.58 -42.48
CA ASN G 68 -20.71 -9.07 -42.49
C ASN G 68 -19.28 -9.59 -42.45
N ALA G 69 -19.03 -10.66 -41.70
CA ALA G 69 -17.70 -11.27 -41.57
C ALA G 69 -17.27 -11.87 -42.91
N LYS G 70 -18.22 -12.18 -43.78
CA LYS G 70 -17.92 -12.77 -45.13
C LYS G 70 -17.44 -11.66 -46.05
N ASP G 71 -18.04 -10.49 -45.98
CA ASP G 71 -17.67 -9.34 -46.84
C ASP G 71 -16.31 -8.82 -46.38
N MET G 72 -16.02 -8.85 -45.08
CA MET G 72 -14.73 -8.38 -44.52
C MET G 72 -13.62 -9.33 -44.95
N VAL G 73 -13.88 -10.63 -44.97
CA VAL G 73 -12.85 -11.65 -45.32
C VAL G 73 -12.53 -11.56 -46.81
N GLU G 74 -13.48 -11.15 -47.64
CA GLU G 74 -13.30 -11.03 -49.11
C GLU G 74 -12.50 -9.76 -49.40
N GLU G 75 -12.80 -8.67 -48.70
CA GLU G 75 -12.13 -7.36 -48.92
C GLU G 75 -10.71 -7.41 -48.36
N GLY G 76 -10.52 -7.99 -47.17
CA GLY G 76 -9.20 -8.06 -46.53
C GLY G 76 -8.29 -9.07 -47.20
N THR G 77 -8.83 -10.07 -47.87
CA THR G 77 -8.03 -11.06 -48.64
C THR G 77 -7.43 -10.35 -49.85
N LYS G 78 -8.21 -9.49 -50.51
CA LYS G 78 -7.73 -8.71 -51.68
C LYS G 78 -6.61 -7.77 -51.24
N ILE G 79 -6.80 -7.01 -50.17
CA ILE G 79 -5.80 -6.02 -49.68
C ILE G 79 -4.53 -6.78 -49.28
N ALA G 80 -4.65 -7.93 -48.65
CA ALA G 80 -3.51 -8.72 -48.15
C ALA G 80 -2.71 -9.28 -49.33
N LYS G 81 -3.34 -9.47 -50.49
CA LYS G 81 -2.67 -10.02 -51.70
C LYS G 81 -1.84 -8.93 -52.37
N LEU G 82 -1.91 -7.68 -51.90
CA LEU G 82 -1.18 -6.55 -52.52
C LEU G 82 0.26 -6.48 -51.98
N SER G 83 0.46 -6.95 -50.77
CA SER G 83 1.83 -7.03 -50.20
C SER G 83 1.86 -8.08 -49.09
N SER G 84 3.05 -8.49 -48.71
CA SER G 84 3.26 -9.49 -47.65
C SER G 84 3.44 -8.75 -46.35
N ASN G 85 3.80 -7.47 -46.42
CA ASN G 85 4.01 -6.63 -45.23
C ASN G 85 2.66 -6.23 -44.66
N PHE G 86 1.62 -6.14 -45.46
CA PHE G 86 0.28 -5.66 -45.02
C PHE G 86 -0.36 -6.57 -43.99
N VAL G 87 -1.00 -6.03 -42.96
CA VAL G 87 -1.74 -6.75 -41.88
C VAL G 87 -3.16 -6.19 -41.84
N ILE G 88 -4.19 -6.96 -42.19
CA ILE G 88 -5.59 -6.48 -42.25
C ILE G 88 -6.06 -6.00 -40.88
N LYS G 89 -6.43 -4.72 -40.75
CA LYS G 89 -6.94 -4.14 -39.47
C LYS G 89 -8.46 -4.26 -39.44
N ILE G 90 -9.03 -4.98 -38.46
CA ILE G 90 -10.49 -5.25 -38.37
C ILE G 90 -11.02 -4.69 -37.04
N PRO G 91 -12.19 -4.02 -37.01
CA PRO G 91 -12.75 -3.49 -35.77
C PRO G 91 -13.21 -4.59 -34.81
N CYS G 92 -13.09 -4.36 -33.50
CA CYS G 92 -13.53 -5.36 -32.50
C CYS G 92 -15.06 -5.41 -32.44
N THR G 93 -15.72 -5.89 -33.47
CA THR G 93 -17.19 -5.97 -33.50
C THR G 93 -17.50 -7.46 -33.55
N GLU G 94 -18.76 -7.85 -33.48
CA GLU G 94 -19.13 -9.28 -33.57
C GLU G 94 -18.63 -9.80 -34.92
N PRO G 95 -19.04 -9.24 -36.07
CA PRO G 95 -18.60 -9.78 -37.34
C PRO G 95 -17.10 -9.58 -37.58
N GLY G 96 -16.45 -8.61 -36.96
CA GLY G 96 -15.00 -8.37 -37.07
C GLY G 96 -14.22 -9.47 -36.39
N LEU G 97 -14.68 -9.94 -35.24
CA LEU G 97 -13.99 -11.01 -34.49
C LEU G 97 -14.24 -12.35 -35.19
N ILE G 98 -15.38 -12.49 -35.86
CA ILE G 98 -15.70 -13.72 -36.65
C ILE G 98 -14.83 -13.68 -37.90
N ALA G 99 -14.65 -12.50 -38.49
CA ALA G 99 -13.85 -12.34 -39.72
C ALA G 99 -12.37 -12.45 -39.39
N ALA G 100 -11.95 -12.08 -38.19
CA ALA G 100 -10.54 -12.10 -37.77
C ALA G 100 -10.14 -13.54 -37.47
N LYS G 101 -11.09 -14.37 -37.07
CA LYS G 101 -10.84 -15.80 -36.75
C LYS G 101 -10.69 -16.55 -38.07
N GLU G 102 -11.52 -16.25 -39.06
CA GLU G 102 -11.45 -16.90 -40.39
C GLU G 102 -10.15 -16.48 -41.07
N PHE G 103 -9.80 -15.20 -41.01
CA PHE G 103 -8.57 -14.65 -41.61
C PHE G 103 -7.37 -15.35 -41.01
N GLU G 104 -7.29 -15.45 -39.70
CA GLU G 104 -6.13 -16.06 -38.99
C GLU G 104 -6.04 -17.55 -39.33
N LYS G 105 -7.15 -18.20 -39.63
CA LYS G 105 -7.21 -19.64 -39.98
C LYS G 105 -6.65 -19.83 -41.40
N GLN G 106 -6.76 -18.80 -42.24
CA GLN G 106 -6.28 -18.85 -43.65
C GLN G 106 -4.84 -18.33 -43.69
N GLY G 107 -4.29 -17.89 -42.56
CA GLY G 107 -2.89 -17.44 -42.48
C GLY G 107 -2.71 -15.96 -42.80
N ILE G 108 -3.80 -15.18 -42.86
CA ILE G 108 -3.74 -13.71 -43.10
C ILE G 108 -3.63 -13.01 -41.75
N SER G 109 -2.50 -12.34 -41.47
CA SER G 109 -2.29 -11.61 -40.20
C SER G 109 -3.37 -10.55 -40.03
N THR G 110 -3.93 -10.42 -38.83
CA THR G 110 -5.03 -9.46 -38.57
C THR G 110 -4.68 -8.60 -37.35
N ASN G 111 -5.10 -7.34 -37.34
CA ASN G 111 -4.90 -6.41 -36.20
C ASN G 111 -6.29 -5.99 -35.73
N VAL G 112 -6.89 -6.68 -34.75
CA VAL G 112 -8.22 -6.34 -34.20
C VAL G 112 -8.11 -4.97 -33.52
N THR G 113 -8.63 -3.91 -34.14
CA THR G 113 -8.49 -2.53 -33.63
C THR G 113 -9.74 -2.06 -32.89
N LEU G 114 -9.75 -0.82 -32.40
CA LEU G 114 -10.89 -0.22 -31.67
C LEU G 114 -11.28 -1.12 -30.49
N VAL G 115 -10.30 -1.50 -29.67
CA VAL G 115 -10.54 -2.29 -28.43
C VAL G 115 -10.42 -1.29 -27.29
N PHE G 116 -11.40 -1.17 -26.40
CA PHE G 116 -11.42 -0.15 -25.34
C PHE G 116 -11.65 -0.81 -23.97
N SER G 117 -11.72 -2.14 -23.90
CA SER G 117 -12.01 -2.91 -22.67
C SER G 117 -11.22 -4.21 -22.68
N PRO G 118 -10.84 -4.74 -21.52
CA PRO G 118 -10.02 -5.94 -21.50
C PRO G 118 -10.83 -7.20 -21.82
N SER G 119 -12.16 -7.16 -21.82
CA SER G 119 -13.04 -8.30 -22.17
C SER G 119 -13.15 -8.37 -23.68
N GLN G 120 -12.81 -7.30 -24.36
CA GLN G 120 -12.88 -7.20 -25.83
C GLN G 120 -11.55 -7.67 -26.40
N ALA G 121 -10.44 -7.52 -25.68
CA ALA G 121 -9.09 -7.94 -26.08
C ALA G 121 -8.89 -9.43 -25.81
N LEU G 122 -9.94 -10.13 -25.36
CA LEU G 122 -9.85 -11.54 -24.98
C LEU G 122 -10.38 -12.42 -26.10
N GLN G 123 -11.52 -12.14 -26.70
CA GLN G 123 -11.94 -12.94 -27.87
C GLN G 123 -10.85 -12.77 -28.92
N PRO G 124 -10.32 -11.55 -29.21
CA PRO G 124 -9.25 -11.35 -30.14
C PRO G 124 -8.08 -12.32 -29.98
N ALA G 125 -7.62 -12.60 -28.77
CA ALA G 125 -6.46 -13.47 -28.51
C ALA G 125 -6.90 -14.91 -28.40
N ARG G 126 -8.16 -15.14 -28.12
CA ARG G 126 -8.72 -16.50 -28.05
C ARG G 126 -9.06 -16.95 -29.45
N ILE G 127 -8.62 -16.22 -30.48
CA ILE G 127 -8.80 -16.63 -31.90
C ILE G 127 -7.47 -16.45 -32.63
N GLY G 128 -6.38 -16.11 -31.93
CA GLY G 128 -5.04 -16.05 -32.56
C GLY G 128 -4.81 -14.84 -33.43
N ALA G 129 -5.38 -13.69 -33.07
CA ALA G 129 -5.08 -12.46 -33.83
C ALA G 129 -3.59 -12.15 -33.67
N LYS G 130 -2.93 -11.69 -34.73
CA LYS G 130 -1.50 -11.35 -34.70
C LYS G 130 -1.30 -10.12 -33.81
N PHE G 131 -2.20 -9.15 -33.89
CA PHE G 131 -2.10 -7.90 -33.11
C PHE G 131 -3.47 -7.51 -32.53
N VAL G 132 -3.48 -6.82 -31.40
CA VAL G 132 -4.71 -6.28 -30.76
C VAL G 132 -4.36 -4.84 -30.42
N SER G 133 -5.09 -3.83 -30.89
CA SER G 133 -4.77 -2.40 -30.65
C SER G 133 -5.68 -1.77 -29.60
N PRO G 134 -5.35 -1.78 -28.30
CA PRO G 134 -6.13 -1.07 -27.28
C PRO G 134 -5.94 0.44 -27.37
N PHE G 135 -7.00 1.24 -27.55
CA PHE G 135 -6.90 2.71 -27.73
C PHE G 135 -6.86 3.43 -26.38
N VAL G 136 -6.03 4.46 -26.23
CA VAL G 136 -5.87 5.23 -24.96
C VAL G 136 -6.41 6.65 -25.14
N GLY G 137 -5.85 7.46 -26.02
CA GLY G 137 -6.23 8.86 -26.25
C GLY G 137 -7.73 9.12 -26.27
N TRP G 138 -8.52 8.34 -27.01
CA TRP G 138 -9.97 8.58 -27.18
C TRP G 138 -10.68 8.56 -25.83
N LYS G 139 -10.38 7.56 -25.00
CA LYS G 139 -11.05 7.38 -23.69
C LYS G 139 -10.68 8.55 -22.79
N GLU G 140 -9.42 9.00 -22.82
CA GLU G 140 -8.91 10.11 -21.99
C GLU G 140 -9.61 11.42 -22.38
N ASN G 141 -9.84 11.63 -23.68
CA ASN G 141 -10.47 12.90 -24.15
C ASN G 141 -11.84 13.03 -23.49
N SER G 142 -12.46 11.92 -23.11
CA SER G 142 -13.80 11.95 -22.49
C SER G 142 -13.69 11.86 -20.97
N GLY G 143 -12.48 11.97 -20.40
CA GLY G 143 -12.28 12.01 -18.94
C GLY G 143 -12.16 10.64 -18.32
N ASP G 144 -11.86 9.61 -19.10
CA ASP G 144 -11.72 8.21 -18.59
C ASP G 144 -10.24 7.86 -18.46
N ASP G 145 -9.85 7.25 -17.33
CA ASP G 145 -8.45 6.81 -17.10
C ASP G 145 -8.21 5.50 -17.86
N THR G 146 -7.07 5.34 -18.52
CA THR G 146 -6.79 4.15 -19.37
C THR G 146 -5.70 3.29 -18.74
N TYR G 149 -6.48 -0.31 -17.66
CA TYR G 149 -6.97 -1.48 -18.44
C TYR G 149 -5.87 -1.98 -19.37
N ILE G 150 -4.89 -1.12 -19.67
CA ILE G 150 -3.75 -1.52 -20.54
C ILE G 150 -2.88 -2.52 -19.77
N GLN G 151 -2.63 -2.24 -18.50
CA GLN G 151 -1.82 -3.17 -17.66
C GLN G 151 -2.56 -4.49 -17.52
N ASP G 152 -3.88 -4.44 -17.33
CA ASP G 152 -4.71 -5.66 -17.22
C ASP G 152 -4.51 -6.52 -18.47
N ILE G 153 -4.62 -5.91 -19.66
CA ILE G 153 -4.47 -6.69 -20.92
C ILE G 153 -3.08 -7.30 -20.96
N VAL G 154 -2.05 -6.52 -20.63
CA VAL G 154 -0.66 -7.03 -20.68
C VAL G 154 -0.55 -8.21 -19.71
N ASN G 155 -1.07 -8.05 -18.51
CA ASN G 155 -0.99 -9.05 -17.43
C ASN G 155 -1.85 -10.27 -17.77
N ILE G 156 -2.92 -10.12 -18.52
CA ILE G 156 -3.82 -11.24 -18.88
C ILE G 156 -3.16 -12.02 -20.01
N TYR G 157 -2.45 -11.36 -20.91
CA TYR G 157 -1.82 -12.00 -22.09
C TYR G 157 -0.66 -12.83 -21.57
N LYS G 158 0.09 -12.29 -20.63
CA LYS G 158 1.27 -12.98 -20.05
C LYS G 158 0.81 -14.22 -19.29
N ASN G 159 -0.15 -14.08 -18.41
CA ASN G 159 -0.69 -15.23 -17.65
C ASN G 159 -1.10 -16.33 -18.61
N TYR G 160 -2.10 -16.10 -19.46
CA TYR G 160 -2.63 -17.11 -20.41
C TYR G 160 -1.63 -17.32 -21.55
N ASN G 161 -0.54 -16.54 -21.59
CA ASN G 161 0.56 -16.73 -22.57
C ASN G 161 0.04 -16.57 -24.01
N TYR G 162 -0.82 -15.58 -24.29
CA TYR G 162 -1.29 -15.29 -25.66
C TYR G 162 -0.11 -14.76 -26.49
N ASN G 163 0.09 -15.25 -27.72
CA ASN G 163 1.17 -14.74 -28.61
C ASN G 163 0.77 -13.40 -29.21
N THR G 164 -0.51 -13.05 -29.26
CA THR G 164 -1.01 -11.75 -29.78
C THR G 164 -0.15 -10.62 -29.21
N GLU G 165 0.32 -9.71 -30.06
CA GLU G 165 1.18 -8.57 -29.62
C GLU G 165 0.29 -7.35 -29.41
N ILE G 166 0.40 -6.66 -28.28
CA ILE G 166 -0.47 -5.51 -27.94
C ILE G 166 0.11 -4.24 -28.55
N ILE G 167 -0.67 -3.51 -29.34
CA ILE G 167 -0.23 -2.21 -29.92
C ILE G 167 -1.03 -1.09 -29.27
N VAL G 168 -0.52 -0.50 -28.18
CA VAL G 168 -1.19 0.64 -27.51
C VAL G 168 -1.33 1.74 -28.57
N ALA G 169 -2.54 2.20 -28.86
CA ALA G 169 -2.80 3.18 -29.93
C ALA G 169 -3.34 4.49 -29.38
N ALA G 170 -3.59 5.48 -30.24
CA ALA G 170 -4.10 6.81 -29.85
C ALA G 170 -3.18 7.47 -28.82
N LEU G 171 -1.89 7.13 -28.80
CA LEU G 171 -0.93 7.75 -27.86
C LEU G 171 -0.73 9.17 -28.34
N ARG G 172 -0.50 10.13 -27.46
CA ARG G 172 -0.41 11.56 -27.83
C ARG G 172 0.73 12.27 -27.11
N ASN G 173 1.47 11.63 -26.23
CA ASN G 173 2.67 12.23 -25.60
C ASN G 173 3.67 11.12 -25.27
N GLY G 174 4.92 11.46 -24.96
CA GLY G 174 5.96 10.49 -24.60
C GLY G 174 5.77 9.92 -23.21
N LYS G 175 4.96 10.57 -22.36
CA LYS G 175 4.66 10.05 -21.00
C LYS G 175 3.72 8.87 -21.15
N GLN G 176 2.88 8.86 -22.19
CA GLN G 176 1.93 7.76 -22.46
C GLN G 176 2.73 6.63 -23.10
N ILE G 177 3.85 6.94 -23.77
CA ILE G 177 4.75 5.92 -24.35
C ILE G 177 5.51 5.28 -23.20
N VAL G 178 5.81 6.04 -22.15
CA VAL G 178 6.56 5.55 -20.96
C VAL G 178 5.58 4.74 -20.10
N ASP G 179 4.29 5.03 -20.15
CA ASP G 179 3.25 4.28 -19.40
C ASP G 179 3.08 2.91 -20.04
N ALA G 180 3.07 2.86 -21.38
CA ALA G 180 2.90 1.59 -22.13
C ALA G 180 4.13 0.72 -21.91
N ALA G 181 5.32 1.30 -21.89
CA ALA G 181 6.58 0.57 -21.69
C ALA G 181 6.65 0.04 -20.26
N LYS G 182 6.18 0.83 -19.29
CA LYS G 182 6.19 0.43 -17.86
C LYS G 182 5.20 -0.72 -17.68
N ALA G 183 4.14 -0.78 -18.48
CA ALA G 183 3.12 -1.84 -18.40
C ALA G 183 3.70 -3.12 -19.00
N GLY G 184 4.48 -3.02 -20.05
CA GLY G 184 5.03 -4.20 -20.75
C GLY G 184 4.40 -4.40 -22.12
N ALA G 185 3.70 -3.39 -22.62
CA ALA G 185 3.11 -3.47 -23.98
C ALA G 185 4.21 -3.81 -24.98
N HIS G 186 3.87 -4.60 -26.00
CA HIS G 186 4.83 -5.07 -27.02
C HIS G 186 5.18 -3.92 -27.95
N ILE G 187 4.18 -3.25 -28.52
CA ILE G 187 4.39 -2.16 -29.50
C ILE G 187 3.65 -0.92 -29.03
N VAL G 188 4.06 0.26 -29.48
CA VAL G 188 3.34 1.53 -29.22
C VAL G 188 3.27 2.21 -30.58
N THR G 189 2.09 2.58 -31.05
CA THR G 189 1.93 3.30 -32.34
C THR G 189 1.68 4.77 -32.02
N CYS G 190 2.43 5.69 -32.63
CA CYS G 190 2.34 7.14 -32.34
C CYS G 190 2.62 7.93 -33.62
N GLY G 191 2.11 9.15 -33.72
CA GLY G 191 2.40 10.03 -34.87
C GLY G 191 3.85 10.49 -34.86
N PHE G 192 4.37 10.96 -36.00
CA PHE G 192 5.78 11.39 -36.14
C PHE G 192 6.14 12.41 -35.08
N ASP G 193 5.27 13.39 -34.79
CA ASP G 193 5.59 14.50 -33.86
C ASP G 193 5.61 14.00 -32.42
N VAL G 194 4.78 13.04 -32.04
CA VAL G 194 4.77 12.46 -30.67
C VAL G 194 6.14 11.83 -30.43
N TYR G 195 6.73 11.18 -31.44
CA TYR G 195 8.04 10.48 -31.31
C TYR G 195 9.18 11.49 -31.24
N LYS G 196 9.15 12.53 -32.06
CA LYS G 196 10.22 13.57 -32.06
C LYS G 196 10.26 14.25 -30.68
N GLU G 197 9.13 14.73 -30.19
CA GLU G 197 9.10 15.47 -28.90
C GLU G 197 9.51 14.54 -27.76
N SER G 198 9.19 13.25 -27.84
CA SER G 198 9.50 12.26 -26.79
C SER G 198 11.02 12.12 -26.66
N PHE G 199 11.77 12.43 -27.70
CA PHE G 199 13.24 12.30 -27.71
C PHE G 199 13.89 13.58 -27.20
N GLN G 200 13.11 14.62 -26.93
CA GLN G 200 13.65 15.95 -26.55
C GLN G 200 13.27 16.33 -25.12
N HIS G 201 14.12 17.09 -24.43
CA HIS G 201 13.88 17.58 -23.07
C HIS G 201 14.60 18.92 -22.93
N ALA G 202 14.04 19.86 -22.19
CA ALA G 202 14.56 21.22 -21.97
C ALA G 202 15.82 21.23 -21.13
N PHE G 203 16.05 20.19 -20.38
CA PHE G 203 17.19 20.08 -19.47
C PHE G 203 18.34 19.57 -20.31
N THR G 204 18.07 19.00 -21.48
CA THR G 204 19.12 18.59 -22.43
C THR G 204 19.61 19.84 -23.12
N ASP G 205 18.75 20.84 -23.32
CA ASP G 205 19.15 22.13 -23.95
C ASP G 205 19.85 22.98 -22.91
N TYR G 206 19.46 22.87 -21.64
CA TYR G 206 20.10 23.60 -20.52
C TYR G 206 21.53 23.09 -20.37
N GLY G 207 21.70 21.78 -20.24
CA GLY G 207 23.02 21.17 -20.08
C GLY G 207 23.90 21.44 -21.29
N LEU G 208 23.30 21.41 -22.47
CA LEU G 208 24.03 21.64 -23.74
C LEU G 208 24.61 23.05 -23.71
N ASN G 209 23.88 24.01 -23.16
CA ASN G 209 24.34 25.42 -23.08
C ASN G 209 25.47 25.50 -22.05
N LYS G 210 25.35 24.77 -20.93
CA LYS G 210 26.37 24.78 -19.86
C LYS G 210 27.64 24.12 -20.41
N PHE G 211 27.51 23.06 -21.20
CA PHE G 211 28.65 22.33 -21.80
C PHE G 211 29.24 23.13 -22.96
N ARG G 212 28.44 23.95 -23.65
CA ARG G 212 28.93 24.75 -24.79
C ARG G 212 29.71 25.94 -24.21
N ASN G 213 29.33 26.46 -23.04
CA ASN G 213 30.06 27.57 -22.38
C ASN G 213 31.39 27.03 -21.89
N ALA G 214 31.43 25.82 -21.32
CA ALA G 214 32.66 25.21 -20.79
C ALA G 214 33.65 24.93 -21.93
N TRP G 215 33.20 24.26 -22.98
CA TRP G 215 34.02 23.97 -24.17
C TRP G 215 34.70 25.26 -24.63
N ASP G 216 33.95 26.37 -24.65
CA ASP G 216 34.51 27.66 -25.13
C ASP G 216 35.59 28.17 -24.16
N ASN G 217 35.37 28.01 -22.86
CA ASN G 217 36.34 28.48 -21.85
C ASN G 217 37.38 27.38 -21.63
N THR G 218 37.74 26.62 -22.65
CA THR G 218 38.73 25.51 -22.58
C THR G 218 39.70 25.60 -23.76
N VAL G 219 40.97 25.23 -23.59
CA VAL G 219 41.98 25.18 -24.70
C VAL G 219 41.92 23.80 -25.39
N MET H 1 -0.93 -29.81 -0.12
CA MET H 1 -1.53 -29.34 1.16
C MET H 1 -2.01 -30.57 1.94
N LYS H 2 -1.43 -30.83 3.10
CA LYS H 2 -1.78 -32.01 3.92
C LYS H 2 -2.79 -31.63 4.99
N TYR H 3 -3.78 -32.47 5.27
CA TYR H 3 -4.79 -32.24 6.32
C TYR H 3 -4.60 -33.34 7.37
N PHE H 4 -3.95 -33.04 8.49
CA PHE H 4 -3.76 -34.02 9.59
C PHE H 4 -4.93 -33.89 10.58
N LEU H 5 -5.49 -34.98 11.04
CA LEU H 5 -6.60 -34.98 12.02
C LEU H 5 -6.02 -34.85 13.42
N ASP H 6 -6.32 -33.75 14.10
CA ASP H 6 -5.87 -33.50 15.47
C ASP H 6 -6.82 -34.25 16.41
N SER H 7 -6.71 -35.57 16.51
CA SER H 7 -7.65 -36.40 17.31
C SER H 7 -6.95 -37.66 17.79
N ALA H 8 -7.40 -38.24 18.91
CA ALA H 8 -6.87 -39.51 19.44
C ALA H 8 -8.00 -40.54 19.42
N ILE H 9 -9.11 -40.23 18.75
CA ILE H 9 -10.29 -41.14 18.65
C ILE H 9 -10.16 -41.89 17.32
N LEU H 10 -10.14 -43.22 17.33
CA LEU H 10 -9.88 -44.01 16.10
C LEU H 10 -11.14 -44.14 15.25
N GLU H 11 -12.32 -43.80 15.75
CA GLU H 11 -13.55 -43.82 14.92
C GLU H 11 -13.48 -42.61 13.98
N GLU H 12 -12.90 -41.51 14.44
CA GLU H 12 -12.78 -40.25 13.64
C GLU H 12 -11.55 -40.34 12.74
N ILE H 13 -10.51 -41.05 13.19
CA ILE H 13 -9.26 -41.20 12.40
C ILE H 13 -9.58 -42.14 11.24
N ARG H 14 -10.41 -43.15 11.45
CA ARG H 14 -10.73 -44.17 10.44
C ARG H 14 -11.64 -43.56 9.39
N TYR H 15 -12.63 -42.80 9.80
CA TYR H 15 -13.56 -42.10 8.88
C TYR H 15 -12.79 -41.10 8.03
N ALA H 16 -12.06 -40.17 8.64
CA ALA H 16 -11.33 -39.10 7.92
C ALA H 16 -10.34 -39.70 6.93
N TYR H 17 -9.75 -40.85 7.21
CA TYR H 17 -8.75 -41.50 6.34
C TYR H 17 -9.43 -42.11 5.12
N GLU H 18 -10.65 -42.63 5.30
CA GLU H 18 -11.34 -43.33 4.19
C GLU H 18 -12.21 -42.38 3.37
N ASN H 19 -12.60 -41.24 3.93
CA ASN H 19 -13.56 -40.36 3.22
C ASN H 19 -12.94 -38.99 2.91
N TRP H 20 -12.04 -38.50 3.76
CA TRP H 20 -11.49 -37.13 3.55
C TRP H 20 -10.05 -37.22 3.06
N ALA H 21 -9.49 -38.42 3.02
CA ALA H 21 -8.08 -38.61 2.61
C ALA H 21 -7.14 -37.81 3.52
N ILE H 22 -7.26 -37.96 4.84
CA ILE H 22 -6.31 -37.28 5.75
C ILE H 22 -4.90 -37.82 5.47
N ASP H 23 -3.88 -36.99 5.66
CA ASP H 23 -2.50 -37.40 5.28
C ASP H 23 -1.70 -37.74 6.54
N GLY H 24 -2.32 -37.64 7.71
CA GLY H 24 -1.59 -37.90 8.97
C GLY H 24 -2.46 -37.63 10.18
N VAL H 25 -1.96 -37.87 11.38
CA VAL H 25 -2.73 -37.68 12.65
C VAL H 25 -1.80 -37.09 13.71
N THR H 26 -2.21 -36.02 14.37
CA THR H 26 -1.43 -35.39 15.46
C THR H 26 -2.22 -35.57 16.75
N THR H 27 -1.55 -35.85 17.87
CA THR H 27 -2.19 -36.05 19.18
C THR H 27 -1.40 -35.28 20.24
N ASN H 28 -2.04 -34.90 21.34
CA ASN H 28 -1.36 -34.22 22.46
C ASN H 28 -1.87 -34.85 23.75
N PRO H 29 -1.20 -34.69 24.90
CA PRO H 29 -1.62 -35.33 26.14
C PRO H 29 -3.10 -35.09 26.47
N ARG H 30 -3.68 -33.99 25.99
CA ARG H 30 -5.09 -33.62 26.28
C ARG H 30 -6.04 -34.42 25.37
N HIS H 31 -5.63 -34.74 24.14
CA HIS H 31 -6.44 -35.53 23.19
C HIS H 31 -6.48 -36.98 23.66
N ILE H 32 -5.40 -37.46 24.29
CA ILE H 32 -5.32 -38.86 24.79
C ILE H 32 -6.14 -38.95 26.07
N MET H 33 -6.12 -37.91 26.90
CA MET H 33 -6.96 -37.86 28.12
C MET H 33 -8.42 -37.92 27.70
N ASN H 34 -8.80 -37.17 26.67
CA ASN H 34 -10.21 -37.11 26.22
C ASN H 34 -10.59 -38.42 25.51
N SER H 35 -9.59 -39.20 25.08
CA SER H 35 -9.86 -40.51 24.46
C SER H 35 -10.57 -41.41 25.46
N GLY H 36 -10.19 -41.34 26.74
CA GLY H 36 -10.77 -42.20 27.79
C GLY H 36 -10.02 -43.52 27.89
N LYS H 37 -9.11 -43.80 26.97
CA LYS H 37 -8.30 -45.05 26.96
C LYS H 37 -6.91 -44.72 27.51
N PRO H 38 -6.15 -45.69 28.05
CA PRO H 38 -4.79 -45.39 28.52
C PRO H 38 -3.89 -45.05 27.34
N PHE H 39 -2.83 -44.27 27.55
CA PHE H 39 -1.93 -43.81 26.47
C PHE H 39 -1.42 -44.99 25.67
N LEU H 40 -0.85 -46.01 26.33
CA LEU H 40 -0.24 -47.17 25.63
C LEU H 40 -1.30 -47.89 24.80
N THR H 41 -2.55 -47.91 25.27
CA THR H 41 -3.64 -48.55 24.51
C THR H 41 -3.87 -47.77 23.21
N VAL H 42 -4.07 -46.47 23.32
CA VAL H 42 -4.28 -45.62 22.11
C VAL H 42 -3.13 -45.89 21.13
N LEU H 43 -1.90 -46.01 21.63
CA LEU H 43 -0.73 -46.22 20.74
C LEU H 43 -0.81 -47.58 20.05
N ASP H 44 -1.12 -48.63 20.81
CA ASP H 44 -1.24 -50.00 20.22
C ASP H 44 -2.27 -49.99 19.10
N GLU H 45 -3.42 -49.34 19.34
CA GLU H 45 -4.50 -49.31 18.33
C GLU H 45 -4.00 -48.54 17.10
N PHE H 46 -3.34 -47.41 17.30
CA PHE H 46 -2.85 -46.59 16.16
C PHE H 46 -1.78 -47.37 15.40
N ALA H 47 -0.98 -48.15 16.12
CA ALA H 47 0.11 -48.91 15.48
C ALA H 47 -0.47 -50.00 14.58
N SER H 48 -1.55 -50.65 15.04
CA SER H 48 -2.15 -51.77 14.26
C SER H 48 -3.00 -51.20 13.12
N GLU H 49 -3.79 -50.17 13.40
CA GLU H 49 -4.68 -49.54 12.40
C GLU H 49 -3.88 -49.18 11.16
N PHE H 50 -2.66 -48.66 11.34
CA PHE H 50 -1.87 -48.18 10.19
C PHE H 50 -0.57 -48.97 10.10
N LYS H 51 -0.59 -50.23 10.51
CA LYS H 51 0.62 -51.09 10.48
C LYS H 51 1.36 -50.91 9.15
N GLY H 52 0.70 -51.25 8.04
CA GLY H 52 1.38 -51.19 6.73
C GLY H 52 1.34 -49.79 6.12
N VAL H 53 0.28 -49.03 6.37
CA VAL H 53 0.13 -47.68 5.75
C VAL H 53 1.48 -46.96 5.79
N GLU H 54 1.97 -46.52 4.63
CA GLU H 54 3.24 -45.74 4.58
C GLU H 54 2.90 -44.27 4.39
N ASN H 55 3.84 -43.38 4.70
CA ASN H 55 3.61 -41.92 4.55
C ASN H 55 2.38 -41.48 5.36
N PHE H 56 2.10 -42.12 6.50
CA PHE H 56 1.00 -41.65 7.37
C PHE H 56 1.60 -41.31 8.74
N PRO H 57 2.13 -40.09 8.90
CA PRO H 57 2.76 -39.69 10.16
C PRO H 57 1.77 -39.66 11.34
N ILE H 58 2.13 -40.19 12.50
CA ILE H 58 1.25 -40.17 13.71
C ILE H 58 2.02 -39.50 14.85
N SER H 59 1.91 -38.18 14.99
CA SER H 59 2.66 -37.41 16.02
C SER H 59 2.18 -37.79 17.42
N VAL H 60 3.10 -38.20 18.29
CA VAL H 60 2.78 -38.66 19.66
C VAL H 60 3.69 -37.92 20.64
N GLU H 61 3.13 -37.12 21.54
CA GLU H 61 3.92 -36.32 22.52
C GLU H 61 4.43 -37.21 23.66
N ILE H 62 5.69 -37.04 24.06
CA ILE H 62 6.31 -37.80 25.18
C ILE H 62 5.85 -37.18 26.50
N ASN H 63 6.25 -37.76 27.63
CA ASN H 63 5.88 -37.28 28.99
C ASN H 63 6.13 -35.77 29.07
N PRO H 64 5.12 -34.93 29.39
CA PRO H 64 5.31 -33.48 29.41
C PRO H 64 6.08 -33.03 30.65
N HIS H 65 6.32 -33.94 31.60
CA HIS H 65 7.07 -33.63 32.85
C HIS H 65 8.58 -33.78 32.61
N LEU H 66 8.98 -34.49 31.55
CA LEU H 66 10.42 -34.67 31.19
C LEU H 66 11.09 -33.30 31.17
N ASP H 67 12.19 -33.11 31.91
CA ASP H 67 12.89 -31.81 31.98
C ASP H 67 14.31 -31.91 31.42
N ASN H 68 14.81 -33.13 31.17
CA ASN H 68 16.20 -33.35 30.68
C ASN H 68 16.13 -33.90 29.26
N ALA H 69 17.03 -33.45 28.38
CA ALA H 69 17.07 -33.90 26.97
C ALA H 69 17.46 -35.37 26.91
N LYS H 70 18.11 -35.90 27.94
CA LYS H 70 18.53 -37.32 28.00
C LYS H 70 17.32 -38.18 28.33
N ASP H 71 16.47 -37.72 29.25
CA ASP H 71 15.26 -38.47 29.66
C ASP H 71 14.25 -38.46 28.51
N MET H 72 14.30 -37.40 27.71
CA MET H 72 13.33 -37.21 26.61
C MET H 72 13.72 -38.11 25.46
N VAL H 73 15.01 -38.34 25.23
CA VAL H 73 15.53 -39.18 24.12
C VAL H 73 15.36 -40.65 24.51
N GLU H 74 15.22 -40.95 25.79
CA GLU H 74 15.09 -42.33 26.30
C GLU H 74 13.63 -42.73 26.20
N GLU H 75 12.76 -41.81 26.46
CA GLU H 75 11.28 -42.05 26.43
C GLU H 75 10.79 -42.05 24.99
N GLY H 76 11.26 -41.10 24.17
CA GLY H 76 10.81 -40.97 22.77
C GLY H 76 11.39 -42.07 21.89
N THR H 77 12.52 -42.66 22.26
CA THR H 77 13.12 -43.80 21.52
C THR H 77 12.23 -45.02 21.72
N LYS H 78 11.73 -45.23 22.94
CA LYS H 78 10.83 -46.35 23.26
C LYS H 78 9.53 -46.21 22.47
N ILE H 79 8.90 -45.03 22.49
CA ILE H 79 7.61 -44.79 21.79
C ILE H 79 7.81 -44.98 20.30
N ALA H 80 8.93 -44.52 19.75
CA ALA H 80 9.23 -44.59 18.30
C ALA H 80 9.43 -46.05 17.87
N LYS H 81 9.83 -46.92 18.79
CA LYS H 81 10.08 -48.35 18.49
C LYS H 81 8.75 -49.10 18.42
N LEU H 82 7.63 -48.45 18.68
CA LEU H 82 6.32 -49.13 18.73
C LEU H 82 5.64 -49.05 17.37
N SER H 83 6.12 -48.22 16.46
CA SER H 83 5.58 -48.09 15.09
C SER H 83 6.45 -47.15 14.28
N SER H 84 6.61 -47.45 13.01
CA SER H 84 7.42 -46.63 12.09
C SER H 84 6.63 -45.38 11.74
N ASN H 85 5.32 -45.40 11.97
CA ASN H 85 4.47 -44.23 11.59
C ASN H 85 4.53 -43.20 12.71
N PHE H 86 5.08 -43.56 13.88
CA PHE H 86 5.07 -42.63 15.04
C PHE H 86 6.14 -41.54 14.90
N VAL H 87 5.79 -40.27 15.13
CA VAL H 87 6.75 -39.13 15.09
C VAL H 87 6.78 -38.49 16.48
N ILE H 88 7.89 -38.57 17.21
CA ILE H 88 7.98 -38.07 18.62
C ILE H 88 7.71 -36.55 18.65
N LYS H 89 6.68 -36.11 19.38
CA LYS H 89 6.35 -34.67 19.51
C LYS H 89 7.05 -34.12 20.76
N ILE H 90 7.93 -33.13 20.63
CA ILE H 90 8.75 -32.57 21.73
C ILE H 90 8.45 -31.07 21.88
N PRO H 91 8.27 -30.53 23.10
CA PRO H 91 8.01 -29.11 23.29
C PRO H 91 9.21 -28.22 22.92
N CYS H 92 8.96 -27.02 22.40
CA CYS H 92 10.06 -26.09 22.04
C CYS H 92 10.68 -25.51 23.31
N THR H 93 11.51 -26.25 24.01
CA THR H 93 12.09 -25.81 25.30
C THR H 93 13.59 -25.90 25.09
N GLU H 94 14.42 -25.36 25.95
CA GLU H 94 15.88 -25.56 25.81
C GLU H 94 16.15 -27.05 25.69
N PRO H 95 15.72 -27.91 26.65
CA PRO H 95 16.06 -29.32 26.62
C PRO H 95 15.33 -30.10 25.52
N GLY H 96 14.16 -29.68 25.08
CA GLY H 96 13.37 -30.25 23.98
C GLY H 96 14.08 -30.07 22.66
N LEU H 97 14.71 -28.91 22.44
CA LEU H 97 15.44 -28.61 21.19
C LEU H 97 16.76 -29.38 21.21
N ILE H 98 17.33 -29.63 22.38
CA ILE H 98 18.58 -30.42 22.51
C ILE H 98 18.21 -31.88 22.26
N ALA H 99 17.05 -32.31 22.75
CA ALA H 99 16.58 -33.71 22.61
C ALA H 99 16.11 -33.94 21.18
N ALA H 100 15.62 -32.92 20.49
CA ALA H 100 15.09 -33.04 19.11
C ALA H 100 16.27 -33.11 18.15
N LYS H 101 17.41 -32.54 18.52
CA LYS H 101 18.62 -32.55 17.67
C LYS H 101 19.25 -33.94 17.78
N GLU H 102 19.31 -34.51 18.98
CA GLU H 102 19.86 -35.86 19.20
C GLU H 102 18.97 -36.88 18.50
N PHE H 103 17.65 -36.76 18.66
CA PHE H 103 16.66 -37.66 18.02
C PHE H 103 16.87 -37.65 16.51
N GLU H 104 16.92 -36.47 15.90
CA GLU H 104 17.03 -36.31 14.42
C GLU H 104 18.37 -36.88 13.94
N LYS H 105 19.41 -36.87 14.78
CA LYS H 105 20.75 -37.40 14.45
C LYS H 105 20.71 -38.92 14.45
N GLN H 106 19.81 -39.52 15.24
CA GLN H 106 19.66 -40.99 15.34
C GLN H 106 18.62 -41.45 14.33
N GLY H 107 18.00 -40.54 13.58
CA GLY H 107 17.04 -40.88 12.51
C GLY H 107 15.62 -41.03 13.01
N ILE H 108 15.32 -40.57 14.23
CA ILE H 108 13.93 -40.60 14.80
C ILE H 108 13.25 -39.28 14.42
N SER H 109 12.20 -39.32 13.61
CA SER H 109 11.44 -38.11 13.18
C SER H 109 10.88 -37.41 14.42
N THR H 110 10.99 -36.09 14.49
CA THR H 110 10.52 -35.31 15.66
C THR H 110 9.60 -34.18 15.20
N ASN H 111 8.60 -33.83 16.01
CA ASN H 111 7.68 -32.71 15.73
C ASN H 111 7.83 -31.71 16.89
N VAL H 112 8.69 -30.72 16.76
CA VAL H 112 8.90 -29.67 17.82
C VAL H 112 7.60 -28.89 17.95
N THR H 113 6.82 -29.11 19.00
CA THR H 113 5.49 -28.49 19.18
C THR H 113 5.54 -27.28 20.13
N LEU H 114 4.40 -26.65 20.39
CA LEU H 114 4.30 -25.48 21.29
C LEU H 114 5.27 -24.39 20.84
N VAL H 115 5.26 -24.03 19.57
CA VAL H 115 6.09 -22.92 19.02
C VAL H 115 5.11 -21.76 18.82
N PHE H 116 5.39 -20.58 19.37
CA PHE H 116 4.46 -19.43 19.33
C PHE H 116 5.16 -18.19 18.78
N SER H 117 6.37 -18.33 18.21
CA SER H 117 7.10 -17.20 17.58
C SER H 117 7.94 -17.73 16.42
N PRO H 118 8.31 -16.88 15.44
CA PRO H 118 9.16 -17.32 14.34
C PRO H 118 10.60 -17.54 14.80
N SER H 119 11.01 -17.01 15.95
CA SER H 119 12.37 -17.22 16.50
C SER H 119 12.44 -18.60 17.13
N GLN H 120 11.33 -19.01 17.73
CA GLN H 120 11.18 -20.32 18.40
C GLN H 120 10.79 -21.34 17.32
N ALA H 121 10.86 -21.01 16.04
CA ALA H 121 10.55 -21.92 14.92
C ALA H 121 11.77 -22.10 14.06
N LEU H 122 12.70 -21.17 14.13
CA LEU H 122 13.93 -21.22 13.30
C LEU H 122 14.92 -22.26 13.84
N GLN H 123 15.08 -22.38 15.16
CA GLN H 123 16.03 -23.35 15.78
C GLN H 123 15.59 -24.77 15.43
N PRO H 124 14.31 -25.17 15.61
CA PRO H 124 13.86 -26.49 15.18
C PRO H 124 14.29 -26.75 13.74
N ALA H 125 14.37 -25.79 12.86
CA ALA H 125 14.74 -26.02 11.46
C ALA H 125 16.25 -25.99 11.31
N ARG H 126 16.98 -25.33 12.20
CA ARG H 126 18.44 -25.31 12.16
C ARG H 126 19.00 -26.61 12.73
N ILE H 127 18.16 -27.56 13.17
CA ILE H 127 18.58 -28.87 13.76
C ILE H 127 17.92 -30.01 12.98
N GLY H 128 17.21 -29.72 11.91
CA GLY H 128 16.64 -30.75 11.03
C GLY H 128 15.42 -31.46 11.59
N ALA H 129 14.59 -30.78 12.36
CA ALA H 129 13.34 -31.40 12.81
C ALA H 129 12.57 -31.80 11.56
N LYS H 130 11.69 -32.78 11.65
CA LYS H 130 10.88 -33.27 10.51
C LYS H 130 9.70 -32.34 10.39
N PHE H 131 9.17 -31.91 11.51
CA PHE H 131 8.05 -30.98 11.53
C PHE H 131 8.29 -29.91 12.57
N VAL H 132 7.53 -28.84 12.52
CA VAL H 132 7.50 -27.74 13.52
C VAL H 132 6.03 -27.33 13.60
N SER H 133 5.39 -27.35 14.77
CA SER H 133 3.94 -27.03 14.90
C SER H 133 3.72 -25.64 15.51
N PRO H 134 3.69 -24.55 14.72
CA PRO H 134 3.50 -23.22 15.27
C PRO H 134 2.03 -23.12 15.67
N PHE H 135 1.69 -22.53 16.81
CA PHE H 135 0.29 -22.54 17.32
C PHE H 135 -0.47 -21.27 16.92
N VAL H 136 -1.78 -21.38 16.73
CA VAL H 136 -2.62 -20.24 16.26
C VAL H 136 -3.77 -19.98 17.23
N GLY H 137 -4.65 -20.93 17.49
CA GLY H 137 -5.86 -20.72 18.29
C GLY H 137 -5.63 -20.27 19.73
N TRP H 138 -4.43 -20.35 20.25
CA TRP H 138 -4.12 -20.04 21.66
C TRP H 138 -3.79 -18.57 21.82
N LYS H 139 -2.81 -18.10 21.08
CA LYS H 139 -2.41 -16.68 21.13
C LYS H 139 -3.65 -15.85 20.81
N GLU H 140 -4.56 -16.34 19.99
CA GLU H 140 -5.75 -15.59 19.52
C GLU H 140 -6.84 -15.55 20.56
N ASN H 141 -6.91 -16.52 21.45
CA ASN H 141 -7.92 -16.58 22.53
C ASN H 141 -7.55 -15.51 23.55
N SER H 142 -6.27 -15.19 23.65
CA SER H 142 -5.77 -14.13 24.58
C SER H 142 -5.74 -12.78 23.85
N GLY H 143 -6.29 -12.67 22.65
CA GLY H 143 -6.40 -11.38 21.94
C GLY H 143 -5.18 -11.04 21.12
N ASP H 144 -4.27 -11.96 20.92
CA ASP H 144 -3.08 -11.73 20.05
C ASP H 144 -3.45 -12.13 18.62
N ASP H 145 -2.64 -11.80 17.63
CA ASP H 145 -2.93 -12.08 16.19
C ASP H 145 -1.87 -13.01 15.61
N THR H 146 -2.26 -14.23 15.21
CA THR H 146 -1.36 -15.23 14.62
C THR H 146 -0.56 -14.59 13.48
N TYR H 149 2.97 -14.08 11.48
CA TYR H 149 3.88 -15.03 12.18
C TYR H 149 3.76 -16.41 11.53
N ILE H 150 2.57 -16.89 11.18
CA ILE H 150 2.39 -18.16 10.43
C ILE H 150 2.72 -17.90 8.96
N GLN H 151 3.16 -16.69 8.61
CA GLN H 151 3.55 -16.29 7.24
C GLN H 151 5.03 -15.97 7.27
N ASP H 152 5.56 -15.41 8.35
CA ASP H 152 7.00 -15.11 8.51
C ASP H 152 7.77 -16.41 8.71
N ILE H 153 7.18 -17.45 9.31
CA ILE H 153 7.84 -18.79 9.41
C ILE H 153 7.86 -19.42 8.01
N VAL H 154 6.74 -19.36 7.29
CA VAL H 154 6.67 -19.97 5.94
C VAL H 154 7.73 -19.29 5.06
N ASN H 155 7.78 -17.96 5.10
CA ASN H 155 8.73 -17.20 4.25
C ASN H 155 10.18 -17.51 4.65
N ILE H 156 10.48 -17.53 5.95
CA ILE H 156 11.85 -17.84 6.42
C ILE H 156 12.23 -19.24 5.96
N TYR H 157 11.38 -20.23 6.25
CA TYR H 157 11.63 -21.63 5.87
C TYR H 157 11.97 -21.65 4.38
N LYS H 158 11.21 -20.94 3.57
CA LYS H 158 11.37 -20.98 2.09
C LYS H 158 12.68 -20.27 1.71
N ASN H 159 12.89 -19.06 2.23
CA ASN H 159 14.10 -18.28 1.89
C ASN H 159 15.37 -19.08 2.18
N TYR H 160 15.38 -19.90 3.23
CA TYR H 160 16.62 -20.61 3.61
C TYR H 160 16.53 -22.08 3.21
N ASN H 161 15.59 -22.42 2.33
CA ASN H 161 15.48 -23.82 1.82
C ASN H 161 15.55 -24.81 2.98
N TYR H 162 14.62 -24.72 3.92
CA TYR H 162 14.56 -25.68 5.04
C TYR H 162 13.59 -26.79 4.66
N ASN H 163 13.86 -28.03 5.09
CA ASN H 163 13.00 -29.17 4.70
C ASN H 163 11.92 -29.37 5.76
N THR H 164 12.13 -28.85 6.96
CA THR H 164 11.13 -28.97 8.05
C THR H 164 9.75 -28.56 7.50
N GLU H 165 8.73 -29.38 7.75
CA GLU H 165 7.35 -29.10 7.25
C GLU H 165 6.57 -28.41 8.37
N ILE H 166 5.89 -27.31 8.07
CA ILE H 166 5.17 -26.51 9.09
C ILE H 166 3.77 -27.09 9.29
N ILE H 167 3.40 -27.42 10.52
CA ILE H 167 2.02 -27.92 10.83
C ILE H 167 1.31 -26.86 11.65
N VAL H 168 0.57 -25.96 11.01
CA VAL H 168 -0.23 -24.93 11.73
C VAL H 168 -1.19 -25.68 12.64
N ALA H 169 -1.15 -25.45 13.95
CA ALA H 169 -1.96 -26.22 14.93
C ALA H 169 -2.96 -25.31 15.65
N ALA H 170 -3.78 -25.87 16.54
CA ALA H 170 -4.80 -25.12 17.30
C ALA H 170 -5.76 -24.40 16.36
N LEU H 171 -6.00 -24.94 15.15
CA LEU H 171 -6.96 -24.35 14.17
C LEU H 171 -8.38 -24.64 14.67
N ARG H 172 -9.29 -23.66 14.59
CA ARG H 172 -10.67 -23.80 15.14
C ARG H 172 -11.74 -23.60 14.08
N ASN H 173 -11.41 -23.09 12.89
CA ASN H 173 -12.41 -22.82 11.81
C ASN H 173 -11.75 -22.96 10.44
N GLY H 174 -12.55 -23.07 9.39
CA GLY H 174 -12.06 -23.27 8.01
C GLY H 174 -11.46 -22.00 7.44
N LYS H 175 -11.74 -20.84 8.04
CA LYS H 175 -11.16 -19.57 7.59
C LYS H 175 -9.73 -19.44 8.11
N GLN H 176 -9.34 -20.26 9.08
CA GLN H 176 -7.97 -20.26 9.62
C GLN H 176 -7.22 -21.33 8.86
N ILE H 177 -7.95 -22.27 8.23
CA ILE H 177 -7.36 -23.30 7.35
C ILE H 177 -7.05 -22.57 6.05
N VAL H 178 -7.90 -21.63 5.62
CA VAL H 178 -7.71 -20.85 4.36
C VAL H 178 -6.59 -19.84 4.56
N ASP H 179 -6.36 -19.39 5.80
CA ASP H 179 -5.26 -18.45 6.12
C ASP H 179 -3.94 -19.19 6.03
N ALA H 180 -3.89 -20.43 6.52
CA ALA H 180 -2.66 -21.25 6.52
C ALA H 180 -2.33 -21.61 5.08
N ALA H 181 -3.32 -21.94 4.26
CA ALA H 181 -3.14 -22.30 2.85
C ALA H 181 -2.67 -21.08 2.06
N LYS H 182 -3.22 -19.91 2.36
CA LYS H 182 -2.84 -18.65 1.66
C LYS H 182 -1.40 -18.30 2.03
N ALA H 183 -0.93 -18.67 3.21
CA ALA H 183 0.44 -18.40 3.68
C ALA H 183 1.40 -19.35 2.97
N GLY H 184 1.00 -20.60 2.74
CA GLY H 184 1.87 -21.62 2.12
C GLY H 184 2.29 -22.68 3.11
N ALA H 185 1.63 -22.74 4.26
CA ALA H 185 1.93 -23.79 5.26
C ALA H 185 1.80 -25.17 4.58
N HIS H 186 2.67 -26.10 4.99
CA HIS H 186 2.72 -27.45 4.38
C HIS H 186 1.52 -28.26 4.84
N ILE H 187 1.21 -28.31 6.15
CA ILE H 187 0.11 -29.17 6.69
C ILE H 187 -0.82 -28.34 7.58
N VAL H 188 -2.07 -28.75 7.75
CA VAL H 188 -3.06 -28.10 8.65
C VAL H 188 -3.59 -29.17 9.59
N THR H 189 -3.46 -29.03 10.91
CA THR H 189 -3.91 -30.04 11.90
C THR H 189 -5.16 -29.51 12.56
N CYS H 190 -6.31 -30.16 12.39
CA CYS H 190 -7.60 -29.66 12.88
C CYS H 190 -8.44 -30.81 13.41
N GLY H 191 -9.38 -30.53 14.32
CA GLY H 191 -10.30 -31.57 14.82
C GLY H 191 -11.28 -32.00 13.75
N PHE H 192 -11.92 -33.16 13.91
CA PHE H 192 -12.87 -33.72 12.92
C PHE H 192 -13.95 -32.71 12.56
N ASP H 193 -14.50 -32.00 13.53
CA ASP H 193 -15.65 -31.08 13.30
C ASP H 193 -15.20 -29.83 12.55
N VAL H 194 -13.98 -29.34 12.78
CA VAL H 194 -13.45 -28.16 12.06
C VAL H 194 -13.40 -28.52 10.57
N TYR H 195 -13.03 -29.74 10.22
CA TYR H 195 -12.88 -30.19 8.81
C TYR H 195 -14.26 -30.37 8.17
N LYS H 196 -15.20 -30.96 8.88
CA LYS H 196 -16.57 -31.18 8.34
C LYS H 196 -17.21 -29.83 8.01
N GLU H 197 -17.21 -28.90 8.95
CA GLU H 197 -17.89 -27.60 8.74
C GLU H 197 -17.18 -26.82 7.64
N SER H 198 -15.86 -26.98 7.49
CA SER H 198 -15.06 -26.27 6.46
C SER H 198 -15.52 -26.70 5.07
N PHE H 199 -16.11 -27.89 4.94
CA PHE H 199 -16.55 -28.44 3.63
C PHE H 199 -17.98 -28.00 3.35
N GLN H 200 -18.64 -27.31 4.28
CA GLN H 200 -20.07 -26.95 4.14
C GLN H 200 -20.27 -25.44 4.04
N HIS H 201 -21.33 -24.99 3.38
CA HIS H 201 -21.65 -23.56 3.22
C HIS H 201 -23.18 -23.44 3.10
N ALA H 202 -23.80 -22.38 3.60
CA ALA H 202 -25.27 -22.19 3.60
C ALA H 202 -25.75 -21.91 2.19
N PHE H 203 -24.87 -21.45 1.33
CA PHE H 203 -25.21 -21.10 -0.05
C PHE H 203 -25.20 -22.39 -0.86
N THR H 204 -24.47 -23.43 -0.45
CA THR H 204 -24.53 -24.74 -1.12
C THR H 204 -25.91 -25.33 -0.85
N ASP H 205 -26.54 -25.02 0.29
CA ASP H 205 -27.88 -25.55 0.65
C ASP H 205 -28.93 -24.71 -0.05
N TYR H 206 -28.67 -23.42 -0.24
CA TYR H 206 -29.58 -22.50 -0.95
C TYR H 206 -29.67 -22.94 -2.41
N GLY H 207 -28.53 -23.07 -3.08
CA GLY H 207 -28.48 -23.49 -4.49
C GLY H 207 -29.07 -24.87 -4.67
N LEU H 208 -28.82 -25.76 -3.72
CA LEU H 208 -29.31 -27.16 -3.76
C LEU H 208 -30.84 -27.11 -3.78
N ASN H 209 -31.44 -26.21 -3.03
CA ASN H 209 -32.92 -26.08 -2.96
C ASN H 209 -33.43 -25.51 -4.27
N LYS H 210 -32.70 -24.55 -4.86
CA LYS H 210 -33.09 -23.93 -6.14
C LYS H 210 -32.99 -24.98 -7.24
N PHE H 211 -31.95 -25.82 -7.20
CA PHE H 211 -31.72 -26.88 -8.21
C PHE H 211 -32.69 -28.05 -7.98
N ARG H 212 -33.14 -28.27 -6.75
CA ARG H 212 -34.08 -29.37 -6.45
C ARG H 212 -35.47 -28.94 -6.91
N ASN H 213 -35.76 -27.64 -6.90
CA ASN H 213 -37.09 -27.14 -7.29
C ASN H 213 -37.17 -27.25 -8.81
N ALA H 214 -36.14 -26.82 -9.52
CA ALA H 214 -36.06 -26.95 -10.99
C ALA H 214 -36.20 -28.41 -11.39
N TRP H 215 -35.28 -29.24 -10.96
CA TRP H 215 -35.28 -30.67 -11.33
C TRP H 215 -36.72 -31.22 -11.32
N ASP H 216 -37.57 -30.79 -10.40
CA ASP H 216 -38.93 -31.34 -10.26
C ASP H 216 -39.89 -30.67 -11.23
N ASN H 217 -39.58 -29.45 -11.67
CA ASN H 217 -40.41 -28.72 -12.66
C ASN H 217 -39.80 -28.93 -14.04
N THR H 218 -38.96 -29.95 -14.23
CA THR H 218 -38.35 -30.29 -15.53
C THR H 218 -39.07 -31.52 -16.09
N MET I 1 27.87 -4.24 -9.74
CA MET I 1 27.67 -2.78 -9.56
C MET I 1 28.99 -2.06 -9.88
N LYS I 2 29.01 -1.24 -10.92
CA LYS I 2 30.24 -0.54 -11.35
C LYS I 2 30.27 0.86 -10.76
N TYR I 3 31.44 1.34 -10.32
CA TYR I 3 31.62 2.71 -9.78
C TYR I 3 32.56 3.44 -10.73
N PHE I 4 32.04 4.30 -11.61
CA PHE I 4 32.86 5.10 -12.54
C PHE I 4 33.20 6.44 -11.88
N LEU I 5 34.43 6.91 -11.96
CA LEU I 5 34.85 8.20 -11.39
C LEU I 5 34.51 9.31 -12.38
N ASP I 6 33.62 10.20 -11.99
CA ASP I 6 33.22 11.36 -12.82
C ASP I 6 34.27 12.44 -12.63
N SER I 7 35.45 12.31 -13.22
CA SER I 7 36.57 13.24 -13.03
C SER I 7 37.48 13.25 -14.26
N ALA I 8 38.19 14.36 -14.51
CA ALA I 8 39.15 14.48 -15.62
C ALA I 8 40.54 14.70 -15.00
N ILE I 9 40.69 14.53 -13.69
CA ILE I 9 41.97 14.71 -12.96
C ILE I 9 42.61 13.32 -12.83
N LEU I 10 43.83 13.12 -13.33
CA LEU I 10 44.46 11.78 -13.36
C LEU I 10 45.06 11.42 -12.00
N GLU I 11 45.20 12.35 -11.07
CA GLU I 11 45.69 12.01 -9.71
C GLU I 11 44.55 11.29 -8.99
N GLU I 12 43.30 11.67 -9.26
CA GLU I 12 42.11 11.09 -8.61
C GLU I 12 41.71 9.82 -9.35
N ILE I 13 41.95 9.76 -10.66
CA ILE I 13 41.62 8.55 -11.47
C ILE I 13 42.61 7.46 -11.09
N ARG I 14 43.88 7.79 -10.89
CA ARG I 14 44.94 6.82 -10.53
C ARG I 14 44.69 6.27 -9.14
N TYR I 15 44.38 7.11 -8.17
CA TYR I 15 44.10 6.70 -6.78
C TYR I 15 42.87 5.80 -6.75
N ALA I 16 41.74 6.23 -7.29
CA ALA I 16 40.46 5.47 -7.24
C ALA I 16 40.63 4.10 -7.92
N TYR I 17 41.47 4.00 -8.95
CA TYR I 17 41.69 2.74 -9.70
C TYR I 17 42.51 1.77 -8.85
N GLU I 18 43.45 2.27 -8.08
CA GLU I 18 44.36 1.38 -7.31
C GLU I 18 43.82 1.09 -5.92
N ASN I 19 42.92 1.92 -5.39
CA ASN I 19 42.47 1.73 -3.98
C ASN I 19 40.98 1.42 -3.91
N TRP I 20 40.17 1.96 -4.83
CA TRP I 20 38.70 1.78 -4.73
C TRP I 20 38.23 0.81 -5.81
N ALA I 21 39.12 0.40 -6.70
CA ALA I 21 38.75 -0.51 -7.81
C ALA I 21 37.66 0.12 -8.67
N ILE I 22 37.84 1.36 -9.13
CA ILE I 22 36.84 1.97 -10.05
C ILE I 22 36.80 1.13 -11.33
N ASP I 23 35.64 1.07 -11.99
CA ASP I 23 35.49 0.17 -13.16
C ASP I 23 35.50 0.99 -14.45
N GLY I 24 35.65 2.32 -14.33
CA GLY I 24 35.62 3.18 -15.52
C GLY I 24 35.70 4.65 -15.15
N VAL I 25 35.73 5.54 -16.14
CA VAL I 25 35.85 7.01 -15.89
C VAL I 25 34.96 7.75 -16.88
N THR I 26 34.13 8.67 -16.41
CA THR I 26 33.25 9.50 -17.27
C THR I 26 33.73 10.95 -17.15
N THR I 27 33.73 11.68 -18.25
CA THR I 27 34.16 13.11 -18.27
C THR I 27 33.15 13.91 -19.07
N ASN I 28 33.04 15.22 -18.82
CA ASN I 28 32.16 16.11 -19.59
C ASN I 28 32.94 17.39 -19.87
N PRO I 29 32.54 18.23 -20.83
CA PRO I 29 33.30 19.43 -21.17
C PRO I 29 33.64 20.30 -19.95
N ARG I 30 32.85 20.22 -18.88
CA ARG I 30 33.06 21.04 -17.66
C ARG I 30 34.15 20.41 -16.79
N HIS I 31 34.28 19.09 -16.77
CA HIS I 31 35.32 18.38 -16.00
C HIS I 31 36.68 18.62 -16.67
N ILE I 32 36.71 18.75 -18.00
CA ILE I 32 37.96 18.97 -18.76
C ILE I 32 38.38 20.43 -18.57
N MET I 33 37.41 21.35 -18.54
CA MET I 33 37.68 22.78 -18.27
C MET I 33 38.30 22.89 -16.89
N ASN I 34 37.75 22.18 -15.90
CA ASN I 34 38.24 22.28 -14.50
C ASN I 34 39.59 21.55 -14.38
N SER I 35 39.92 20.69 -15.34
CA SER I 35 41.24 20.02 -15.34
C SER I 35 42.35 21.05 -15.44
N GLY I 36 42.15 22.12 -16.23
CA GLY I 36 43.16 23.16 -16.44
C GLY I 36 44.08 22.80 -17.58
N LYS I 37 43.99 21.58 -18.10
CA LYS I 37 44.83 21.10 -19.24
C LYS I 37 43.99 21.16 -20.51
N PRO I 38 44.59 21.25 -21.71
CA PRO I 38 43.81 21.25 -22.95
C PRO I 38 43.14 19.88 -23.15
N PHE I 39 42.01 19.83 -23.85
CA PHE I 39 41.23 18.58 -24.05
C PHE I 39 42.13 17.48 -24.60
N LEU I 40 42.85 17.74 -25.69
CA LEU I 40 43.68 16.71 -26.36
C LEU I 40 44.76 16.20 -25.39
N THR I 41 45.25 17.07 -24.51
CA THR I 41 46.27 16.66 -23.51
C THR I 41 45.64 15.67 -22.54
N VAL I 42 44.50 16.03 -21.95
CA VAL I 42 43.79 15.11 -21.02
C VAL I 42 43.61 13.76 -21.72
N LEU I 43 43.25 13.77 -22.99
CA LEU I 43 42.98 12.50 -23.73
C LEU I 43 44.27 11.70 -23.86
N ASP I 44 45.37 12.34 -24.27
CA ASP I 44 46.66 11.64 -24.44
C ASP I 44 47.06 10.98 -23.12
N GLU I 45 46.91 11.70 -22.00
CA GLU I 45 47.27 11.15 -20.68
C GLU I 45 46.38 9.95 -20.36
N PHE I 46 45.08 10.07 -20.60
CA PHE I 46 44.13 8.97 -20.29
C PHE I 46 44.44 7.77 -21.19
N ALA I 47 44.85 8.04 -22.42
CA ALA I 47 45.13 6.94 -23.38
C ALA I 47 46.37 6.16 -22.93
N SER I 48 47.38 6.86 -22.42
CA SER I 48 48.64 6.20 -22.00
C SER I 48 48.44 5.52 -20.64
N GLU I 49 47.79 6.21 -19.70
CA GLU I 49 47.56 5.70 -18.33
C GLU I 49 46.91 4.32 -18.42
N PHE I 50 45.95 4.14 -19.34
CA PHE I 50 45.20 2.86 -19.41
C PHE I 50 45.43 2.19 -20.77
N LYS I 51 46.61 2.41 -21.34
CA LYS I 51 46.93 1.83 -22.68
C LYS I 51 46.48 0.36 -22.73
N GLY I 52 47.04 -0.48 -21.86
CA GLY I 52 46.72 -1.92 -21.92
C GLY I 52 45.45 -2.27 -21.17
N VAL I 53 45.15 -1.55 -20.08
CA VAL I 53 43.96 -1.86 -19.24
C VAL I 53 42.78 -2.19 -20.15
N GLU I 54 42.19 -3.37 -19.96
CA GLU I 54 40.98 -3.74 -20.75
C GLU I 54 39.75 -3.59 -19.86
N ASN I 55 38.57 -3.49 -20.47
CA ASN I 55 37.31 -3.34 -19.69
C ASN I 55 37.38 -2.09 -18.80
N PHE I 56 38.08 -1.03 -19.23
CA PHE I 56 38.07 0.23 -18.46
C PHE I 56 37.52 1.33 -19.36
N PRO I 57 36.19 1.48 -19.45
CA PRO I 57 35.59 2.49 -20.32
C PRO I 57 35.94 3.92 -19.92
N ILE I 58 36.31 4.79 -20.86
CA ILE I 58 36.63 6.22 -20.57
C ILE I 58 35.72 7.09 -21.43
N SER I 59 34.53 7.46 -20.93
CA SER I 59 33.54 8.26 -21.69
C SER I 59 34.08 9.67 -21.95
N VAL I 60 34.24 10.05 -23.21
CA VAL I 60 34.79 11.37 -23.64
C VAL I 60 33.77 12.04 -24.56
N GLU I 61 33.08 13.08 -24.12
CA GLU I 61 32.08 13.87 -24.89
C GLU I 61 32.71 14.73 -25.99
N ILE I 62 32.09 14.81 -27.17
CA ILE I 62 32.59 15.57 -28.35
C ILE I 62 32.07 17.01 -28.31
N ASN I 63 32.41 17.86 -29.27
CA ASN I 63 32.00 19.31 -29.31
C ASN I 63 30.53 19.48 -28.99
N PRO I 64 30.17 20.27 -27.96
CA PRO I 64 28.78 20.45 -27.62
C PRO I 64 28.14 21.36 -28.69
N HIS I 65 28.97 22.01 -29.50
CA HIS I 65 28.51 22.97 -30.54
C HIS I 65 28.33 22.27 -31.88
N LEU I 66 27.96 21.00 -31.92
CA LEU I 66 27.76 20.23 -33.18
C LEU I 66 26.28 19.91 -33.28
N ASP I 67 25.67 20.09 -34.44
CA ASP I 67 24.20 19.92 -34.61
C ASP I 67 23.88 19.04 -35.80
N ASN I 68 24.91 18.53 -36.47
CA ASN I 68 24.75 17.67 -37.65
C ASN I 68 25.14 16.27 -37.19
N ALA I 69 24.32 15.27 -37.42
CA ALA I 69 24.71 13.90 -37.09
C ALA I 69 25.97 13.55 -37.89
N LYS I 70 26.36 14.31 -38.89
CA LYS I 70 27.51 13.98 -39.78
C LYS I 70 28.83 14.54 -39.26
N ASP I 71 28.82 15.67 -38.59
CA ASP I 71 30.05 16.32 -38.06
C ASP I 71 30.29 15.73 -36.69
N MET I 72 29.29 15.07 -36.11
CA MET I 72 29.37 14.41 -34.79
C MET I 72 29.88 12.98 -34.98
N VAL I 73 29.58 12.31 -36.09
CA VAL I 73 30.11 10.95 -36.39
C VAL I 73 31.45 11.12 -37.08
N GLU I 74 31.94 12.34 -37.22
CA GLU I 74 33.25 12.63 -37.84
C GLU I 74 34.22 13.13 -36.79
N GLU I 75 33.71 13.73 -35.71
CA GLU I 75 34.53 14.24 -34.59
C GLU I 75 34.71 13.11 -33.59
N GLY I 76 33.72 12.22 -33.46
CA GLY I 76 33.88 11.07 -32.58
C GLY I 76 34.88 10.11 -33.15
N THR I 77 34.67 9.62 -34.36
CA THR I 77 35.57 8.65 -35.04
C THR I 77 37.01 9.02 -34.77
N LYS I 78 37.37 10.29 -34.82
CA LYS I 78 38.77 10.74 -34.62
C LYS I 78 39.18 10.41 -33.19
N ILE I 79 38.42 10.88 -32.20
CA ILE I 79 38.68 10.59 -30.77
C ILE I 79 38.73 9.08 -30.56
N ALA I 80 37.68 8.34 -30.88
CA ALA I 80 37.61 6.88 -30.68
C ALA I 80 38.87 6.24 -31.23
N LYS I 81 39.54 6.83 -32.22
CA LYS I 81 40.74 6.28 -32.86
C LYS I 81 41.97 6.72 -32.10
N LEU I 82 41.84 7.20 -30.86
CA LEU I 82 42.98 7.66 -30.04
C LEU I 82 43.30 6.61 -28.98
N SER I 83 42.29 5.88 -28.50
CA SER I 83 42.41 4.82 -27.47
C SER I 83 41.19 3.93 -27.63
N SER I 84 41.33 2.63 -27.36
CA SER I 84 40.23 1.66 -27.51
C SER I 84 39.38 1.70 -26.26
N ASN I 85 39.87 2.39 -25.23
CA ASN I 85 39.13 2.52 -23.95
C ASN I 85 38.14 3.68 -24.06
N PHE I 86 38.27 4.51 -25.10
CA PHE I 86 37.42 5.73 -25.21
C PHE I 86 36.01 5.39 -25.68
N VAL I 87 34.98 5.91 -25.03
CA VAL I 87 33.54 5.71 -25.42
C VAL I 87 32.96 7.08 -25.76
N ILE I 88 32.61 7.36 -27.01
CA ILE I 88 32.11 8.69 -27.45
C ILE I 88 30.81 9.04 -26.70
N LYS I 89 30.79 10.14 -25.94
CA LYS I 89 29.59 10.61 -25.21
C LYS I 89 28.82 11.59 -26.11
N ILE I 90 27.57 11.29 -26.42
CA ILE I 90 26.74 12.12 -27.35
C ILE I 90 25.48 12.59 -26.61
N PRO I 91 25.04 13.85 -26.75
CA PRO I 91 23.84 14.33 -26.08
C PRO I 91 22.56 13.70 -26.65
N CYS I 92 21.55 13.49 -25.81
CA CYS I 92 20.26 12.90 -26.28
C CYS I 92 19.48 13.95 -27.10
N THR I 93 19.90 14.22 -28.32
CA THR I 93 19.22 15.15 -29.25
C THR I 93 18.83 14.37 -30.49
N GLU I 94 18.00 14.94 -31.35
CA GLU I 94 17.65 14.30 -32.64
C GLU I 94 18.95 13.92 -33.35
N PRO I 95 19.87 14.85 -33.63
CA PRO I 95 21.09 14.53 -34.38
C PRO I 95 22.07 13.70 -33.55
N GLY I 96 21.99 13.73 -32.22
CA GLY I 96 22.82 12.91 -31.33
C GLY I 96 22.38 11.46 -31.37
N LEU I 97 21.07 11.22 -31.40
CA LEU I 97 20.52 9.84 -31.44
C LEU I 97 20.71 9.27 -32.85
N ILE I 98 20.73 10.13 -33.86
CA ILE I 98 20.98 9.69 -35.27
C ILE I 98 22.46 9.38 -35.38
N ALA I 99 23.31 10.17 -34.73
CA ALA I 99 24.78 9.99 -34.76
C ALA I 99 25.18 8.80 -33.91
N ALA I 100 24.42 8.50 -32.85
CA ALA I 100 24.73 7.39 -31.92
C ALA I 100 24.34 6.07 -32.58
N LYS I 101 23.41 6.08 -33.52
CA LYS I 101 22.93 4.90 -34.25
C LYS I 101 23.90 4.56 -35.36
N GLU I 102 24.57 5.57 -35.92
CA GLU I 102 25.57 5.38 -36.98
C GLU I 102 26.84 4.89 -36.33
N PHE I 103 27.22 5.46 -35.20
CA PHE I 103 28.43 5.05 -34.47
C PHE I 103 28.28 3.61 -34.05
N GLU I 104 27.15 3.24 -33.48
CA GLU I 104 26.94 1.87 -32.96
C GLU I 104 26.94 0.88 -34.09
N LYS I 105 26.60 1.29 -35.29
CA LYS I 105 26.55 0.43 -36.51
C LYS I 105 27.98 0.23 -37.01
N GLN I 106 28.88 1.18 -36.75
CA GLN I 106 30.30 1.11 -37.19
C GLN I 106 31.13 0.46 -36.07
N GLY I 107 30.52 0.13 -34.94
CA GLY I 107 31.20 -0.57 -33.83
C GLY I 107 31.88 0.37 -32.86
N ILE I 108 31.58 1.67 -32.91
CA ILE I 108 32.14 2.68 -31.96
C ILE I 108 31.19 2.77 -30.77
N SER I 109 31.63 2.39 -29.57
CA SER I 109 30.80 2.44 -28.33
C SER I 109 30.37 3.89 -28.09
N THR I 110 29.11 4.11 -27.73
CA THR I 110 28.57 5.47 -27.51
C THR I 110 27.89 5.55 -26.15
N ASN I 111 27.96 6.70 -25.48
CA ASN I 111 27.26 6.93 -24.19
C ASN I 111 26.30 8.09 -24.40
N VAL I 112 25.04 7.82 -24.74
CA VAL I 112 24.01 8.88 -24.95
C VAL I 112 23.78 9.58 -23.61
N THR I 113 24.29 10.80 -23.43
CA THR I 113 24.23 11.52 -22.13
C THR I 113 23.10 12.56 -22.12
N LEU I 114 22.95 13.30 -21.02
CA LEU I 114 21.91 14.35 -20.86
C LEU I 114 20.52 13.75 -21.15
N VAL I 115 20.20 12.63 -20.51
CA VAL I 115 18.86 11.99 -20.62
C VAL I 115 18.16 12.33 -19.30
N PHE I 116 16.97 12.91 -19.32
CA PHE I 116 16.26 13.39 -18.11
C PHE I 116 14.84 12.80 -18.06
N SER I 117 14.50 11.84 -18.91
CA SER I 117 13.18 11.16 -18.90
C SER I 117 13.34 9.72 -19.37
N PRO I 118 12.41 8.81 -19.00
CA PRO I 118 12.48 7.43 -19.45
C PRO I 118 12.14 7.30 -20.94
N SER I 119 11.50 8.30 -21.54
CA SER I 119 11.16 8.30 -22.99
C SER I 119 12.42 8.66 -23.78
N GLN I 120 13.20 9.58 -23.25
CA GLN I 120 14.44 10.08 -23.86
C GLN I 120 15.50 9.01 -23.70
N ALA I 121 15.25 7.98 -22.90
CA ALA I 121 16.21 6.90 -22.60
C ALA I 121 15.92 5.63 -23.39
N LEU I 122 14.68 5.40 -23.76
CA LEU I 122 14.25 4.20 -24.51
C LEU I 122 14.83 4.19 -25.93
N GLN I 123 14.87 5.34 -26.62
CA GLN I 123 15.42 5.43 -28.00
C GLN I 123 16.89 5.05 -27.99
N PRO I 124 17.76 5.60 -27.12
CA PRO I 124 19.15 5.17 -27.04
C PRO I 124 19.22 3.65 -26.94
N ALA I 125 18.28 2.98 -26.29
CA ALA I 125 18.26 1.52 -26.10
C ALA I 125 17.86 0.84 -27.39
N ARG I 126 16.92 1.41 -28.11
CA ARG I 126 16.38 0.80 -29.35
C ARG I 126 17.40 0.93 -30.48
N ILE I 127 18.45 1.71 -30.32
CA ILE I 127 19.52 1.88 -31.34
C ILE I 127 20.82 1.26 -30.86
N GLY I 128 20.83 0.48 -29.79
CA GLY I 128 22.01 -0.29 -29.33
C GLY I 128 23.12 0.56 -28.76
N ALA I 129 22.80 1.68 -28.09
CA ALA I 129 23.85 2.45 -27.42
C ALA I 129 24.48 1.58 -26.33
N LYS I 130 25.80 1.64 -26.18
CA LYS I 130 26.50 0.87 -25.15
C LYS I 130 26.01 1.35 -23.79
N PHE I 131 25.90 2.66 -23.60
CA PHE I 131 25.57 3.25 -22.30
C PHE I 131 24.53 4.34 -22.48
N VAL I 132 23.75 4.60 -21.45
CA VAL I 132 22.75 5.70 -21.43
C VAL I 132 22.92 6.35 -20.06
N SER I 133 23.20 7.65 -19.96
CA SER I 133 23.46 8.33 -18.67
C SER I 133 22.27 9.18 -18.22
N PRO I 134 21.31 8.65 -17.43
CA PRO I 134 20.22 9.47 -16.88
C PRO I 134 20.71 10.37 -15.74
N PHE I 135 20.53 11.69 -15.83
CA PHE I 135 21.03 12.64 -14.83
C PHE I 135 20.02 12.76 -13.70
N VAL I 136 20.49 12.97 -12.47
CA VAL I 136 19.63 13.03 -11.26
C VAL I 136 19.85 14.37 -10.54
N GLY I 137 21.08 14.73 -10.24
CA GLY I 137 21.41 15.92 -9.46
C GLY I 137 20.97 17.23 -10.04
N TRP I 138 20.81 17.36 -11.36
CA TRP I 138 20.43 18.62 -12.03
C TRP I 138 18.93 18.85 -11.87
N LYS I 139 18.13 17.80 -11.97
CA LYS I 139 16.66 17.86 -11.83
C LYS I 139 16.32 18.20 -10.39
N GLU I 140 17.04 17.67 -9.42
CA GLU I 140 16.75 17.87 -7.97
C GLU I 140 17.19 19.25 -7.52
N ASN I 141 18.20 19.85 -8.14
CA ASN I 141 18.68 21.21 -7.81
C ASN I 141 17.58 22.23 -8.11
N SER I 142 16.53 21.86 -8.82
CA SER I 142 15.43 22.74 -9.26
C SER I 142 14.13 22.29 -8.61
N GLY I 143 14.17 21.25 -7.81
CA GLY I 143 13.02 20.82 -6.98
C GLY I 143 12.25 19.67 -7.60
N ASP I 144 12.84 18.93 -8.53
CA ASP I 144 12.18 17.79 -9.19
C ASP I 144 12.67 16.47 -8.60
N ASP I 145 11.76 15.54 -8.29
CA ASP I 145 12.13 14.20 -7.74
C ASP I 145 12.60 13.33 -8.90
N THR I 146 13.67 12.55 -8.72
CA THR I 146 14.27 11.74 -9.82
C THR I 146 14.06 10.24 -9.54
N TYR I 149 12.00 8.12 -11.99
CA TYR I 149 12.18 7.85 -13.43
C TYR I 149 13.38 6.94 -13.63
N ILE I 150 14.35 7.03 -12.72
CA ILE I 150 15.59 6.23 -12.78
C ILE I 150 15.20 4.79 -12.46
N GLN I 151 14.04 4.55 -11.90
CA GLN I 151 13.58 3.21 -11.53
C GLN I 151 12.82 2.63 -12.70
N ASP I 152 12.20 3.46 -13.52
CA ASP I 152 11.39 3.01 -14.68
C ASP I 152 12.29 2.89 -15.89
N ILE I 153 13.45 3.54 -15.91
CA ILE I 153 14.44 3.38 -17.00
C ILE I 153 15.03 2.01 -16.77
N VAL I 154 15.34 1.66 -15.53
CA VAL I 154 15.93 0.34 -15.15
C VAL I 154 14.95 -0.77 -15.43
N ASN I 155 13.67 -0.59 -15.11
CA ASN I 155 12.64 -1.64 -15.25
C ASN I 155 12.19 -1.83 -16.69
N ILE I 156 12.23 -0.77 -17.51
CA ILE I 156 11.87 -0.87 -18.96
C ILE I 156 13.06 -1.52 -19.67
N TYR I 157 14.28 -1.15 -19.30
CA TYR I 157 15.52 -1.76 -19.87
C TYR I 157 15.57 -3.25 -19.51
N LYS I 158 14.61 -3.76 -18.73
CA LYS I 158 14.61 -5.15 -18.23
C LYS I 158 13.41 -5.91 -18.74
N ASN I 159 12.29 -5.24 -18.94
CA ASN I 159 11.12 -5.92 -19.52
C ASN I 159 11.43 -6.18 -20.99
N TYR I 160 12.37 -5.45 -21.58
CA TYR I 160 12.64 -5.49 -23.03
C TYR I 160 14.08 -5.90 -23.28
N ASN I 161 14.75 -6.51 -22.32
CA ASN I 161 16.11 -7.06 -22.49
C ASN I 161 16.95 -6.14 -23.33
N TYR I 162 17.49 -5.10 -22.75
CA TYR I 162 18.32 -4.11 -23.47
C TYR I 162 19.71 -4.17 -22.87
N ASN I 163 20.67 -4.44 -23.71
CA ASN I 163 22.06 -4.61 -23.26
C ASN I 163 22.65 -3.25 -22.96
N THR I 164 21.97 -2.15 -23.26
CA THR I 164 22.46 -0.82 -22.85
C THR I 164 22.63 -0.78 -21.33
N GLU I 165 23.71 -0.18 -20.85
CA GLU I 165 24.00 -0.11 -19.40
C GLU I 165 23.74 1.31 -18.85
N ILE I 166 22.94 1.47 -17.79
CA ILE I 166 22.51 2.78 -17.23
C ILE I 166 23.57 3.39 -16.31
N ILE I 167 24.41 4.29 -16.80
CA ILE I 167 25.42 5.00 -15.94
C ILE I 167 24.74 6.25 -15.38
N VAL I 168 23.94 6.08 -14.31
CA VAL I 168 23.22 7.16 -13.57
C VAL I 168 24.22 8.24 -13.17
N ALA I 169 24.02 9.50 -13.56
CA ALA I 169 25.01 10.56 -13.35
C ALA I 169 24.47 11.71 -12.53
N ALA I 170 25.30 12.73 -12.28
CA ALA I 170 24.95 13.88 -11.42
C ALA I 170 24.64 13.42 -9.99
N LEU I 171 25.35 12.42 -9.46
CA LEU I 171 25.14 11.89 -8.10
C LEU I 171 26.03 12.73 -7.18
N ARG I 172 25.50 13.20 -6.05
CA ARG I 172 26.22 14.16 -5.18
C ARG I 172 26.38 13.70 -3.73
N ASN I 173 25.75 12.61 -3.31
CA ASN I 173 25.86 12.05 -1.95
C ASN I 173 25.73 10.54 -2.03
N GLY I 174 26.22 9.81 -1.03
CA GLY I 174 26.19 8.35 -0.98
C GLY I 174 24.78 7.82 -0.93
N LYS I 175 23.81 8.62 -0.57
CA LYS I 175 22.40 8.19 -0.46
C LYS I 175 21.85 7.99 -1.86
N GLN I 176 22.41 8.64 -2.86
CA GLN I 176 21.93 8.53 -4.25
C GLN I 176 22.69 7.36 -4.88
N ILE I 177 23.92 7.07 -4.43
CA ILE I 177 24.73 5.90 -4.88
C ILE I 177 24.02 4.65 -4.37
N VAL I 178 23.09 4.77 -3.43
CA VAL I 178 22.37 3.63 -2.78
C VAL I 178 20.95 3.57 -3.33
N ASP I 179 20.36 4.70 -3.68
CA ASP I 179 19.07 4.76 -4.40
C ASP I 179 19.24 4.09 -5.77
N ALA I 180 20.36 4.35 -6.44
CA ALA I 180 20.66 3.78 -7.77
C ALA I 180 20.85 2.28 -7.63
N ALA I 181 21.53 1.84 -6.58
CA ALA I 181 21.80 0.40 -6.33
C ALA I 181 20.49 -0.31 -5.99
N LYS I 182 19.61 0.33 -5.23
CA LYS I 182 18.31 -0.24 -4.83
C LYS I 182 17.42 -0.37 -6.08
N ALA I 183 17.64 0.43 -7.12
CA ALA I 183 16.86 0.35 -8.37
C ALA I 183 17.36 -0.78 -9.25
N GLY I 184 18.66 -0.87 -9.48
CA GLY I 184 19.23 -1.90 -10.33
C GLY I 184 20.04 -1.31 -11.45
N ALA I 185 20.52 -0.08 -11.27
CA ALA I 185 21.35 0.60 -12.26
C ALA I 185 22.61 -0.20 -12.40
N HIS I 186 23.22 -0.19 -13.57
CA HIS I 186 24.39 -1.02 -13.86
C HIS I 186 25.59 -0.25 -13.36
N ILE I 187 25.64 1.04 -13.55
CA ILE I 187 26.83 1.84 -13.19
C ILE I 187 26.35 3.10 -12.47
N VAL I 188 27.24 3.81 -11.81
CA VAL I 188 26.92 5.10 -11.15
C VAL I 188 28.21 5.88 -11.25
N THR I 189 28.16 7.13 -11.69
CA THR I 189 29.36 7.98 -11.87
C THR I 189 29.30 9.06 -10.80
N CYS I 190 30.37 9.26 -10.03
CA CYS I 190 30.41 10.22 -8.90
C CYS I 190 31.84 10.74 -8.79
N GLY I 191 32.04 11.96 -8.33
CA GLY I 191 33.37 12.54 -8.20
C GLY I 191 34.16 11.86 -7.12
N PHE I 192 35.42 12.16 -6.97
CA PHE I 192 36.28 11.47 -5.99
C PHE I 192 35.67 11.54 -4.60
N ASP I 193 35.15 12.69 -4.21
CA ASP I 193 34.72 12.91 -2.81
C ASP I 193 33.32 12.42 -2.51
N VAL I 194 32.42 12.27 -3.46
CA VAL I 194 31.09 11.70 -3.16
C VAL I 194 31.32 10.23 -2.85
N TYR I 195 32.43 9.65 -3.33
CA TYR I 195 32.77 8.22 -3.10
C TYR I 195 33.48 8.09 -1.75
N LYS I 196 34.45 8.93 -1.43
CA LYS I 196 35.18 8.88 -0.13
C LYS I 196 34.18 9.01 1.02
N GLU I 197 33.33 10.02 0.99
CA GLU I 197 32.38 10.27 2.11
C GLU I 197 31.38 9.10 2.21
N SER I 198 31.02 8.49 1.09
CA SER I 198 30.06 7.35 1.05
C SER I 198 30.63 6.16 1.82
N PHE I 199 31.94 6.07 1.95
CA PHE I 199 32.62 4.95 2.63
C PHE I 199 32.77 5.26 4.12
N GLN I 200 32.40 6.44 4.56
CA GLN I 200 32.61 6.88 5.97
C GLN I 200 31.29 7.08 6.70
N HIS I 201 31.21 6.91 8.02
CA HIS I 201 29.99 7.15 8.85
C HIS I 201 30.50 7.54 10.22
N ALA I 202 29.76 8.32 10.97
CA ALA I 202 30.09 8.82 12.31
C ALA I 202 30.03 7.67 13.30
N PHE I 203 29.16 6.70 13.12
CA PHE I 203 29.00 5.54 14.02
C PHE I 203 30.11 4.53 13.72
N THR I 204 31.08 4.88 12.88
CA THR I 204 32.23 4.01 12.58
C THR I 204 33.36 4.61 13.39
N ASP I 205 33.30 5.89 13.64
CA ASP I 205 34.31 6.62 14.45
C ASP I 205 33.94 6.47 15.92
N TYR I 206 32.64 6.39 16.23
CA TYR I 206 32.15 6.20 17.61
C TYR I 206 32.59 4.82 18.09
N GLY I 207 32.26 3.78 17.32
CA GLY I 207 32.63 2.39 17.67
C GLY I 207 34.13 2.23 17.75
N LEU I 208 34.86 2.88 16.85
CA LEU I 208 36.33 2.81 16.82
C LEU I 208 36.88 3.34 18.13
N ASN I 209 36.25 4.30 18.77
CA ASN I 209 36.71 4.87 20.06
C ASN I 209 36.35 3.91 21.18
N LYS I 210 35.24 3.19 21.09
CA LYS I 210 34.85 2.16 22.07
C LYS I 210 35.84 1.01 21.95
N PHE I 211 36.11 0.49 20.74
CA PHE I 211 37.08 -0.59 20.48
C PHE I 211 38.45 -0.08 20.89
N ARG I 212 38.78 1.15 20.57
CA ARG I 212 40.13 1.68 20.84
C ARG I 212 40.35 1.76 22.34
N ASN I 213 39.33 2.12 23.12
CA ASN I 213 39.42 2.25 24.59
C ASN I 213 39.45 0.86 25.20
N ALA I 214 38.58 -0.05 24.76
CA ALA I 214 38.55 -1.44 25.22
C ALA I 214 39.82 -2.20 24.80
N TRP I 215 40.77 -1.57 24.13
CA TRP I 215 42.02 -2.22 23.67
C TRP I 215 43.15 -1.70 24.52
N ASP I 216 42.89 -0.71 25.35
CA ASP I 216 43.91 -0.25 26.33
C ASP I 216 43.47 -0.81 27.68
N ASN I 217 42.35 -1.54 27.71
CA ASN I 217 41.82 -2.20 28.92
C ASN I 217 41.90 -3.71 28.69
N THR I 218 42.94 -4.18 28.00
CA THR I 218 43.10 -5.60 27.63
C THR I 218 44.54 -5.81 27.18
N MET J 1 20.52 -20.40 7.18
CA MET J 1 20.59 -19.32 8.19
C MET J 1 21.63 -19.69 9.24
N LYS J 2 22.71 -18.94 9.35
CA LYS J 2 23.82 -19.24 10.27
C LYS J 2 23.63 -18.45 11.56
N TYR J 3 23.92 -19.02 12.73
CA TYR J 3 23.84 -18.35 14.04
C TYR J 3 25.26 -18.31 14.62
N PHE J 4 25.93 -17.17 14.52
CA PHE J 4 27.30 -17.02 15.10
C PHE J 4 27.18 -16.49 16.52
N LEU J 5 27.94 -17.03 17.47
CA LEU J 5 27.93 -16.57 18.87
C LEU J 5 28.85 -15.37 19.01
N ASP J 6 28.29 -14.22 19.36
CA ASP J 6 29.07 -12.98 19.56
C ASP J 6 29.63 -13.03 20.98
N SER J 7 30.67 -13.82 21.22
CA SER J 7 31.24 -14.04 22.57
C SER J 7 32.71 -14.39 22.48
N ALA J 8 33.49 -14.09 23.52
CA ALA J 8 34.93 -14.46 23.60
C ALA J 8 35.11 -15.42 24.76
N ILE J 9 34.01 -15.92 25.34
CA ILE J 9 34.03 -16.86 26.50
C ILE J 9 33.93 -18.27 25.92
N LEU J 10 34.88 -19.15 26.19
CA LEU J 10 34.91 -20.50 25.56
C LEU J 10 33.96 -21.47 26.26
N GLU J 11 33.43 -21.14 27.43
CA GLU J 11 32.42 -22.01 28.09
C GLU J 11 31.11 -21.84 27.32
N GLU J 12 30.85 -20.65 26.80
CA GLU J 12 29.60 -20.34 26.07
C GLU J 12 29.76 -20.76 24.61
N ILE J 13 30.98 -20.69 24.08
CA ILE J 13 31.25 -21.08 22.67
C ILE J 13 31.16 -22.61 22.60
N ARG J 14 31.65 -23.31 23.61
CA ARG J 14 31.64 -24.78 23.62
C ARG J 14 30.21 -25.27 23.76
N TYR J 15 29.42 -24.73 24.67
CA TYR J 15 28.02 -25.11 24.89
C TYR J 15 27.22 -24.86 23.61
N ALA J 16 27.18 -23.67 23.05
CA ALA J 16 26.35 -23.40 21.87
C ALA J 16 26.80 -24.26 20.71
N TYR J 17 28.09 -24.58 20.64
CA TYR J 17 28.64 -25.38 19.52
C TYR J 17 28.12 -26.80 19.62
N GLU J 18 27.84 -27.28 20.83
CA GLU J 18 27.45 -28.69 21.04
C GLU J 18 25.95 -28.85 21.17
N ASN J 19 25.23 -27.81 21.54
CA ASN J 19 23.78 -27.92 21.84
C ASN J 19 22.94 -27.09 20.86
N TRP J 20 23.47 -25.96 20.39
CA TRP J 20 22.66 -25.06 19.53
C TRP J 20 23.13 -25.15 18.08
N ALA J 21 24.24 -25.86 17.85
CA ALA J 21 24.81 -25.98 16.49
C ALA J 21 25.17 -24.60 15.94
N ILE J 22 25.91 -23.79 16.71
CA ILE J 22 26.36 -22.47 16.17
C ILE J 22 27.25 -22.73 14.95
N ASP J 23 27.26 -21.82 13.98
CA ASP J 23 28.00 -22.06 12.72
C ASP J 23 29.29 -21.23 12.70
N GLY J 24 29.54 -20.47 13.76
CA GLY J 24 30.73 -19.60 13.79
C GLY J 24 30.77 -18.76 15.05
N VAL J 25 31.82 -17.96 15.23
CA VAL J 25 31.99 -17.11 16.45
C VAL J 25 32.57 -15.76 16.02
N THR J 26 31.98 -14.66 16.46
CA THR J 26 32.48 -13.29 16.17
C THR J 26 32.92 -12.69 17.50
N THR J 27 34.02 -11.94 17.51
CA THR J 27 34.55 -11.27 18.72
C THR J 27 34.94 -9.85 18.38
N ASN J 28 34.95 -8.95 19.36
CA ASN J 28 35.39 -7.55 19.15
C ASN J 28 36.28 -7.19 20.35
N PRO J 29 37.09 -6.12 20.27
CA PRO J 29 38.01 -5.78 21.36
C PRO J 29 37.30 -5.70 22.72
N ARG J 30 36.00 -5.42 22.76
CA ARG J 30 35.23 -5.28 24.02
C ARG J 30 34.87 -6.66 24.57
N HIS J 31 34.64 -7.65 23.71
CA HIS J 31 34.31 -9.04 24.13
C HIS J 31 35.56 -9.69 24.70
N ILE J 32 36.75 -9.34 24.18
CA ILE J 32 38.03 -9.91 24.64
C ILE J 32 38.39 -9.24 25.98
N MET J 33 38.10 -7.95 26.13
CA MET J 33 38.31 -7.24 27.41
C MET J 33 37.44 -7.90 28.47
N ASN J 34 36.19 -8.20 28.15
CA ASN J 34 35.25 -8.78 29.13
C ASN J 34 35.62 -10.25 29.39
N SER J 35 36.41 -10.86 28.51
CA SER J 35 36.88 -12.26 28.73
C SER J 35 37.73 -12.31 30.01
N GLY J 36 38.51 -11.27 30.27
CA GLY J 36 39.41 -11.24 31.44
C GLY J 36 40.74 -11.89 31.14
N LYS J 37 40.88 -12.53 29.98
CA LYS J 37 42.14 -13.20 29.56
C LYS J 37 42.85 -12.29 28.57
N PRO J 38 44.18 -12.40 28.37
CA PRO J 38 44.86 -11.58 27.38
C PRO J 38 44.43 -11.98 25.97
N PHE J 39 44.48 -11.07 25.00
CA PHE J 39 44.01 -11.32 23.61
C PHE J 39 44.66 -12.58 23.05
N LEU J 40 45.99 -12.68 23.10
CA LEU J 40 46.74 -13.82 22.50
C LEU J 40 46.30 -15.12 23.17
N THR J 41 45.97 -15.08 24.46
CA THR J 41 45.50 -16.29 25.18
C THR J 41 44.16 -16.73 24.59
N VAL J 42 43.20 -15.81 24.54
CA VAL J 42 41.88 -16.13 23.95
C VAL J 42 42.08 -16.76 22.57
N LEU J 43 43.02 -16.22 21.79
CA LEU J 43 43.24 -16.73 20.41
C LEU J 43 43.79 -18.15 20.46
N ASP J 44 44.78 -18.40 21.30
CA ASP J 44 45.39 -19.76 21.40
C ASP J 44 44.30 -20.77 21.77
N GLU J 45 43.44 -20.42 22.73
CA GLU J 45 42.36 -21.33 23.16
C GLU J 45 41.41 -21.58 21.99
N PHE J 46 41.02 -20.53 21.27
CA PHE J 46 40.07 -20.67 20.15
C PHE J 46 40.72 -21.50 19.04
N ALA J 47 42.03 -21.34 18.86
CA ALA J 47 42.75 -22.07 17.78
C ALA J 47 42.78 -23.56 18.10
N SER J 48 42.96 -23.92 19.37
CA SER J 48 43.05 -25.35 19.76
C SER J 48 41.65 -25.95 19.83
N GLU J 49 40.68 -25.24 20.37
CA GLU J 49 39.32 -25.79 20.56
C GLU J 49 38.79 -26.16 19.20
N PHE J 50 39.25 -25.50 18.16
CA PHE J 50 38.71 -25.68 16.79
C PHE J 50 39.81 -26.02 15.79
N LYS J 51 41.05 -26.30 16.23
CA LYS J 51 42.18 -26.70 15.32
C LYS J 51 41.67 -27.78 14.38
N GLY J 52 40.81 -28.67 14.87
CA GLY J 52 40.21 -29.70 14.01
C GLY J 52 38.97 -29.17 13.34
N VAL J 53 38.32 -28.16 13.93
CA VAL J 53 37.06 -27.56 13.40
C VAL J 53 37.27 -27.00 12.00
N GLU J 54 36.28 -27.13 11.12
CA GLU J 54 36.32 -26.57 9.75
C GLU J 54 34.94 -26.00 9.43
N ASN J 55 34.86 -24.91 8.65
CA ASN J 55 33.57 -24.24 8.30
C ASN J 55 33.06 -23.49 9.53
N PHE J 56 33.92 -23.25 10.53
CA PHE J 56 33.56 -22.49 11.75
C PHE J 56 34.38 -21.20 11.75
N PRO J 57 33.94 -20.12 11.09
CA PRO J 57 34.74 -18.93 10.98
C PRO J 57 34.81 -18.30 12.36
N ILE J 58 35.97 -17.85 12.78
CA ILE J 58 36.18 -17.18 14.08
C ILE J 58 36.68 -15.76 13.82
N SER J 59 35.77 -14.78 13.69
CA SER J 59 36.12 -13.37 13.38
C SER J 59 36.91 -12.75 14.53
N VAL J 60 38.09 -12.21 14.24
CA VAL J 60 39.00 -11.62 15.26
C VAL J 60 39.42 -10.24 14.78
N GLU J 61 39.07 -9.18 15.51
CA GLU J 61 39.40 -7.79 15.13
C GLU J 61 40.86 -7.47 15.42
N ILE J 62 41.54 -6.79 14.49
CA ILE J 62 42.97 -6.39 14.65
C ILE J 62 43.01 -5.14 15.54
N ASN J 63 44.22 -4.64 15.85
CA ASN J 63 44.41 -3.45 16.71
C ASN J 63 43.52 -2.31 16.21
N PRO J 64 42.62 -1.73 17.04
CA PRO J 64 41.70 -0.71 16.58
C PRO J 64 42.40 0.64 16.41
N HIS J 65 43.67 0.77 16.78
CA HIS J 65 44.41 2.05 16.73
C HIS J 65 45.31 2.13 15.51
N LEU J 66 45.26 1.15 14.62
CA LEU J 66 46.09 1.10 13.39
C LEU J 66 45.49 2.06 12.36
N ASP J 67 46.31 2.96 11.80
CA ASP J 67 45.87 4.02 10.84
C ASP J 67 46.09 3.61 9.39
N ASN J 68 47.25 3.08 9.04
CA ASN J 68 47.62 2.75 7.65
C ASN J 68 47.13 1.35 7.28
N ALA J 69 46.65 1.14 6.08
CA ALA J 69 46.23 -0.13 5.46
C ALA J 69 47.42 -1.10 5.42
N LYS J 70 48.62 -0.51 5.46
CA LYS J 70 49.88 -1.27 5.44
C LYS J 70 50.02 -2.01 6.76
N ASP J 71 49.92 -1.26 7.86
CA ASP J 71 50.10 -1.82 9.22
C ASP J 71 48.88 -2.67 9.56
N MET J 72 47.75 -2.44 8.92
CA MET J 72 46.53 -3.22 9.18
C MET J 72 46.66 -4.58 8.51
N VAL J 73 47.51 -4.73 7.51
CA VAL J 73 47.72 -6.02 6.80
C VAL J 73 48.96 -6.72 7.37
N GLU J 74 49.87 -6.02 8.03
CA GLU J 74 51.03 -6.65 8.70
C GLU J 74 50.56 -7.31 10.00
N GLU J 75 49.51 -6.78 10.63
CA GLU J 75 48.98 -7.28 11.92
C GLU J 75 47.98 -8.41 11.66
N GLY J 76 47.09 -8.24 10.68
CA GLY J 76 46.06 -9.25 10.36
C GLY J 76 46.63 -10.47 9.70
N THR J 77 47.77 -10.37 9.03
CA THR J 77 48.48 -11.52 8.41
C THR J 77 49.02 -12.40 9.54
N LYS J 78 49.58 -11.79 10.58
CA LYS J 78 50.12 -12.53 11.75
C LYS J 78 48.98 -13.26 12.45
N ILE J 79 47.87 -12.59 12.74
CA ILE J 79 46.71 -13.20 13.47
C ILE J 79 46.15 -14.35 12.63
N ALA J 80 46.07 -14.17 11.32
CA ALA J 80 45.49 -15.18 10.39
C ALA J 80 46.38 -16.41 10.33
N LYS J 81 47.68 -16.26 10.61
CA LYS J 81 48.64 -17.40 10.56
C LYS J 81 48.52 -18.24 11.83
N LEU J 82 47.69 -17.79 12.80
CA LEU J 82 47.44 -18.52 14.07
C LEU J 82 46.52 -19.69 13.79
N SER J 83 45.42 -19.47 13.07
CA SER J 83 44.40 -20.52 12.79
C SER J 83 43.82 -20.35 11.38
N SER J 84 43.42 -21.45 10.72
CA SER J 84 42.75 -21.39 9.40
C SER J 84 41.29 -21.03 9.57
N ASN J 85 40.81 -20.83 10.79
CA ASN J 85 39.41 -20.45 11.08
C ASN J 85 39.38 -18.94 11.32
N PHE J 86 40.51 -18.33 11.69
CA PHE J 86 40.59 -16.90 12.03
C PHE J 86 40.23 -16.04 10.82
N VAL J 87 39.14 -15.25 10.89
CA VAL J 87 38.77 -14.29 9.81
C VAL J 87 39.06 -12.88 10.31
N ILE J 88 40.04 -12.18 9.72
CA ILE J 88 40.46 -10.83 10.20
C ILE J 88 39.30 -9.84 10.12
N LYS J 89 38.88 -9.25 11.24
CA LYS J 89 37.78 -8.25 11.27
C LYS J 89 38.38 -6.85 11.15
N ILE J 90 38.02 -6.09 10.11
CA ILE J 90 38.61 -4.75 9.82
C ILE J 90 37.48 -3.70 9.82
N PRO J 91 37.67 -2.51 10.43
CA PRO J 91 36.63 -1.47 10.43
C PRO J 91 36.38 -0.88 9.04
N CYS J 92 35.15 -0.49 8.76
CA CYS J 92 34.81 0.12 7.44
C CYS J 92 35.37 1.55 7.38
N THR J 93 36.67 1.70 7.21
CA THR J 93 37.34 3.01 7.07
C THR J 93 38.05 3.03 5.74
N GLU J 94 38.58 4.20 5.35
CA GLU J 94 39.35 4.36 4.10
C GLU J 94 40.53 3.42 4.15
N PRO J 95 41.41 3.45 5.16
CA PRO J 95 42.51 2.50 5.17
C PRO J 95 42.04 1.06 5.45
N GLY J 96 40.87 0.87 6.04
CA GLY J 96 40.37 -0.46 6.40
C GLY J 96 39.79 -1.18 5.22
N LEU J 97 39.20 -0.48 4.26
CA LEU J 97 38.67 -1.01 2.98
C LEU J 97 39.85 -1.22 2.03
N ILE J 98 40.91 -0.44 2.15
CA ILE J 98 42.13 -0.60 1.32
C ILE J 98 42.86 -1.84 1.84
N ALA J 99 42.87 -2.05 3.15
CA ALA J 99 43.56 -3.19 3.79
C ALA J 99 42.75 -4.46 3.56
N ALA J 100 41.43 -4.37 3.44
CA ALA J 100 40.53 -5.53 3.26
C ALA J 100 40.63 -6.00 1.82
N LYS J 101 40.95 -5.10 0.89
CA LYS J 101 41.09 -5.45 -0.54
C LYS J 101 42.42 -6.17 -0.73
N GLU J 102 43.52 -5.66 -0.17
CA GLU J 102 44.88 -6.26 -0.29
C GLU J 102 44.96 -7.56 0.50
N PHE J 103 44.05 -7.76 1.44
CA PHE J 103 43.96 -8.99 2.24
C PHE J 103 43.18 -10.00 1.42
N GLU J 104 42.10 -9.59 0.80
CA GLU J 104 41.22 -10.50 0.05
C GLU J 104 41.95 -10.95 -1.21
N LYS J 105 42.98 -10.23 -1.64
CA LYS J 105 43.80 -10.53 -2.84
C LYS J 105 44.86 -11.56 -2.46
N GLN J 106 45.27 -11.61 -1.19
CA GLN J 106 46.30 -12.56 -0.69
C GLN J 106 45.60 -13.83 -0.19
N GLY J 107 44.26 -13.86 -0.21
CA GLY J 107 43.49 -15.05 0.18
C GLY J 107 43.18 -15.10 1.66
N ILE J 108 43.37 -14.01 2.39
CA ILE J 108 43.04 -13.93 3.85
C ILE J 108 41.59 -13.45 3.97
N SER J 109 40.68 -14.29 4.51
CA SER J 109 39.26 -13.93 4.69
C SER J 109 39.16 -12.71 5.59
N THR J 110 38.31 -11.75 5.25
CA THR J 110 38.16 -10.49 6.03
C THR J 110 36.69 -10.25 6.36
N ASN J 111 36.39 -9.67 7.52
CA ASN J 111 35.01 -9.30 7.93
C ASN J 111 35.01 -7.79 8.13
N VAL J 112 34.64 -7.01 7.11
CA VAL J 112 34.56 -5.53 7.21
C VAL J 112 33.46 -5.19 8.22
N THR J 113 33.81 -4.76 9.44
CA THR J 113 32.84 -4.51 10.52
C THR J 113 32.51 -3.01 10.66
N LEU J 114 31.66 -2.65 11.62
CA LEU J 114 31.27 -1.24 11.88
C LEU J 114 30.73 -0.61 10.60
N VAL J 115 29.79 -1.28 9.94
CA VAL J 115 29.11 -0.73 8.73
C VAL J 115 27.73 -0.30 9.21
N PHE J 116 27.32 0.94 8.98
CA PHE J 116 26.04 1.49 9.50
C PHE J 116 25.21 2.09 8.37
N SER J 117 25.57 1.87 7.11
CA SER J 117 24.79 2.34 5.94
C SER J 117 24.95 1.34 4.79
N PRO J 118 24.00 1.31 3.84
CA PRO J 118 24.12 0.43 2.67
C PRO J 118 25.21 0.91 1.71
N SER J 119 25.65 2.15 1.82
CA SER J 119 26.68 2.76 0.96
C SER J 119 28.05 2.39 1.48
N GLN J 120 28.16 2.19 2.78
CA GLN J 120 29.40 1.84 3.48
C GLN J 120 29.56 0.32 3.25
N ALA J 121 28.49 -0.38 2.90
CA ALA J 121 28.46 -1.86 2.75
C ALA J 121 28.66 -2.32 1.31
N LEU J 122 28.48 -1.46 0.32
CA LEU J 122 28.61 -1.80 -1.11
C LEU J 122 30.08 -1.98 -1.41
N GLN J 123 30.92 -1.12 -0.91
CA GLN J 123 32.38 -1.14 -1.20
C GLN J 123 32.99 -2.44 -0.69
N PRO J 124 32.76 -2.86 0.57
CA PRO J 124 33.26 -4.15 1.05
C PRO J 124 32.87 -5.25 0.05
N ALA J 125 31.69 -5.19 -0.56
CA ALA J 125 31.19 -6.23 -1.50
C ALA J 125 31.92 -6.15 -2.83
N ARG J 126 32.39 -4.96 -3.19
CA ARG J 126 33.05 -4.68 -4.48
C ARG J 126 34.55 -4.87 -4.35
N ILE J 127 35.02 -5.38 -3.24
CA ILE J 127 36.46 -5.75 -3.12
C ILE J 127 36.50 -7.20 -2.68
N GLY J 128 35.38 -7.90 -2.67
CA GLY J 128 35.37 -9.35 -2.37
C GLY J 128 35.59 -9.69 -0.92
N ALA J 129 35.11 -8.86 0.01
CA ALA J 129 35.20 -9.23 1.44
C ALA J 129 34.38 -10.49 1.67
N LYS J 130 34.87 -11.40 2.51
CA LYS J 130 34.17 -12.67 2.81
C LYS J 130 32.91 -12.35 3.60
N PHE J 131 32.97 -11.40 4.53
CA PHE J 131 31.83 -11.02 5.39
C PHE J 131 31.72 -9.50 5.52
N VAL J 132 30.52 -8.99 5.71
CA VAL J 132 30.26 -7.54 5.96
C VAL J 132 29.32 -7.53 7.17
N SER J 133 29.65 -6.87 8.27
CA SER J 133 28.81 -6.87 9.50
C SER J 133 28.06 -5.55 9.68
N PRO J 134 26.81 -5.40 9.16
CA PRO J 134 26.00 -4.21 9.44
C PRO J 134 25.46 -4.19 10.86
N PHE J 135 25.73 -3.15 11.66
CA PHE J 135 25.34 -3.09 13.09
C PHE J 135 23.92 -2.54 13.23
N VAL J 136 23.10 -3.10 14.14
CA VAL J 136 21.69 -2.68 14.35
C VAL J 136 21.54 -2.02 15.73
N GLY J 137 21.80 -2.75 16.83
CA GLY J 137 21.64 -2.25 18.21
C GLY J 137 22.15 -0.85 18.45
N TRP J 138 23.36 -0.49 18.00
CA TRP J 138 23.98 0.83 18.28
C TRP J 138 23.11 1.95 17.74
N LYS J 139 22.64 1.82 16.51
CA LYS J 139 21.84 2.88 15.83
C LYS J 139 20.51 3.03 16.57
N GLU J 140 19.90 1.93 17.00
CA GLU J 140 18.60 1.91 17.71
C GLU J 140 18.75 2.62 19.06
N ASN J 141 19.87 2.40 19.75
CA ASN J 141 20.05 3.00 21.10
C ASN J 141 19.98 4.53 20.98
N SER J 142 20.29 5.07 19.79
CA SER J 142 20.26 6.53 19.57
C SER J 142 18.94 6.94 18.92
N GLY J 143 17.96 6.05 18.80
CA GLY J 143 16.63 6.38 18.28
C GLY J 143 16.53 6.30 16.77
N ASP J 144 17.45 5.58 16.12
CA ASP J 144 17.46 5.41 14.64
C ASP J 144 16.89 4.05 14.27
N ASP J 145 16.01 4.00 13.27
CA ASP J 145 15.42 2.72 12.78
C ASP J 145 16.44 2.04 11.86
N THR J 146 16.62 0.72 11.97
CA THR J 146 17.66 -0.01 11.20
C THR J 146 16.99 -0.93 10.17
N TYR J 149 17.66 -0.38 6.43
CA TYR J 149 18.92 -0.36 5.65
C TYR J 149 19.47 -1.80 5.55
N ILE J 150 19.05 -2.67 6.46
CA ILE J 150 19.50 -4.09 6.43
C ILE J 150 18.85 -4.77 5.22
N GLN J 151 17.57 -4.51 4.98
CA GLN J 151 16.88 -5.11 3.81
C GLN J 151 17.50 -4.57 2.53
N ASP J 152 17.83 -3.28 2.50
CA ASP J 152 18.49 -2.66 1.33
C ASP J 152 19.79 -3.40 1.02
N ILE J 153 20.62 -3.64 2.03
CA ILE J 153 21.93 -4.34 1.81
C ILE J 153 21.64 -5.74 1.26
N VAL J 154 20.69 -6.44 1.86
CA VAL J 154 20.38 -7.83 1.40
C VAL J 154 19.93 -7.76 -0.05
N ASN J 155 19.04 -6.82 -0.37
CA ASN J 155 18.49 -6.70 -1.75
C ASN J 155 19.60 -6.31 -2.72
N ILE J 156 20.44 -5.34 -2.37
CA ILE J 156 21.56 -4.91 -3.25
C ILE J 156 22.48 -6.11 -3.48
N TYR J 157 22.94 -6.75 -2.42
CA TYR J 157 23.84 -7.91 -2.50
C TYR J 157 23.22 -8.91 -3.48
N LYS J 158 21.96 -9.21 -3.33
CA LYS J 158 21.27 -10.26 -4.10
C LYS J 158 21.06 -9.87 -5.55
N ASN J 159 20.79 -8.60 -5.82
CA ASN J 159 20.59 -8.10 -7.19
C ASN J 159 21.91 -8.18 -7.93
N TYR J 160 23.00 -7.67 -7.37
CA TYR J 160 24.32 -7.67 -8.03
C TYR J 160 25.05 -8.98 -7.75
N ASN J 161 24.40 -10.09 -7.39
CA ASN J 161 25.06 -11.41 -7.23
C ASN J 161 26.41 -11.25 -6.52
N TYR J 162 26.39 -10.72 -5.30
CA TYR J 162 27.64 -10.59 -4.52
C TYR J 162 27.77 -11.82 -3.62
N ASN J 163 28.99 -12.31 -3.39
CA ASN J 163 29.19 -13.54 -2.59
C ASN J 163 29.38 -13.16 -1.12
N THR J 164 29.75 -11.91 -0.85
CA THR J 164 29.94 -11.44 0.55
C THR J 164 28.71 -11.86 1.38
N GLU J 165 28.93 -12.45 2.55
CA GLU J 165 27.83 -12.92 3.43
C GLU J 165 27.56 -11.84 4.47
N ILE J 166 26.32 -11.45 4.67
CA ILE J 166 25.95 -10.35 5.60
C ILE J 166 25.81 -10.91 7.01
N ILE J 167 26.51 -10.35 7.99
CA ILE J 167 26.39 -10.76 9.41
C ILE J 167 25.74 -9.63 10.19
N VAL J 168 24.42 -9.60 10.35
CA VAL J 168 23.78 -8.48 11.05
C VAL J 168 24.30 -8.52 12.49
N ALA J 169 25.12 -7.57 12.89
CA ALA J 169 25.76 -7.52 14.22
C ALA J 169 24.99 -6.67 15.22
N ALA J 170 25.21 -6.85 16.52
CA ALA J 170 24.63 -6.06 17.62
C ALA J 170 23.16 -6.38 17.84
N LEU J 171 22.70 -7.58 17.54
CA LEU J 171 21.30 -7.96 17.84
C LEU J 171 21.19 -8.07 19.36
N ARG J 172 20.03 -7.75 19.95
CA ARG J 172 19.82 -7.76 21.41
C ARG J 172 18.50 -8.45 21.77
N ASN J 173 17.73 -8.99 20.82
CA ASN J 173 16.52 -9.77 21.11
C ASN J 173 16.19 -10.69 19.93
N GLY J 174 15.24 -11.59 20.11
CA GLY J 174 14.86 -12.56 19.09
C GLY J 174 13.95 -11.96 18.06
N LYS J 175 13.36 -10.81 18.34
CA LYS J 175 12.54 -10.09 17.33
C LYS J 175 13.48 -9.50 16.30
N GLN J 176 14.72 -9.21 16.67
CA GLN J 176 15.71 -8.60 15.78
C GLN J 176 16.35 -9.74 15.00
N ILE J 177 16.33 -10.96 15.51
CA ILE J 177 16.85 -12.17 14.80
C ILE J 177 15.79 -12.55 13.76
N VAL J 178 14.51 -12.34 14.07
CA VAL J 178 13.38 -12.68 13.16
C VAL J 178 13.31 -11.60 12.08
N ASP J 179 13.76 -10.39 12.36
CA ASP J 179 13.78 -9.28 11.37
C ASP J 179 14.88 -9.55 10.35
N ALA J 180 16.03 -10.02 10.81
CA ALA J 180 17.19 -10.31 9.94
C ALA J 180 16.83 -11.51 9.06
N ALA J 181 16.16 -12.52 9.59
CA ALA J 181 15.76 -13.72 8.84
C ALA J 181 14.70 -13.35 7.81
N LYS J 182 13.77 -12.46 8.16
CA LYS J 182 12.69 -12.02 7.25
C LYS J 182 13.32 -11.22 6.10
N ALA J 183 14.43 -10.54 6.35
CA ALA J 183 15.14 -9.73 5.33
C ALA J 183 15.87 -10.66 4.38
N GLY J 184 16.45 -11.74 4.89
CA GLY J 184 17.24 -12.68 4.08
C GLY J 184 18.71 -12.61 4.41
N ALA J 185 19.07 -11.98 5.53
CA ALA J 185 20.48 -11.93 5.97
C ALA J 185 21.02 -13.35 6.06
N HIS J 186 22.31 -13.52 5.72
CA HIS J 186 22.96 -14.84 5.68
C HIS J 186 23.21 -15.32 7.09
N ILE J 187 23.86 -14.49 7.92
CA ILE J 187 24.22 -14.87 9.31
C ILE J 187 23.67 -13.84 10.29
N VAL J 188 23.48 -14.18 11.54
CA VAL J 188 23.04 -13.26 12.63
C VAL J 188 24.01 -13.55 13.76
N THR J 189 24.76 -12.59 14.27
CA THR J 189 25.65 -12.78 15.44
C THR J 189 24.96 -12.21 16.68
N CYS J 190 24.87 -12.99 17.75
CA CYS J 190 24.15 -12.59 18.99
C CYS J 190 24.86 -13.18 20.21
N GLY J 191 24.70 -12.56 21.38
CA GLY J 191 25.26 -13.10 22.63
C GLY J 191 24.54 -14.36 23.05
N PHE J 192 25.14 -15.17 23.92
CA PHE J 192 24.57 -16.46 24.37
C PHE J 192 23.15 -16.26 24.93
N ASP J 193 22.90 -15.22 25.71
CA ASP J 193 21.59 -15.00 26.37
C ASP J 193 20.52 -14.59 25.36
N VAL J 194 20.87 -13.84 24.33
CA VAL J 194 19.91 -13.43 23.26
C VAL J 194 19.39 -14.71 22.60
N TYR J 195 20.26 -15.70 22.38
CA TYR J 195 19.89 -16.97 21.69
C TYR J 195 19.03 -17.85 22.60
N LYS J 196 19.38 -17.96 23.88
CA LYS J 196 18.60 -18.78 24.83
C LYS J 196 17.17 -18.24 24.94
N GLU J 197 17.02 -16.94 25.19
CA GLU J 197 15.67 -16.36 25.38
C GLU J 197 14.86 -16.46 24.08
N SER J 198 15.52 -16.38 22.92
CA SER J 198 14.85 -16.46 21.60
C SER J 198 14.20 -17.83 21.43
N PHE J 199 14.69 -18.85 22.13
CA PHE J 199 14.18 -20.23 22.01
C PHE J 199 13.04 -20.45 23.00
N GLN J 200 12.74 -19.48 23.85
CA GLN J 200 11.75 -19.64 24.94
C GLN J 200 10.54 -18.73 24.73
N HIS J 201 9.37 -19.12 25.23
CA HIS J 201 8.12 -18.34 25.11
C HIS J 201 7.26 -18.68 26.33
N ALA J 202 6.51 -17.72 26.81
CA ALA J 202 5.65 -17.89 27.97
C ALA J 202 4.51 -18.82 27.65
N PHE J 203 4.09 -18.94 26.40
CA PHE J 203 2.90 -19.75 26.04
C PHE J 203 3.34 -21.19 25.86
N THR J 204 4.65 -21.43 25.89
CA THR J 204 5.18 -22.82 25.83
C THR J 204 5.06 -23.32 27.25
N ASP J 205 5.29 -22.46 28.23
CA ASP J 205 5.23 -22.86 29.65
C ASP J 205 3.77 -23.02 30.04
N TYR J 206 2.88 -22.23 29.45
CA TYR J 206 1.43 -22.30 29.70
C TYR J 206 0.93 -23.65 29.18
N GLY J 207 1.20 -23.96 27.92
CA GLY J 207 0.77 -25.22 27.29
C GLY J 207 1.37 -26.41 28.01
N LEU J 208 2.62 -26.28 28.43
CA LEU J 208 3.33 -27.37 29.15
C LEU J 208 2.58 -27.68 30.43
N ASN J 209 2.06 -26.67 31.11
CA ASN J 209 1.31 -26.85 32.38
C ASN J 209 -0.03 -27.51 32.06
N LYS J 210 -0.67 -27.12 30.96
CA LYS J 210 -1.98 -27.69 30.55
C LYS J 210 -1.77 -29.15 30.17
N PHE J 211 -0.66 -29.47 29.49
CA PHE J 211 -0.33 -30.84 29.04
C PHE J 211 0.15 -31.68 30.24
N ARG J 212 0.74 -31.05 31.25
CA ARG J 212 1.24 -31.78 32.44
C ARG J 212 0.04 -32.13 33.31
N ASN J 213 -0.99 -31.28 33.33
CA ASN J 213 -2.23 -31.54 34.10
C ASN J 213 -2.98 -32.69 33.44
N ALA J 214 -3.05 -32.71 32.10
CA ALA J 214 -3.76 -33.76 31.33
C ALA J 214 -3.06 -35.10 31.51
N TRP J 215 -1.75 -35.16 31.29
CA TRP J 215 -0.96 -36.40 31.50
C TRP J 215 -1.29 -36.99 32.87
N ASP J 216 -1.37 -36.15 33.89
CA ASP J 216 -1.63 -36.62 35.27
C ASP J 216 -3.05 -37.19 35.38
N ASN J 217 -4.03 -36.55 34.73
CA ASN J 217 -5.43 -37.04 34.78
C ASN J 217 -5.63 -38.09 33.68
N THR J 218 -4.64 -38.93 33.45
CA THR J 218 -4.71 -39.96 32.38
C THR J 218 -3.95 -41.20 32.84
N VAL J 219 -4.43 -42.39 32.48
CA VAL J 219 -3.68 -43.65 32.81
C VAL J 219 -2.78 -44.01 31.61
C1 QC9 K . -32.73 5.84 -15.15
C12 QC9 K . -31.42 1.88 -15.52
C2 QC9 K . -31.47 4.89 -15.61
C3 QC9 K . -30.93 3.42 -15.31
C4 QC9 K . -32.41 7.28 -14.67
C5 QC9 K . -31.14 7.81 -14.03
O1 QC9 K . -33.70 5.34 -14.38
O14 QC9 K . -32.38 1.03 -17.81
O15 QC9 K . -31.74 -0.56 -16.12
O2 QC9 K . -30.25 0.38 -17.45
O6 QC9 K . -31.64 4.77 -16.89
O7 QC9 K . -30.85 3.48 -13.95
O8 QC9 K . -31.30 8.66 -12.93
S13 QC9 K . -31.41 0.57 -16.80
C1 QC9 L . -23.69 -24.24 -13.68
C12 QC9 L . -25.24 -20.35 -13.44
C2 QC9 L . -23.90 -22.95 -12.69
C3 QC9 L . -24.13 -21.37 -12.83
C4 QC9 L . -22.49 -25.20 -13.40
C5 QC9 L . -21.17 -24.87 -12.71
O1 QC9 L . -23.81 -24.10 -15.00
O14 QC9 L . -26.86 -19.01 -11.72
O15 QC9 L . -27.01 -18.59 -13.89
O2 QC9 L . -27.80 -20.66 -12.93
O6 QC9 L . -24.99 -23.25 -12.06
O7 QC9 L . -23.05 -21.06 -13.59
O8 QC9 L . -20.03 -25.40 -13.32
S13 QC9 L . -26.82 -19.56 -12.95
C1 QC9 M . -27.57 -13.85 19.58
C12 QC9 M . -24.35 -16.49 19.15
C2 QC9 M . -26.55 -14.53 18.50
C3 QC9 M . -25.10 -15.21 18.50
C4 QC9 M . -28.18 -12.46 19.23
C5 QC9 M . -27.61 -11.37 18.33
O1 QC9 M . -27.27 -13.85 20.88
O14 QC9 M . -25.42 -18.89 19.06
O15 QC9 M . -23.10 -18.64 19.66
O2 QC9 M . -23.77 -18.61 17.55
O6 QC9 M . -27.22 -15.55 18.07
O7 QC9 M . -24.38 -14.18 19.06
O8 QC9 M . -27.71 -10.06 18.81
S13 QC9 M . -24.11 -18.28 18.81
C1 QC9 N . 7.15 -1.56 35.78
C12 QC9 N . 10.30 -2.95 33.40
C2 QC9 N . 7.54 -2.57 34.55
C3 QC9 N . 8.69 -2.71 33.44
C4 QC9 N . 5.70 -1.00 35.85
C5 QC9 N . 4.72 -0.79 34.70
O1 QC9 N . 7.99 -0.58 36.14
O14 QC9 N . 11.44 -4.85 34.79
O15 QC9 N . 12.67 -3.76 33.03
O2 QC9 N . 11.22 -5.38 32.61
O6 QC9 N . 7.71 -3.70 35.15
O7 QC9 N . 8.60 -1.46 32.88
O8 QC9 N . 4.01 0.42 34.72
S13 QC9 N . 11.50 -4.35 33.41
C1 QC9 O . 23.42 25.74 11.09
C12 QC9 O . 24.62 23.80 7.58
C2 QC9 O . 23.66 24.27 10.39
C3 QC9 O . 23.72 23.65 8.92
C4 QC9 O . 22.37 25.85 12.24
C5 QC9 O . 21.16 24.97 12.48
O1 QC9 O . 23.31 26.83 10.33
O14 QC9 O . 27.24 23.75 7.67
O15 QC9 O . 26.12 23.51 5.56
O2 QC9 O . 26.35 21.81 6.95
O6 QC9 O . 24.86 23.96 10.77
O7 QC9 O . 22.50 24.07 8.46
O8 QC9 O . 19.98 25.64 12.84
S13 QC9 O . 26.18 23.13 6.87
C1 QC9 P . -1.23 30.30 -20.37
C12 QC9 P . -1.17 26.78 -22.64
C2 QC9 P . -0.46 28.87 -20.59
C3 QC9 P . -0.78 27.43 -21.20
C4 QC9 P . -1.19 30.96 -18.96
C5 QC9 P . -1.02 30.27 -17.61
O1 QC9 P . -2.46 30.48 -20.87
O14 QC9 P . 0.15 27.38 -24.82
O15 QC9 P . -1.34 25.49 -24.81
O2 QC9 P . 0.72 25.36 -23.98
O6 QC9 P . 0.52 29.19 -21.36
O7 QC9 P . -1.89 27.12 -20.47
O8 QC9 P . -1.86 30.72 -16.58
S13 QC9 P . -0.35 26.17 -24.16
C1 QC9 Q . -4.80 3.30 -36.08
C12 QC9 Q . -4.88 6.96 -34.06
C2 QC9 Q . -5.46 4.11 -34.81
C3 QC9 Q . -5.11 5.36 -33.89
C4 QC9 Q . -4.68 1.74 -35.99
C5 QC9 Q . -4.57 0.88 -34.74
O1 QC9 Q . -3.69 3.76 -36.67
O14 QC9 Q . -6.82 8.64 -33.15
O15 QC9 Q . -4.94 9.49 -33.96
O2 QC9 Q . -6.58 8.45 -35.39
O6 QC9 Q . -6.59 4.54 -35.30
O7 QC9 Q . -3.88 4.96 -33.46
O8 QC9 Q . -3.64 -0.15 -34.78
S13 QC9 Q . -5.87 8.51 -34.10
C1 QC9 R . -1.32 -31.16 19.04
C12 QC9 R . -4.66 -28.70 19.63
C2 QC9 R . -1.80 -29.65 19.41
C3 QC9 R . -3.09 -28.72 19.19
C4 QC9 R . 0.07 -31.35 18.36
C5 QC9 R . 0.82 -30.37 17.47
O1 QC9 R . -2.18 -32.03 18.48
O14 QC9 R . -5.46 -26.94 21.53
O15 QC9 R . -6.97 -28.23 20.55
O2 QC9 R . -5.39 -29.12 22.12
O6 QC9 R . -1.77 -29.63 20.69
O7 QC9 R . -3.20 -28.81 17.83
O8 QC9 R . 1.42 -30.90 16.32
S13 QC9 R . -5.70 -28.17 21.05
C1 QC9 S . 31.45 -7.90 16.85
C12 QC9 S . 28.45 -6.54 19.45
C2 QC9 S . 30.33 -6.71 17.11
C3 QC9 S . 28.96 -6.53 17.91
C4 QC9 S . 31.86 -8.21 15.38
C5 QC9 S . 31.06 -8.00 14.10
O1 QC9 S . 31.35 -9.06 17.50
O14 QC9 S . 27.82 -4.19 20.65
O15 QC9 S . 27.50 -6.08 21.75
O2 QC9 S . 29.71 -5.23 21.34
O6 QC9 S . 31.02 -5.79 17.69
O7 QC9 S . 28.26 -7.57 17.38
O8 QC9 S . 31.11 -9.03 13.17
S13 QC9 S . 28.32 -5.41 20.89
#